data_2WYO
#
_entry.id   2WYO
#
_cell.length_a   92.590
_cell.length_b   125.150
_cell.length_c   243.170
_cell.angle_alpha   90.00
_cell.angle_beta   90.00
_cell.angle_gamma   90.00
#
_symmetry.space_group_name_H-M   'P 21 21 21'
#
loop_
_entity.id
_entity.type
_entity.pdbx_description
1 polymer 'GLUTATHIONE SYNTHETASE'
2 non-polymer GLUTATHIONE
3 non-polymer 'SULFATE ION'
4 water water
#
_entity_poly.entity_id   1
_entity_poly.type   'polypeptide(L)'
_entity_poly.pdbx_seq_one_letter_code
;NLYFQGHMVLKLLLELGAERYAEQFAAKCHELGMVMKESAGPGRVPVPVTLQPSMISRGEFGTLCCMQPLWNEAVDNTAR
NFTFLRDALQETAASDVNFTGKLLNMLQEVYLSGGPFQQLMLGIFRTDYMREGVYDKMLSTTASRWKNVEINTISCSFAG
LSPLITEFHQHIAAYLQVLQKARGKEDDDGVENMSWIWGKGNCRLERSVSGDVVPKAIADAVRAWVEQQKFASLRASWEQ
FQQNEVGSGEIHQLGVLDTAPVVLVVVQENERNTADQYALLMRVLEEHRIRFIFRTLQELHLSLKLHSISPEQPPLAVVD
GHYPIAVAYFRSTYVPEDFPTDATWAARLSLERSSAIKCPSIPYHLLTFKKLQQLLCDVDRVLVPVAFCGDSDKAGLLQR
HFVPQYSLNPKEVGEEAVEKVIHDVLQRPDQFVLKPQLEGGGNLLSGETMVKALKATKEGDPVTYSKVRCEYVVMSRIQF
HVSTGSLLARGDVVQLERNMCSEVGIFGVILSAAKGSSVGTNGSSVLFNTFAGYTVRSKPADADDGGVMAGVAALDSLAV
VP
;
_entity_poly.pdbx_strand_id   A,B,C,D
#
loop_
_chem_comp.id
_chem_comp.type
_chem_comp.name
_chem_comp.formula
GSH non-polymer GLUTATHIONE 'C10 H17 N3 O6 S'
SO4 non-polymer 'SULFATE ION' 'O4 S -2'
#
# COMPACT_ATOMS: atom_id res chain seq x y z
N ASN A 1 -0.17 -20.97 19.01
CA ASN A 1 -1.43 -20.24 18.67
C ASN A 1 -1.13 -18.90 17.97
N LEU A 2 0.01 -18.84 17.28
CA LEU A 2 0.51 -17.62 16.63
C LEU A 2 0.09 -17.53 15.14
N TYR A 3 -1.16 -17.10 14.99
CA TYR A 3 -1.78 -16.62 13.75
C TYR A 3 -1.70 -15.09 13.78
N PHE A 4 -0.85 -14.58 14.68
CA PHE A 4 -0.65 -13.18 14.93
C PHE A 4 0.85 -12.84 14.83
N GLN A 5 1.41 -13.10 13.65
CA GLN A 5 2.77 -12.64 13.32
C GLN A 5 2.96 -12.39 11.81
N GLY A 6 2.23 -11.39 11.31
CA GLY A 6 2.29 -10.95 9.92
C GLY A 6 3.37 -9.93 9.62
N HIS A 7 3.87 -9.22 10.63
CA HIS A 7 5.02 -8.32 10.46
C HIS A 7 6.29 -9.11 10.14
N MET A 8 6.23 -10.41 10.41
CA MET A 8 7.30 -11.38 10.18
C MET A 8 8.15 -11.21 8.93
N VAL A 9 7.56 -11.26 7.74
CA VAL A 9 8.39 -11.22 6.54
C VAL A 9 9.11 -9.90 6.38
N LEU A 10 8.43 -8.78 6.58
CA LEU A 10 9.14 -7.50 6.49
C LEU A 10 10.23 -7.43 7.57
N LYS A 11 9.83 -7.47 8.83
CA LYS A 11 10.78 -7.58 9.94
C LYS A 11 12.05 -8.27 9.49
N LEU A 12 11.94 -9.51 8.99
CA LEU A 12 13.13 -10.28 8.66
C LEU A 12 13.86 -9.73 7.46
N LEU A 13 13.15 -9.28 6.44
CA LEU A 13 13.81 -8.68 5.29
C LEU A 13 14.68 -7.51 5.71
N LEU A 14 14.11 -6.61 6.50
CA LEU A 14 14.87 -5.47 6.96
C LEU A 14 15.96 -5.92 7.94
N GLU A 15 15.57 -6.71 8.94
CA GLU A 15 16.50 -7.19 9.97
C GLU A 15 17.73 -7.82 9.35
N LEU A 16 17.49 -8.76 8.44
CA LEU A 16 18.55 -9.54 7.85
C LEU A 16 19.13 -8.85 6.63
N GLY A 17 18.74 -7.60 6.40
CA GLY A 17 19.36 -6.75 5.39
C GLY A 17 19.15 -7.21 3.95
N ALA A 18 18.02 -7.85 3.68
CA ALA A 18 17.70 -8.20 2.33
C ALA A 18 17.94 -6.97 1.50
N GLU A 19 18.32 -7.18 0.26
CA GLU A 19 18.52 -6.11 -0.68
C GLU A 19 17.94 -6.48 -2.05
N ARG A 20 17.45 -5.47 -2.75
CA ARG A 20 16.88 -5.62 -4.07
C ARG A 20 15.90 -6.77 -4.20
N TYR A 21 14.93 -6.80 -3.29
CA TYR A 21 13.92 -7.89 -3.22
C TYR A 21 12.62 -7.58 -3.96
N ALA A 22 12.17 -6.33 -3.96
CA ALA A 22 11.07 -5.92 -4.84
C ALA A 22 11.33 -6.49 -6.25
N GLU A 23 12.53 -6.26 -6.77
N GLU A 23 12.50 -6.29 -6.84
CA GLU A 23 12.94 -6.78 -8.06
CA GLU A 23 12.70 -6.85 -8.18
C GLU A 23 12.89 -8.31 -8.06
C GLU A 23 13.03 -8.36 -8.20
N GLN A 24 13.59 -8.90 -7.11
CA GLN A 24 13.77 -10.36 -7.02
C GLN A 24 12.41 -11.06 -7.03
N PHE A 25 11.50 -10.58 -6.20
CA PHE A 25 10.16 -11.13 -6.15
C PHE A 25 9.44 -10.89 -7.46
N ALA A 26 9.63 -9.69 -8.02
CA ALA A 26 9.10 -9.40 -9.34
C ALA A 26 9.64 -10.46 -10.31
N ALA A 27 10.94 -10.75 -10.21
CA ALA A 27 11.59 -11.70 -11.11
C ALA A 27 10.97 -13.07 -10.95
N LYS A 28 10.64 -13.43 -9.73
CA LYS A 28 10.10 -14.75 -9.47
C LYS A 28 8.75 -14.90 -10.12
N CYS A 29 7.94 -13.84 -10.07
CA CYS A 29 6.59 -13.83 -10.69
C CYS A 29 6.69 -14.08 -12.16
N HIS A 30 7.44 -13.25 -12.85
CA HIS A 30 7.61 -13.43 -14.29
C HIS A 30 8.03 -14.84 -14.62
N GLU A 31 8.96 -15.36 -13.83
CA GLU A 31 9.43 -16.74 -13.94
C GLU A 31 8.29 -17.73 -13.81
N LEU A 32 7.46 -17.55 -12.81
CA LEU A 32 6.33 -18.44 -12.59
C LEU A 32 5.10 -18.09 -13.42
N GLY A 33 5.18 -17.05 -14.23
CA GLY A 33 4.01 -16.65 -15.04
C GLY A 33 2.92 -15.88 -14.30
N MET A 34 3.14 -15.57 -13.03
CA MET A 34 2.19 -14.77 -12.25
C MET A 34 2.16 -13.31 -12.71
N VAL A 35 1.49 -13.04 -13.82
CA VAL A 35 1.53 -11.72 -14.41
C VAL A 35 0.17 -11.25 -14.96
N MET A 36 0.07 -9.97 -15.29
CA MET A 36 -1.14 -9.42 -15.88
C MET A 36 -0.74 -8.34 -16.87
N LYS A 37 -1.68 -7.96 -17.73
CA LYS A 37 -1.40 -7.00 -18.81
C LYS A 37 -1.25 -5.58 -18.28
N GLU A 38 -0.12 -4.95 -18.62
CA GLU A 38 0.07 -3.48 -18.48
C GLU A 38 -1.17 -2.71 -18.97
N SER A 39 -1.13 -1.37 -18.84
CA SER A 39 -2.16 -0.53 -19.47
C SER A 39 -1.61 0.07 -20.77
N ALA A 40 -0.44 0.72 -20.69
CA ALA A 40 0.16 1.47 -21.82
C ALA A 40 0.53 0.61 -23.05
N GLY A 41 -0.09 -0.55 -23.19
CA GLY A 41 0.04 -1.39 -24.38
C GLY A 41 0.22 -2.85 -24.04
N PRO A 42 1.14 -3.53 -24.76
CA PRO A 42 1.39 -4.95 -24.51
C PRO A 42 2.44 -5.04 -23.42
N GLY A 43 2.79 -6.26 -23.05
CA GLY A 43 3.84 -6.45 -22.08
C GLY A 43 3.17 -6.64 -20.75
N ARG A 44 3.86 -7.32 -19.84
CA ARG A 44 3.24 -7.84 -18.64
C ARG A 44 4.01 -7.39 -17.46
N VAL A 45 3.30 -7.26 -16.35
CA VAL A 45 3.88 -6.95 -15.05
C VAL A 45 3.34 -7.99 -14.07
N PRO A 46 3.99 -8.13 -12.92
CA PRO A 46 3.48 -9.09 -11.92
C PRO A 46 2.11 -8.76 -11.35
N VAL A 47 1.34 -9.80 -11.04
CA VAL A 47 0.03 -9.64 -10.39
C VAL A 47 0.33 -9.19 -8.97
N PRO A 48 -0.56 -8.38 -8.37
CA PRO A 48 -0.50 -8.16 -6.93
C PRO A 48 -0.46 -9.50 -6.21
N VAL A 49 0.56 -9.73 -5.36
CA VAL A 49 0.64 -10.96 -4.58
C VAL A 49 1.07 -10.64 -3.16
N THR A 50 0.80 -11.55 -2.22
CA THR A 50 1.21 -11.40 -0.83
C THR A 50 2.55 -12.09 -0.63
N LEU A 51 3.32 -11.61 0.34
CA LEU A 51 4.67 -12.15 0.62
C LEU A 51 4.66 -13.13 1.80
N GLN A 52 3.47 -13.43 2.33
CA GLN A 52 3.27 -14.60 3.18
C GLN A 52 1.95 -15.26 2.88
N PRO A 53 1.89 -16.57 3.14
CA PRO A 53 0.61 -17.23 3.04
C PRO A 53 -0.30 -16.80 4.17
N SER A 54 -1.55 -17.24 4.11
CA SER A 54 -2.51 -17.07 5.17
C SER A 54 -2.49 -18.36 5.99
N MET A 55 -2.87 -18.30 7.26
CA MET A 55 -2.85 -19.50 8.09
C MET A 55 -4.23 -20.14 8.21
N ILE A 56 -4.25 -21.46 8.30
CA ILE A 56 -5.48 -22.21 8.55
C ILE A 56 -5.17 -23.56 9.21
N SER A 57 -6.06 -23.98 10.10
CA SER A 57 -5.90 -25.26 10.77
C SER A 57 -6.27 -26.36 9.80
N ARG A 58 -5.53 -27.47 9.87
CA ARG A 58 -5.87 -28.65 9.11
C ARG A 58 -7.39 -28.84 9.21
N GLY A 59 -7.90 -28.87 10.45
CA GLY A 59 -9.32 -29.05 10.71
C GLY A 59 -10.25 -28.16 9.92
N GLU A 60 -10.00 -26.85 9.95
CA GLU A 60 -10.89 -25.88 9.30
C GLU A 60 -10.82 -25.98 7.79
N PHE A 61 -9.60 -26.09 7.27
CA PHE A 61 -9.40 -26.26 5.84
C PHE A 61 -10.14 -27.48 5.37
N GLY A 62 -9.90 -28.58 6.09
CA GLY A 62 -10.51 -29.86 5.81
C GLY A 62 -11.99 -29.76 5.54
N THR A 63 -12.71 -29.10 6.46
CA THR A 63 -14.16 -28.96 6.32
C THR A 63 -14.52 -28.02 5.17
N LEU A 64 -13.73 -26.98 4.94
CA LEU A 64 -14.05 -26.05 3.83
C LEU A 64 -14.01 -26.77 2.48
N CYS A 65 -13.08 -27.71 2.36
CA CYS A 65 -12.99 -28.53 1.16
C CYS A 65 -14.19 -29.44 1.09
N CYS A 66 -14.41 -30.17 2.18
CA CYS A 66 -15.49 -31.16 2.26
C CYS A 66 -16.83 -30.51 2.02
N MET A 67 -16.95 -29.21 2.29
CA MET A 67 -18.20 -28.54 2.09
C MET A 67 -18.48 -28.33 0.60
N GLN A 68 -17.45 -28.36 -0.23
CA GLN A 68 -17.61 -27.90 -1.58
C GLN A 68 -18.59 -28.68 -2.43
N PRO A 69 -18.57 -30.03 -2.33
CA PRO A 69 -19.52 -30.76 -3.14
C PRO A 69 -20.95 -30.41 -2.74
N LEU A 70 -21.15 -30.14 -1.45
CA LEU A 70 -22.49 -29.84 -0.95
C LEU A 70 -22.95 -28.51 -1.51
N TRP A 71 -22.02 -27.58 -1.66
CA TRP A 71 -22.33 -26.31 -2.29
C TRP A 71 -22.75 -26.59 -3.72
N ASN A 72 -21.87 -27.26 -4.46
CA ASN A 72 -22.16 -27.61 -5.84
C ASN A 72 -23.52 -28.30 -5.95
N GLU A 73 -23.80 -29.19 -5.01
CA GLU A 73 -25.08 -29.86 -4.98
C GLU A 73 -26.22 -28.89 -4.71
N ALA A 74 -26.02 -27.96 -3.78
CA ALA A 74 -27.03 -26.96 -3.48
C ALA A 74 -27.26 -26.10 -4.71
N VAL A 75 -26.18 -25.68 -5.35
CA VAL A 75 -26.27 -24.89 -6.58
C VAL A 75 -26.93 -25.68 -7.72
N ASP A 76 -26.73 -27.00 -7.73
CA ASP A 76 -27.26 -27.85 -8.79
C ASP A 76 -28.75 -27.98 -8.67
N ASN A 77 -29.18 -28.41 -7.49
CA ASN A 77 -30.59 -28.67 -7.24
C ASN A 77 -31.43 -27.42 -7.44
N THR A 78 -30.99 -26.33 -6.81
CA THR A 78 -31.70 -25.06 -6.88
C THR A 78 -31.75 -24.48 -8.29
N ALA A 79 -30.58 -24.41 -8.94
CA ALA A 79 -30.50 -23.87 -10.30
C ALA A 79 -31.52 -24.56 -11.18
N ARG A 80 -31.52 -25.90 -11.09
CA ARG A 80 -32.38 -26.75 -11.90
C ARG A 80 -33.82 -26.76 -11.48
N ASN A 81 -34.18 -25.98 -10.46
CA ASN A 81 -35.58 -25.83 -10.03
C ASN A 81 -36.16 -24.57 -10.69
N PHE A 82 -36.14 -24.54 -12.02
CA PHE A 82 -36.42 -23.32 -12.80
C PHE A 82 -37.64 -22.52 -12.35
N THR A 83 -38.63 -23.23 -11.86
CA THR A 83 -39.84 -22.56 -11.42
C THR A 83 -39.56 -21.78 -10.11
N PHE A 84 -38.74 -22.34 -9.22
CA PHE A 84 -38.34 -21.65 -7.99
C PHE A 84 -37.56 -20.40 -8.31
N LEU A 85 -36.67 -20.50 -9.30
CA LEU A 85 -35.86 -19.37 -9.74
C LEU A 85 -36.74 -18.25 -10.27
N ARG A 86 -37.50 -18.53 -11.32
CA ARG A 86 -38.32 -17.52 -11.97
C ARG A 86 -39.12 -16.69 -10.94
N ASP A 87 -39.61 -17.33 -9.88
CA ASP A 87 -40.35 -16.65 -8.80
C ASP A 87 -39.48 -15.87 -7.82
N ALA A 88 -38.31 -16.41 -7.48
CA ALA A 88 -37.41 -15.76 -6.52
C ALA A 88 -36.99 -14.39 -7.02
N LEU A 89 -36.50 -14.37 -8.26
CA LEU A 89 -35.91 -13.17 -8.82
C LEU A 89 -36.90 -12.37 -9.65
N GLN A 90 -38.21 -12.53 -9.36
CA GLN A 90 -39.26 -11.82 -10.10
C GLN A 90 -39.26 -10.31 -9.79
N GLU A 91 -39.14 -10.00 -8.51
CA GLU A 91 -39.12 -8.62 -8.04
C GLU A 91 -37.74 -7.96 -8.10
N THR A 92 -36.66 -8.75 -8.16
CA THR A 92 -35.36 -8.16 -8.43
C THR A 92 -35.29 -7.78 -9.91
N ALA A 93 -36.08 -8.48 -10.73
CA ALA A 93 -36.13 -8.20 -12.17
C ALA A 93 -36.81 -6.87 -12.41
N ALA A 94 -38.04 -6.73 -11.90
CA ALA A 94 -38.80 -5.49 -12.03
C ALA A 94 -37.88 -4.29 -11.80
N SER A 95 -37.12 -4.33 -10.72
CA SER A 95 -36.06 -3.35 -10.46
C SER A 95 -35.11 -3.19 -11.66
N ASP A 96 -34.32 -4.22 -11.92
CA ASP A 96 -33.30 -4.20 -12.97
C ASP A 96 -33.80 -4.93 -14.22
N VAL A 97 -34.53 -4.23 -15.07
CA VAL A 97 -35.08 -4.83 -16.30
C VAL A 97 -34.00 -5.20 -17.32
N ASN A 98 -32.95 -4.39 -17.39
CA ASN A 98 -31.99 -4.49 -18.50
C ASN A 98 -30.90 -5.54 -18.30
N PHE A 99 -30.84 -6.15 -17.12
CA PHE A 99 -29.84 -7.17 -16.88
C PHE A 99 -30.47 -8.35 -16.16
N THR A 100 -30.77 -8.18 -14.88
CA THR A 100 -31.49 -9.21 -14.12
C THR A 100 -32.82 -9.61 -14.81
N GLY A 101 -33.38 -8.72 -15.61
CA GLY A 101 -34.60 -9.05 -16.34
C GLY A 101 -34.26 -9.90 -17.54
N LYS A 102 -33.47 -9.33 -18.45
CA LYS A 102 -33.06 -10.02 -19.65
C LYS A 102 -32.59 -11.44 -19.30
N LEU A 103 -31.75 -11.53 -18.25
CA LEU A 103 -31.24 -12.80 -17.73
C LEU A 103 -32.34 -13.80 -17.34
N LEU A 104 -33.44 -13.31 -16.79
CA LEU A 104 -34.50 -14.18 -16.27
C LEU A 104 -35.57 -14.47 -17.34
N ASN A 105 -35.70 -13.62 -18.36
CA ASN A 105 -36.57 -13.94 -19.52
C ASN A 105 -35.98 -15.15 -20.24
N MET A 106 -34.64 -15.18 -20.33
CA MET A 106 -33.91 -16.29 -20.96
C MET A 106 -34.17 -17.63 -20.30
N LEU A 107 -34.17 -17.65 -18.97
CA LEU A 107 -34.53 -18.84 -18.21
C LEU A 107 -35.91 -19.30 -18.60
N GLN A 108 -36.82 -18.35 -18.85
CA GLN A 108 -38.15 -18.67 -19.42
C GLN A 108 -38.08 -19.26 -20.86
N GLU A 109 -37.56 -18.51 -21.83
CA GLU A 109 -37.49 -18.94 -23.25
C GLU A 109 -36.80 -20.26 -23.57
N VAL A 110 -36.01 -20.78 -22.63
CA VAL A 110 -35.28 -22.03 -22.82
C VAL A 110 -35.84 -23.15 -21.94
N TYR A 111 -35.95 -22.92 -20.63
CA TYR A 111 -36.27 -23.98 -19.65
C TYR A 111 -37.74 -24.16 -19.29
N LEU A 112 -38.47 -23.06 -19.12
CA LEU A 112 -39.91 -23.11 -18.83
C LEU A 112 -40.72 -22.74 -20.08
N SER A 113 -40.06 -22.76 -21.23
CA SER A 113 -40.63 -22.23 -22.48
C SER A 113 -41.56 -23.21 -23.16
N GLY A 114 -41.64 -24.42 -22.62
CA GLY A 114 -41.91 -25.60 -23.43
C GLY A 114 -40.59 -25.84 -24.13
N GLY A 115 -40.55 -26.79 -25.06
CA GLY A 115 -39.35 -26.96 -25.93
C GLY A 115 -38.02 -27.44 -25.35
N PRO A 116 -37.01 -27.59 -26.22
CA PRO A 116 -35.81 -28.41 -26.01
C PRO A 116 -34.56 -27.67 -25.54
N PHE A 117 -33.92 -28.18 -24.50
CA PHE A 117 -32.68 -27.59 -24.02
C PHE A 117 -31.64 -28.66 -23.66
N GLN A 118 -30.38 -28.25 -23.61
CA GLN A 118 -29.30 -29.15 -23.16
C GLN A 118 -29.45 -29.37 -21.66
N GLN A 119 -29.48 -30.64 -21.26
CA GLN A 119 -29.83 -30.99 -19.88
C GLN A 119 -28.54 -31.14 -19.04
N LEU A 120 -27.40 -31.26 -19.71
CA LEU A 120 -26.12 -31.33 -19.05
C LEU A 120 -25.58 -29.96 -18.71
N MET A 121 -24.87 -29.86 -17.60
CA MET A 121 -24.40 -28.56 -17.11
C MET A 121 -23.06 -28.64 -16.40
N LEU A 122 -22.03 -28.03 -16.99
CA LEU A 122 -20.74 -27.86 -16.32
C LEU A 122 -20.81 -26.62 -15.47
N GLY A 123 -20.37 -26.75 -14.23
CA GLY A 123 -20.29 -25.63 -13.30
C GLY A 123 -18.87 -25.58 -12.73
N ILE A 124 -18.25 -24.41 -12.81
CA ILE A 124 -16.95 -24.17 -12.18
C ILE A 124 -17.19 -23.07 -11.17
N PHE A 125 -17.46 -23.49 -9.95
CA PHE A 125 -17.97 -22.62 -8.93
C PHE A 125 -16.88 -22.26 -7.93
N ARG A 126 -17.02 -21.13 -7.26
CA ARG A 126 -16.12 -20.79 -6.16
C ARG A 126 -16.91 -20.23 -4.99
N THR A 127 -16.86 -20.92 -3.85
CA THR A 127 -17.48 -20.47 -2.59
C THR A 127 -16.45 -19.79 -1.67
N ASP A 128 -16.72 -18.53 -1.31
CA ASP A 128 -15.76 -17.68 -0.62
C ASP A 128 -16.07 -17.52 0.85
N TYR A 129 -15.04 -17.65 1.68
CA TYR A 129 -15.25 -17.57 3.11
C TYR A 129 -14.33 -16.54 3.72
N MET A 130 -14.73 -16.01 4.87
CA MET A 130 -13.89 -15.16 5.69
C MET A 130 -14.00 -15.64 7.12
N ARG A 131 -12.96 -15.42 7.92
CA ARG A 131 -12.94 -15.93 9.28
C ARG A 131 -13.34 -14.89 10.30
N GLU A 132 -14.05 -15.34 11.34
CA GLU A 132 -14.28 -14.55 12.54
C GLU A 132 -12.96 -14.15 13.18
N GLY A 133 -13.00 -13.19 14.11
CA GLY A 133 -11.78 -12.65 14.74
C GLY A 133 -11.47 -13.26 16.09
N VAL A 134 -11.38 -14.58 16.15
CA VAL A 134 -11.29 -15.30 17.43
C VAL A 134 -10.58 -16.66 17.34
N TYR A 135 -9.26 -16.67 17.59
CA TYR A 135 -8.49 -17.91 17.69
C TYR A 135 -8.38 -18.32 19.15
N ASP A 136 -9.23 -19.24 19.60
CA ASP A 136 -9.22 -19.69 21.01
C ASP A 136 -9.92 -21.05 21.18
N LYS A 137 -10.83 -21.18 22.16
CA LYS A 137 -11.59 -22.41 22.40
C LYS A 137 -12.69 -22.11 23.43
N SER A 140 -20.01 -22.66 21.20
CA SER A 140 -20.12 -24.01 20.67
C SER A 140 -19.38 -24.18 19.34
N THR A 141 -19.42 -25.40 18.79
CA THR A 141 -18.89 -25.67 17.44
C THR A 141 -20.02 -25.59 16.40
N THR A 142 -21.28 -25.66 16.85
CA THR A 142 -22.48 -25.45 15.99
C THR A 142 -22.40 -24.20 15.11
N ALA A 143 -21.52 -23.27 15.47
CA ALA A 143 -21.14 -22.17 14.59
C ALA A 143 -19.71 -22.41 14.10
N SER A 144 -19.50 -22.33 12.79
CA SER A 144 -18.13 -22.37 12.21
C SER A 144 -17.52 -20.99 12.35
N ARG A 145 -16.20 -20.94 12.51
CA ARG A 145 -15.49 -19.65 12.52
C ARG A 145 -15.50 -19.06 11.11
N TRP A 146 -15.44 -19.94 10.10
CA TRP A 146 -15.45 -19.52 8.70
C TRP A 146 -16.86 -19.37 8.25
N LYS A 147 -17.21 -18.17 7.79
CA LYS A 147 -18.54 -17.91 7.31
C LYS A 147 -18.41 -17.69 5.82
N ASN A 148 -19.46 -18.00 5.07
CA ASN A 148 -19.49 -17.78 3.64
C ASN A 148 -19.79 -16.32 3.35
N VAL A 149 -19.15 -15.76 2.33
CA VAL A 149 -19.33 -14.35 1.98
C VAL A 149 -19.85 -14.16 0.56
N GLU A 150 -19.51 -15.07 -0.34
CA GLU A 150 -19.96 -15.01 -1.73
C GLU A 150 -20.14 -16.44 -2.28
N ILE A 151 -20.92 -16.54 -3.37
CA ILE A 151 -21.02 -17.78 -4.16
C ILE A 151 -20.88 -17.37 -5.61
N ASN A 152 -19.85 -17.82 -6.30
CA ASN A 152 -19.69 -17.45 -7.71
C ASN A 152 -19.85 -18.67 -8.55
N THR A 153 -20.85 -18.63 -9.44
CA THR A 153 -21.07 -19.70 -10.39
C THR A 153 -20.61 -19.33 -11.79
N ILE A 154 -20.41 -18.03 -12.02
CA ILE A 154 -20.03 -17.54 -13.34
C ILE A 154 -18.62 -16.98 -13.32
N SER A 155 -17.83 -17.30 -14.36
CA SER A 155 -16.47 -16.79 -14.57
C SER A 155 -15.59 -16.68 -13.34
N CYS A 156 -15.58 -17.68 -12.48
CA CYS A 156 -14.64 -17.64 -11.34
C CYS A 156 -13.24 -17.42 -11.84
N SER A 157 -12.46 -16.63 -11.10
CA SER A 157 -11.07 -16.36 -11.45
C SER A 157 -10.03 -16.98 -10.50
N PHE A 158 -8.87 -17.24 -11.07
CA PHE A 158 -7.68 -17.68 -10.33
C PHE A 158 -7.55 -19.19 -10.14
N ALA A 159 -8.37 -19.97 -10.87
CA ALA A 159 -8.17 -21.43 -10.88
C ALA A 159 -6.89 -21.78 -11.63
N GLY A 160 -6.49 -20.92 -12.56
CA GLY A 160 -5.21 -21.07 -13.25
C GLY A 160 -3.97 -20.70 -12.44
N LEU A 161 -3.94 -19.48 -11.94
CA LEU A 161 -2.75 -18.93 -11.27
C LEU A 161 -2.57 -19.46 -9.85
N SER A 162 -3.65 -19.76 -9.15
CA SER A 162 -3.59 -20.18 -7.74
C SER A 162 -2.43 -21.13 -7.36
N PRO A 163 -2.19 -22.17 -8.17
CA PRO A 163 -1.07 -23.07 -7.87
C PRO A 163 0.30 -22.41 -7.92
N LEU A 164 0.42 -21.41 -8.79
CA LEU A 164 1.67 -20.68 -8.93
C LEU A 164 2.05 -19.90 -7.68
N ILE A 165 1.06 -19.33 -7.01
CA ILE A 165 1.31 -18.55 -5.81
C ILE A 165 2.02 -19.38 -4.74
N THR A 166 1.80 -20.70 -4.72
CA THR A 166 2.49 -21.51 -3.72
C THR A 166 3.98 -21.55 -3.98
N GLU A 167 4.38 -21.65 -5.25
CA GLU A 167 5.81 -21.73 -5.54
C GLU A 167 6.45 -20.40 -5.16
N PHE A 168 5.73 -19.33 -5.47
CA PHE A 168 6.16 -18.00 -5.11
C PHE A 168 6.42 -17.84 -3.61
N HIS A 169 5.54 -18.41 -2.78
CA HIS A 169 5.77 -18.41 -1.34
C HIS A 169 6.86 -19.38 -0.91
N GLN A 170 6.92 -20.54 -1.57
CA GLN A 170 8.03 -21.48 -1.34
C GLN A 170 9.36 -20.78 -1.60
N HIS A 171 9.35 -19.79 -2.51
CA HIS A 171 10.56 -18.98 -2.78
C HIS A 171 10.91 -18.14 -1.59
N ILE A 172 9.92 -17.38 -1.13
CA ILE A 172 10.11 -16.44 -0.05
C ILE A 172 10.62 -17.20 1.14
N ALA A 173 10.13 -18.43 1.32
CA ALA A 173 10.60 -19.23 2.44
C ALA A 173 12.08 -19.43 2.24
N ALA A 174 12.44 -20.01 1.11
CA ALA A 174 13.83 -20.38 0.84
C ALA A 174 14.73 -19.17 0.94
N TYR A 175 14.27 -18.06 0.39
CA TYR A 175 15.03 -16.83 0.38
C TYR A 175 15.36 -16.36 1.79
N LEU A 176 14.36 -16.38 2.65
CA LEU A 176 14.54 -15.91 4.02
C LEU A 176 15.40 -16.85 4.84
N GLN A 177 15.28 -18.15 4.56
CA GLN A 177 16.04 -19.18 5.26
C GLN A 177 17.53 -19.04 4.97
N VAL A 178 17.83 -18.77 3.71
CA VAL A 178 19.20 -18.50 3.29
C VAL A 178 19.68 -17.20 3.94
N LEU A 179 18.87 -16.16 3.84
CA LEU A 179 19.17 -14.86 4.42
C LEU A 179 19.48 -14.91 5.92
N GLN A 180 18.75 -15.76 6.63
CA GLN A 180 18.88 -15.88 8.09
C GLN A 180 20.17 -16.62 8.46
N LYS A 181 20.45 -17.73 7.78
CA LYS A 181 21.65 -18.52 8.04
C LYS A 181 22.92 -17.68 7.91
N ALA A 182 22.96 -16.80 6.91
CA ALA A 182 24.10 -15.91 6.70
C ALA A 182 24.34 -14.81 7.78
N ARG A 183 23.60 -14.84 8.90
CA ARG A 183 23.68 -13.81 9.98
C ARG A 183 23.72 -14.42 11.40
N GLY A 184 22.60 -15.00 11.84
CA GLY A 184 22.48 -15.60 13.18
C GLY A 184 22.58 -17.12 13.17
N GLY A 190 18.55 -22.14 21.02
CA GLY A 190 18.55 -21.04 21.99
C GLY A 190 17.15 -20.71 22.50
N VAL A 191 16.52 -19.70 21.87
CA VAL A 191 15.14 -19.29 22.16
C VAL A 191 14.51 -18.70 20.88
N GLU A 192 13.43 -19.28 20.37
CA GLU A 192 12.80 -18.75 19.14
C GLU A 192 11.55 -19.51 18.66
N ASN A 193 10.50 -18.75 18.30
CA ASN A 193 9.29 -19.26 17.61
C ASN A 193 9.56 -19.39 16.12
N MET A 194 9.09 -20.48 15.52
CA MET A 194 9.40 -20.74 14.11
C MET A 194 8.12 -20.99 13.24
N SER A 195 7.95 -20.07 12.28
CA SER A 195 6.75 -19.93 11.44
C SER A 195 6.78 -20.86 10.24
N TRP A 196 5.80 -20.66 9.34
CA TRP A 196 5.72 -21.29 7.98
C TRP A 196 6.98 -21.14 7.15
N ILE A 197 7.76 -20.11 7.50
CA ILE A 197 8.97 -19.72 6.79
C ILE A 197 10.03 -20.78 6.87
N TRP A 198 10.33 -21.24 8.08
CA TRP A 198 11.57 -22.01 8.31
C TRP A 198 11.55 -23.44 7.85
N GLY A 199 10.60 -23.78 6.97
CA GLY A 199 10.58 -25.06 6.29
C GLY A 199 10.65 -26.23 7.25
N LYS A 200 9.96 -26.10 8.37
CA LYS A 200 9.69 -27.23 9.25
C LYS A 200 8.36 -27.81 8.73
N GLY A 201 7.99 -28.98 9.23
CA GLY A 201 6.75 -29.64 8.80
C GLY A 201 5.51 -29.18 9.55
N ASN A 202 5.71 -28.38 10.60
CA ASN A 202 4.60 -27.96 11.49
C ASN A 202 3.44 -27.22 10.80
N CYS A 203 3.67 -26.70 9.59
CA CYS A 203 2.60 -26.14 8.75
C CYS A 203 3.07 -25.96 7.30
N ARG A 204 2.23 -26.39 6.38
CA ARG A 204 2.66 -26.74 5.04
C ARG A 204 1.90 -25.97 3.97
N LEU A 205 2.65 -25.30 3.11
CA LEU A 205 2.06 -24.60 2.00
C LEU A 205 1.21 -25.61 1.26
N GLU A 206 -0.08 -25.35 1.16
CA GLU A 206 -0.98 -26.26 0.45
C GLU A 206 -1.17 -25.79 -0.97
N ARG A 207 -0.72 -26.58 -1.93
CA ARG A 207 -0.82 -26.23 -3.35
C ARG A 207 -2.21 -26.54 -3.88
N SER A 208 -2.80 -25.55 -4.55
CA SER A 208 -4.10 -25.70 -5.21
C SER A 208 -4.10 -26.68 -6.37
N VAL A 209 -5.06 -27.58 -6.36
CA VAL A 209 -5.20 -28.58 -7.40
C VAL A 209 -6.16 -28.11 -8.47
N SER A 210 -6.63 -26.87 -8.38
CA SER A 210 -7.53 -26.27 -9.39
C SER A 210 -6.95 -26.30 -10.82
N GLY A 211 -5.63 -26.20 -10.95
CA GLY A 211 -4.99 -26.12 -12.27
C GLY A 211 -5.04 -27.39 -13.09
N ASP A 212 -5.36 -28.51 -12.44
CA ASP A 212 -5.57 -29.80 -13.09
C ASP A 212 -7.06 -30.08 -13.13
N VAL A 213 -7.68 -29.98 -11.95
CA VAL A 213 -9.06 -30.40 -11.75
C VAL A 213 -9.99 -29.68 -12.73
N VAL A 214 -9.90 -28.35 -12.77
CA VAL A 214 -10.76 -27.54 -13.64
C VAL A 214 -10.53 -27.84 -15.12
N PRO A 215 -9.28 -27.92 -15.56
CA PRO A 215 -9.12 -28.37 -16.94
C PRO A 215 -9.68 -29.77 -17.22
N LYS A 216 -9.47 -30.72 -16.31
CA LYS A 216 -10.05 -32.05 -16.50
C LYS A 216 -11.59 -32.05 -16.48
N ALA A 217 -12.20 -31.10 -15.77
CA ALA A 217 -13.65 -30.99 -15.81
C ALA A 217 -14.14 -30.44 -17.16
N ILE A 218 -13.42 -29.50 -17.76
CA ILE A 218 -13.79 -29.01 -19.11
C ILE A 218 -13.60 -30.12 -20.13
N ALA A 219 -12.43 -30.76 -20.08
CA ALA A 219 -12.13 -31.93 -20.92
C ALA A 219 -13.21 -32.99 -20.78
N ASP A 220 -13.64 -33.26 -19.55
CA ASP A 220 -14.67 -34.25 -19.31
C ASP A 220 -16.07 -33.89 -19.76
N ALA A 221 -16.43 -32.61 -19.74
CA ALA A 221 -17.73 -32.20 -20.26
C ALA A 221 -17.72 -32.38 -21.76
N VAL A 222 -16.57 -32.12 -22.41
CA VAL A 222 -16.57 -32.19 -23.86
C VAL A 222 -16.85 -33.62 -24.29
N ARG A 223 -16.25 -34.58 -23.60
CA ARG A 223 -16.53 -36.00 -23.87
C ARG A 223 -18.00 -36.28 -23.65
N ALA A 224 -18.53 -35.83 -22.50
CA ALA A 224 -19.94 -35.99 -22.16
C ALA A 224 -20.78 -35.42 -23.28
N TRP A 225 -20.34 -34.30 -23.83
CA TRP A 225 -21.00 -33.73 -24.98
C TRP A 225 -20.94 -34.68 -26.20
N VAL A 226 -19.76 -35.19 -26.54
CA VAL A 226 -19.61 -36.00 -27.75
C VAL A 226 -20.35 -37.32 -27.67
N GLU A 227 -20.21 -38.02 -26.54
CA GLU A 227 -20.89 -39.29 -26.33
C GLU A 227 -22.40 -39.12 -26.46
N GLN A 228 -22.97 -38.15 -25.76
CA GLN A 228 -24.41 -37.91 -25.82
C GLN A 228 -24.91 -37.60 -27.23
N GLN A 229 -24.19 -36.77 -27.97
CA GLN A 229 -24.66 -36.29 -29.26
C GLN A 229 -24.23 -37.19 -30.41
N LYS A 230 -23.85 -38.43 -30.11
CA LYS A 230 -23.64 -39.45 -31.16
C LYS A 230 -22.71 -38.94 -32.26
N PHE A 231 -21.79 -38.06 -31.90
CA PHE A 231 -21.13 -37.18 -32.87
C PHE A 231 -20.81 -37.83 -34.24
N ALA A 232 -20.33 -39.07 -34.25
CA ALA A 232 -20.07 -39.78 -35.51
C ALA A 232 -21.31 -39.94 -36.38
N SER A 233 -22.47 -40.14 -35.76
CA SER A 233 -23.73 -40.19 -36.47
C SER A 233 -24.04 -38.81 -37.07
N LEU A 234 -23.85 -37.76 -36.27
CA LEU A 234 -24.16 -36.39 -36.69
C LEU A 234 -23.32 -35.89 -37.88
N ARG A 235 -22.14 -36.47 -38.08
CA ARG A 235 -21.29 -36.11 -39.22
C ARG A 235 -21.80 -36.77 -40.49
N ALA A 236 -22.07 -38.08 -40.42
CA ALA A 236 -22.73 -38.81 -41.53
C ALA A 236 -24.13 -38.27 -41.85
N SER A 237 -24.76 -37.64 -40.86
CA SER A 237 -26.03 -36.94 -41.02
C SER A 237 -25.81 -35.60 -41.75
N TRP A 238 -24.74 -34.88 -41.36
CA TRP A 238 -24.59 -33.45 -41.64
C TRP A 238 -24.64 -33.03 -43.11
N GLU A 239 -23.95 -33.76 -43.98
CA GLU A 239 -23.88 -33.39 -45.41
C GLU A 239 -25.25 -33.38 -46.15
N GLN A 240 -26.32 -33.79 -45.46
CA GLN A 240 -27.68 -33.43 -45.85
C GLN A 240 -28.11 -32.16 -45.13
N VAL A 256 -17.54 -28.56 -44.42
CA VAL A 256 -16.75 -29.65 -43.86
C VAL A 256 -16.44 -29.33 -42.39
N LEU A 257 -16.96 -30.19 -41.50
CA LEU A 257 -16.93 -29.97 -40.05
C LEU A 257 -15.68 -30.55 -39.47
N ASP A 258 -15.26 -29.98 -38.34
CA ASP A 258 -14.12 -30.51 -37.61
C ASP A 258 -14.54 -31.84 -36.99
N THR A 259 -13.64 -32.82 -37.02
CA THR A 259 -13.99 -34.17 -36.57
C THR A 259 -14.03 -34.31 -35.03
N ALA A 260 -13.62 -33.25 -34.33
CA ALA A 260 -13.82 -33.13 -32.90
C ALA A 260 -14.26 -31.70 -32.67
N PRO A 261 -14.85 -31.42 -31.49
CA PRO A 261 -15.45 -30.15 -31.19
C PRO A 261 -14.45 -29.23 -30.53
N VAL A 262 -14.92 -28.12 -30.00
CA VAL A 262 -14.07 -27.07 -29.47
C VAL A 262 -14.64 -26.58 -28.15
N VAL A 263 -13.79 -25.96 -27.34
CA VAL A 263 -14.24 -25.21 -26.18
C VAL A 263 -14.26 -23.76 -26.64
N LEU A 264 -15.47 -23.22 -26.84
CA LEU A 264 -15.64 -21.77 -27.07
C LEU A 264 -15.55 -21.00 -25.76
N VAL A 265 -14.51 -20.20 -25.59
CA VAL A 265 -14.40 -19.40 -24.38
C VAL A 265 -14.97 -18.04 -24.70
N VAL A 266 -16.10 -17.71 -24.08
CA VAL A 266 -16.77 -16.43 -24.34
C VAL A 266 -16.10 -15.36 -23.53
N VAL A 267 -15.34 -14.52 -24.20
CA VAL A 267 -14.42 -13.56 -23.57
C VAL A 267 -14.94 -12.09 -23.54
N GLN A 268 -14.47 -11.31 -22.55
CA GLN A 268 -14.85 -9.88 -22.44
C GLN A 268 -14.16 -9.07 -23.53
N GLU A 269 -14.66 -7.83 -23.75
CA GLU A 269 -14.21 -6.96 -24.85
C GLU A 269 -12.68 -6.75 -24.89
N ASN A 270 -12.11 -6.29 -23.78
CA ASN A 270 -10.65 -6.36 -23.54
C ASN A 270 -10.40 -7.32 -22.38
N GLU A 271 -9.15 -7.48 -21.96
CA GLU A 271 -8.87 -8.29 -20.78
C GLU A 271 -7.39 -8.28 -20.46
N ARG A 272 -7.08 -8.25 -19.17
CA ARG A 272 -5.69 -8.25 -18.64
C ARG A 272 -5.36 -9.56 -17.92
N ASN A 273 -6.42 -10.26 -17.50
CA ASN A 273 -6.37 -11.50 -16.70
C ASN A 273 -6.25 -12.76 -17.57
N THR A 274 -5.52 -12.64 -18.66
CA THR A 274 -5.45 -13.71 -19.61
C THR A 274 -4.45 -14.77 -19.18
N ALA A 275 -3.58 -14.47 -18.23
CA ALA A 275 -2.73 -15.50 -17.67
C ALA A 275 -3.58 -16.62 -17.08
N ASP A 276 -4.61 -16.25 -16.32
CA ASP A 276 -5.45 -17.24 -15.68
C ASP A 276 -6.02 -18.12 -16.79
N GLN A 277 -6.78 -17.50 -17.69
CA GLN A 277 -7.42 -18.25 -18.77
C GLN A 277 -6.49 -19.28 -19.40
N TYR A 278 -5.34 -18.81 -19.87
CA TYR A 278 -4.40 -19.68 -20.57
C TYR A 278 -3.77 -20.74 -19.68
N ALA A 279 -3.51 -20.41 -18.41
CA ALA A 279 -3.09 -21.44 -17.47
C ALA A 279 -4.09 -22.60 -17.57
N LEU A 280 -5.38 -22.29 -17.44
CA LEU A 280 -6.37 -23.35 -17.50
C LEU A 280 -6.43 -23.93 -18.90
N LEU A 281 -6.54 -23.07 -19.92
CA LEU A 281 -6.78 -23.54 -21.30
C LEU A 281 -5.60 -24.28 -21.97
N MET A 282 -4.37 -23.94 -21.61
CA MET A 282 -3.23 -24.66 -22.15
C MET A 282 -3.25 -26.12 -21.75
N ARG A 283 -3.87 -26.46 -20.62
CA ARG A 283 -3.96 -27.87 -20.22
C ARG A 283 -4.97 -28.60 -21.07
N VAL A 284 -6.08 -27.92 -21.34
CA VAL A 284 -7.12 -28.49 -22.17
C VAL A 284 -6.54 -28.84 -23.54
N LEU A 285 -5.73 -27.94 -24.11
CA LEU A 285 -5.12 -28.19 -25.41
C LEU A 285 -4.01 -29.23 -25.28
N GLU A 286 -3.05 -28.99 -24.41
CA GLU A 286 -1.82 -29.75 -24.40
C GLU A 286 -1.95 -31.13 -23.74
N GLU A 287 -2.59 -31.18 -22.58
CA GLU A 287 -2.75 -32.45 -21.89
C GLU A 287 -4.00 -33.18 -22.37
N HIS A 288 -5.12 -32.48 -22.42
CA HIS A 288 -6.40 -33.07 -22.81
C HIS A 288 -6.73 -33.09 -24.31
N ARG A 289 -5.81 -32.61 -25.14
CA ARG A 289 -5.92 -32.71 -26.60
C ARG A 289 -7.17 -32.07 -27.21
N ILE A 290 -7.63 -30.93 -26.67
CA ILE A 290 -8.87 -30.27 -27.11
C ILE A 290 -8.69 -28.80 -27.45
N ARG A 291 -9.06 -28.35 -28.64
CA ARG A 291 -8.85 -26.93 -28.96
C ARG A 291 -9.82 -26.07 -28.17
N PHE A 292 -9.48 -24.80 -28.08
CA PHE A 292 -10.34 -23.80 -27.50
C PHE A 292 -10.20 -22.58 -28.38
N ILE A 293 -11.28 -21.83 -28.56
CA ILE A 293 -11.25 -20.61 -29.39
C ILE A 293 -11.94 -19.51 -28.60
N PHE A 294 -11.53 -18.26 -28.85
CA PHE A 294 -12.01 -17.12 -28.04
C PHE A 294 -12.92 -16.24 -28.83
N ARG A 295 -14.03 -15.83 -28.21
CA ARG A 295 -15.04 -15.01 -28.89
C ARG A 295 -15.80 -14.09 -27.95
N THR A 296 -16.01 -12.85 -28.40
CA THR A 296 -16.88 -11.89 -27.71
C THR A 296 -18.33 -12.25 -28.03
N LEU A 297 -19.24 -11.75 -27.19
CA LEU A 297 -20.67 -11.94 -27.47
C LEU A 297 -21.11 -11.22 -28.75
N GLN A 298 -20.39 -10.17 -29.15
CA GLN A 298 -20.75 -9.42 -30.35
C GLN A 298 -20.28 -10.16 -31.58
N GLU A 299 -19.06 -10.67 -31.53
CA GLU A 299 -18.48 -11.52 -32.60
C GLU A 299 -19.35 -12.77 -32.87
N LEU A 300 -19.93 -13.31 -31.80
CA LEU A 300 -20.77 -14.48 -31.90
C LEU A 300 -22.11 -14.17 -32.57
N HIS A 301 -22.57 -12.92 -32.52
CA HIS A 301 -23.81 -12.60 -33.23
C HIS A 301 -23.64 -12.84 -34.73
N LEU A 302 -22.56 -12.33 -35.29
CA LEU A 302 -22.36 -12.42 -36.73
C LEU A 302 -21.96 -13.84 -37.18
N SER A 303 -21.26 -14.62 -36.33
CA SER A 303 -20.62 -15.86 -36.80
C SER A 303 -20.94 -17.15 -36.03
N LEU A 304 -22.13 -17.26 -35.44
CA LEU A 304 -22.55 -18.52 -34.75
C LEU A 304 -23.94 -18.94 -35.22
N LYS A 305 -24.01 -19.98 -36.05
CA LYS A 305 -25.29 -20.48 -36.58
C LYS A 305 -25.71 -21.77 -35.88
N LEU A 306 -26.99 -21.84 -35.51
CA LEU A 306 -27.57 -23.04 -34.89
C LEU A 306 -28.12 -23.94 -35.97
N HIS A 307 -28.20 -25.24 -35.68
CA HIS A 307 -28.85 -26.19 -36.58
C HIS A 307 -29.53 -27.27 -35.75
N SER A 308 -30.86 -27.31 -35.78
CA SER A 308 -31.58 -28.42 -35.14
C SER A 308 -31.61 -29.57 -36.15
N ILE A 309 -31.63 -30.80 -35.63
CA ILE A 309 -31.71 -32.00 -36.46
C ILE A 309 -33.06 -32.68 -36.23
N SER A 310 -33.47 -32.77 -34.96
CA SER A 310 -34.84 -33.10 -34.59
C SER A 310 -35.29 -32.05 -33.54
N PRO A 311 -36.61 -31.95 -33.31
CA PRO A 311 -37.13 -30.93 -32.41
C PRO A 311 -37.12 -31.27 -30.93
N GLU A 312 -36.82 -32.52 -30.55
CA GLU A 312 -36.73 -32.89 -29.12
C GLU A 312 -35.31 -32.72 -28.55
N GLN A 313 -34.30 -32.52 -29.39
CA GLN A 313 -32.96 -32.22 -28.90
C GLN A 313 -32.51 -30.90 -29.52
N PRO A 314 -31.84 -30.05 -28.71
CA PRO A 314 -31.42 -28.71 -29.09
C PRO A 314 -30.46 -28.68 -30.28
N PRO A 315 -30.35 -27.53 -30.95
CA PRO A 315 -29.56 -27.42 -32.14
C PRO A 315 -28.06 -27.38 -31.88
N LEU A 316 -27.31 -27.96 -32.82
CA LEU A 316 -25.87 -27.97 -32.76
C LEU A 316 -25.38 -26.55 -33.01
N ALA A 317 -24.54 -26.03 -32.09
CA ALA A 317 -23.96 -24.70 -32.27
C ALA A 317 -22.72 -24.82 -33.13
N VAL A 318 -22.68 -24.11 -34.26
CA VAL A 318 -21.51 -24.16 -35.15
C VAL A 318 -20.96 -22.74 -35.42
N VAL A 319 -19.67 -22.53 -35.11
CA VAL A 319 -18.95 -21.26 -35.38
C VAL A 319 -18.10 -21.37 -36.64
N ASP A 320 -18.23 -20.37 -37.53
CA ASP A 320 -17.54 -20.33 -38.83
C ASP A 320 -17.91 -21.48 -39.77
N GLY A 321 -19.06 -22.12 -39.53
CA GLY A 321 -19.49 -23.24 -40.36
C GLY A 321 -18.68 -24.52 -40.19
N HIS A 322 -17.85 -24.57 -39.15
CA HIS A 322 -16.92 -25.70 -38.94
C HIS A 322 -16.51 -25.97 -37.46
N TYR A 323 -16.41 -24.95 -36.61
CA TYR A 323 -16.08 -25.16 -35.20
C TYR A 323 -17.38 -25.56 -34.52
N PRO A 324 -17.51 -26.80 -34.04
CA PRO A 324 -18.73 -27.19 -33.33
C PRO A 324 -18.61 -27.05 -31.81
N ILE A 325 -19.40 -26.18 -31.20
CA ILE A 325 -19.26 -25.88 -29.77
C ILE A 325 -19.77 -27.00 -28.90
N ALA A 326 -18.93 -27.58 -28.08
CA ALA A 326 -19.37 -28.61 -27.14
C ALA A 326 -19.50 -28.02 -25.74
N VAL A 327 -18.65 -27.04 -25.41
CA VAL A 327 -18.68 -26.39 -24.11
C VAL A 327 -18.49 -24.89 -24.27
N ALA A 328 -19.37 -24.16 -23.62
CA ALA A 328 -19.39 -22.70 -23.64
C ALA A 328 -18.93 -22.22 -22.26
N TYR A 329 -17.63 -22.14 -22.13
CA TYR A 329 -16.96 -21.57 -20.98
C TYR A 329 -17.06 -20.04 -21.06
N PHE A 330 -17.79 -19.48 -20.08
CA PHE A 330 -17.96 -18.04 -19.95
C PHE A 330 -16.97 -17.50 -18.95
N ARG A 331 -16.23 -16.48 -19.40
CA ARG A 331 -15.48 -15.55 -18.55
C ARG A 331 -15.82 -14.12 -18.89
N SER A 332 -17.12 -13.87 -19.02
CA SER A 332 -17.69 -12.56 -19.29
C SER A 332 -19.18 -12.70 -18.98
N THR A 333 -19.93 -11.64 -19.23
CA THR A 333 -21.39 -11.66 -19.04
C THR A 333 -21.86 -11.56 -17.57
N TYR A 334 -20.93 -11.58 -16.63
CA TYR A 334 -21.27 -11.47 -15.22
C TYR A 334 -21.61 -10.03 -14.88
N VAL A 335 -21.32 -9.09 -15.78
CA VAL A 335 -21.74 -7.69 -15.62
C VAL A 335 -22.53 -7.24 -16.84
N PRO A 336 -23.42 -6.26 -16.66
CA PRO A 336 -24.22 -5.78 -17.78
C PRO A 336 -23.36 -5.09 -18.81
N GLU A 337 -22.17 -4.63 -18.43
CA GLU A 337 -21.27 -3.95 -19.35
C GLU A 337 -20.75 -4.86 -20.48
N ASP A 338 -20.97 -6.18 -20.36
CA ASP A 338 -20.70 -7.11 -21.47
C ASP A 338 -21.93 -7.35 -22.34
N PHE A 339 -23.01 -6.65 -22.01
CA PHE A 339 -24.22 -6.67 -22.81
C PHE A 339 -24.53 -5.27 -23.33
N PRO A 340 -23.74 -4.79 -24.31
CA PRO A 340 -24.04 -3.50 -24.90
C PRO A 340 -25.30 -3.55 -25.77
N THR A 341 -25.26 -4.32 -26.86
CA THR A 341 -26.31 -4.32 -27.86
C THR A 341 -27.28 -5.49 -27.72
N ASP A 342 -28.32 -5.49 -28.53
CA ASP A 342 -29.27 -6.57 -28.54
C ASP A 342 -28.68 -7.81 -29.17
N ALA A 343 -27.66 -7.63 -30.01
CA ALA A 343 -26.96 -8.77 -30.64
C ALA A 343 -26.27 -9.63 -29.59
N THR A 344 -25.66 -8.96 -28.61
CA THR A 344 -24.95 -9.63 -27.52
C THR A 344 -25.95 -10.31 -26.59
N TRP A 345 -27.16 -9.74 -26.49
CA TRP A 345 -28.26 -10.46 -25.86
C TRP A 345 -28.74 -11.61 -26.75
N ALA A 346 -28.83 -11.37 -28.06
CA ALA A 346 -29.21 -12.42 -29.02
C ALA A 346 -28.24 -13.59 -28.97
N ALA A 347 -26.95 -13.27 -28.86
CA ALA A 347 -25.90 -14.28 -28.90
C ALA A 347 -25.98 -15.20 -27.72
N ARG A 348 -26.03 -14.61 -26.52
CA ARG A 348 -26.07 -15.37 -25.26
C ARG A 348 -27.25 -16.35 -25.18
N LEU A 349 -28.40 -15.93 -25.71
CA LEU A 349 -29.55 -16.80 -25.87
C LEU A 349 -29.18 -17.94 -26.82
N SER A 350 -28.79 -17.58 -28.03
CA SER A 350 -28.61 -18.57 -29.10
C SER A 350 -27.59 -19.63 -28.71
N LEU A 351 -26.59 -19.21 -27.94
CA LEU A 351 -25.76 -20.15 -27.18
C LEU A 351 -26.67 -21.00 -26.28
N GLU A 352 -27.31 -20.36 -25.30
CA GLU A 352 -28.12 -21.10 -24.32
C GLU A 352 -29.02 -22.14 -25.00
N ARG A 353 -29.75 -21.70 -26.03
CA ARG A 353 -30.61 -22.61 -26.80
C ARG A 353 -29.91 -23.86 -27.32
N SER A 354 -28.65 -23.72 -27.75
CA SER A 354 -27.94 -24.80 -28.43
C SER A 354 -27.62 -26.01 -27.53
N SER A 355 -26.90 -26.98 -28.07
CA SER A 355 -26.54 -28.20 -27.35
C SER A 355 -25.25 -28.09 -26.53
N ALA A 356 -24.58 -26.94 -26.60
CA ALA A 356 -23.36 -26.72 -25.83
C ALA A 356 -23.64 -26.97 -24.35
N ILE A 357 -22.73 -27.67 -23.68
CA ILE A 357 -22.76 -27.76 -22.22
C ILE A 357 -22.25 -26.40 -21.78
N LYS A 358 -23.12 -25.58 -21.16
CA LYS A 358 -22.74 -24.21 -20.78
C LYS A 358 -22.05 -24.18 -19.41
N CYS A 359 -21.05 -23.31 -19.29
CA CYS A 359 -20.35 -23.06 -18.01
C CYS A 359 -20.21 -21.55 -17.67
N PRO A 360 -21.27 -20.92 -17.14
CA PRO A 360 -22.46 -21.50 -16.60
C PRO A 360 -23.67 -21.31 -17.50
N SER A 361 -24.61 -22.26 -17.40
CA SER A 361 -25.98 -22.11 -17.88
C SER A 361 -26.61 -20.96 -17.12
N ILE A 362 -27.69 -20.42 -17.67
CA ILE A 362 -28.41 -19.33 -17.04
C ILE A 362 -28.87 -19.75 -15.63
N PRO A 363 -29.56 -20.90 -15.48
CA PRO A 363 -29.87 -21.39 -14.13
C PRO A 363 -28.71 -21.29 -13.14
N TYR A 364 -27.51 -21.66 -13.60
CA TYR A 364 -26.32 -21.60 -12.76
C TYR A 364 -25.93 -20.14 -12.51
N HIS A 365 -25.79 -19.39 -13.59
CA HIS A 365 -25.52 -17.96 -13.52
C HIS A 365 -26.38 -17.30 -12.47
N LEU A 366 -27.70 -17.48 -12.58
CA LEU A 366 -28.64 -16.78 -11.71
C LEU A 366 -28.42 -17.13 -10.25
N LEU A 367 -27.83 -18.29 -9.96
CA LEU A 367 -27.49 -18.63 -8.59
C LEU A 367 -26.31 -17.82 -8.03
N THR A 368 -25.64 -17.04 -8.87
CA THR A 368 -24.54 -16.19 -8.40
C THR A 368 -25.09 -14.99 -7.67
N PHE A 369 -26.33 -14.65 -8.01
CA PHE A 369 -26.96 -13.45 -7.53
C PHE A 369 -27.05 -13.42 -6.03
N LYS A 370 -27.21 -12.22 -5.52
CA LYS A 370 -27.17 -11.98 -4.10
C LYS A 370 -28.53 -12.30 -3.51
N LYS A 371 -29.60 -11.94 -4.21
CA LYS A 371 -30.92 -12.30 -3.72
C LYS A 371 -31.04 -13.80 -3.43
N LEU A 372 -30.40 -14.65 -4.24
CA LEU A 372 -30.50 -16.10 -4.01
C LEU A 372 -29.63 -16.59 -2.87
N GLN A 373 -28.61 -15.82 -2.49
CA GLN A 373 -27.81 -16.16 -1.31
C GLN A 373 -28.55 -15.89 0.01
N GLN A 374 -29.43 -14.91 0.05
CA GLN A 374 -30.24 -14.73 1.26
C GLN A 374 -31.37 -15.78 1.30
N LEU A 375 -31.85 -16.19 0.13
CA LEU A 375 -32.91 -17.19 0.06
C LEU A 375 -32.40 -18.48 0.63
N LEU A 376 -31.18 -18.83 0.29
CA LEU A 376 -30.57 -20.03 0.81
C LEU A 376 -30.34 -19.97 2.33
N CYS A 377 -30.64 -18.84 2.97
CA CYS A 377 -30.56 -18.77 4.43
C CYS A 377 -31.80 -19.37 5.13
N ASP A 378 -32.97 -19.40 4.46
CA ASP A 378 -34.16 -20.13 4.97
C ASP A 378 -33.86 -21.63 5.12
N VAL A 379 -33.55 -22.05 6.33
CA VAL A 379 -33.22 -23.45 6.56
C VAL A 379 -34.40 -24.33 6.12
N ASP A 380 -35.55 -24.08 6.73
CA ASP A 380 -36.70 -24.98 6.60
C ASP A 380 -37.59 -24.66 5.39
N ARG A 381 -37.37 -23.49 4.77
CA ARG A 381 -38.25 -23.01 3.71
C ARG A 381 -37.61 -23.01 2.31
N VAL A 382 -36.28 -23.06 2.22
CA VAL A 382 -35.61 -23.12 0.93
C VAL A 382 -34.48 -24.13 0.92
N LEU A 383 -33.51 -23.95 1.83
CA LEU A 383 -32.26 -24.72 1.79
C LEU A 383 -32.45 -26.23 1.87
N VAL A 384 -33.27 -26.68 2.82
CA VAL A 384 -33.52 -28.11 3.01
C VAL A 384 -34.38 -28.74 1.90
N PRO A 385 -35.47 -28.08 1.49
CA PRO A 385 -36.35 -28.59 0.42
C PRO A 385 -35.95 -28.27 -1.03
N VAL A 386 -35.40 -27.09 -1.27
CA VAL A 386 -35.07 -26.66 -2.64
C VAL A 386 -33.59 -26.90 -2.98
N ALA A 387 -32.71 -26.62 -2.01
CA ALA A 387 -31.27 -26.78 -2.19
C ALA A 387 -30.79 -28.21 -1.94
N PHE A 388 -31.51 -28.98 -1.12
CA PHE A 388 -31.11 -30.38 -0.86
C PHE A 388 -32.20 -31.45 -0.97
N CYS A 389 -33.37 -31.07 -1.48
CA CYS A 389 -34.49 -31.99 -1.70
C CYS A 389 -34.99 -32.63 -0.41
N GLY A 390 -34.69 -32.01 0.73
CA GLY A 390 -35.09 -32.53 2.02
C GLY A 390 -34.00 -33.18 2.85
N ASP A 391 -32.74 -33.02 2.44
CA ASP A 391 -31.63 -33.54 3.24
C ASP A 391 -31.23 -32.48 4.25
N SER A 392 -32.10 -32.23 5.22
CA SER A 392 -31.80 -31.29 6.29
C SER A 392 -30.42 -31.52 6.90
N ASP A 393 -29.98 -32.77 6.97
CA ASP A 393 -28.64 -33.08 7.49
C ASP A 393 -27.57 -32.39 6.67
N LYS A 394 -27.64 -32.55 5.35
CA LYS A 394 -26.74 -31.84 4.44
C LYS A 394 -26.80 -30.33 4.67
N ALA A 395 -28.01 -29.77 4.69
CA ALA A 395 -28.23 -28.31 4.82
C ALA A 395 -27.70 -27.75 6.13
N GLY A 396 -27.99 -28.45 7.23
CA GLY A 396 -27.53 -28.04 8.53
C GLY A 396 -26.03 -27.89 8.62
N LEU A 397 -25.30 -28.66 7.81
CA LEU A 397 -23.84 -28.57 7.75
C LEU A 397 -23.35 -27.31 7.04
N LEU A 398 -24.03 -26.89 5.97
CA LEU A 398 -23.70 -25.63 5.31
C LEU A 398 -24.07 -24.46 6.21
N GLN A 399 -25.24 -24.55 6.84
CA GLN A 399 -25.72 -23.51 7.73
C GLN A 399 -24.67 -23.03 8.74
N ARG A 400 -23.86 -23.95 9.24
CA ARG A 400 -22.81 -23.63 10.18
C ARG A 400 -22.03 -22.41 9.70
N HIS A 401 -21.90 -22.30 8.38
CA HIS A 401 -21.14 -21.25 7.72
C HIS A 401 -21.98 -20.07 7.23
N PHE A 402 -23.07 -19.77 7.92
CA PHE A 402 -23.98 -18.73 7.43
C PHE A 402 -23.91 -17.47 8.26
N VAL A 403 -24.18 -16.35 7.59
CA VAL A 403 -24.46 -15.08 8.23
C VAL A 403 -25.95 -14.82 8.00
N PRO A 404 -26.76 -14.84 9.07
CA PRO A 404 -28.22 -14.63 8.96
C PRO A 404 -28.57 -13.41 8.10
N GLN A 405 -29.46 -13.59 7.13
CA GLN A 405 -29.91 -12.49 6.27
C GLN A 405 -31.43 -12.45 6.32
N TYR A 406 -31.99 -11.23 6.32
CA TYR A 406 -33.44 -11.02 6.46
C TYR A 406 -33.93 -10.02 5.41
N SER A 407 -34.98 -10.38 4.67
CA SER A 407 -35.46 -9.54 3.56
C SER A 407 -36.28 -8.34 4.02
N LEU A 408 -36.06 -7.20 3.37
CA LEU A 408 -36.78 -5.96 3.66
C LEU A 408 -38.05 -5.86 2.81
N ASN A 409 -37.90 -5.77 1.49
CA ASN A 409 -39.04 -5.71 0.57
C ASN A 409 -40.12 -6.71 1.01
N PRO A 410 -41.27 -6.21 1.52
CA PRO A 410 -42.32 -7.07 2.06
C PRO A 410 -42.78 -8.25 1.17
N LYS A 411 -42.14 -9.41 1.38
CA LYS A 411 -42.69 -10.70 0.94
C LYS A 411 -43.72 -11.14 1.98
N GLU A 412 -43.42 -10.90 3.26
CA GLU A 412 -44.43 -10.91 4.31
C GLU A 412 -44.50 -9.49 4.95
N VAL A 413 -43.98 -9.33 6.16
CA VAL A 413 -43.81 -8.01 6.78
C VAL A 413 -42.42 -7.96 7.43
N GLY A 414 -41.49 -7.28 6.76
CA GLY A 414 -40.13 -7.09 7.28
C GLY A 414 -40.08 -6.02 8.35
N GLU A 415 -40.76 -6.30 9.46
CA GLU A 415 -40.88 -5.36 10.59
C GLU A 415 -40.45 -6.00 11.92
N GLU A 416 -40.83 -7.25 12.14
CA GLU A 416 -40.56 -7.94 13.40
C GLU A 416 -39.10 -8.43 13.55
N ALA A 417 -38.28 -8.16 12.52
CA ALA A 417 -36.81 -8.23 12.59
C ALA A 417 -36.17 -6.84 12.67
N VAL A 418 -36.83 -5.82 12.12
CA VAL A 418 -36.37 -4.42 12.19
C VAL A 418 -36.54 -3.84 13.60
N GLU A 419 -37.57 -4.28 14.32
CA GLU A 419 -37.73 -3.97 15.74
C GLU A 419 -36.54 -4.49 16.55
N LYS A 420 -36.05 -5.67 16.17
CA LYS A 420 -34.90 -6.30 16.82
C LYS A 420 -33.55 -5.61 16.52
N VAL A 421 -33.38 -5.11 15.28
CA VAL A 421 -32.12 -4.46 14.84
C VAL A 421 -31.83 -3.12 15.54
N ILE A 422 -32.88 -2.50 16.10
CA ILE A 422 -32.73 -1.25 16.88
C ILE A 422 -32.72 -1.50 18.41
N HIS A 423 -33.19 -2.67 18.86
CA HIS A 423 -33.02 -3.09 20.27
C HIS A 423 -31.53 -3.39 20.54
N ASP A 424 -30.95 -4.21 19.66
CA ASP A 424 -29.51 -4.43 19.62
C ASP A 424 -28.97 -3.80 18.33
N VAL A 425 -28.59 -2.54 18.43
CA VAL A 425 -28.36 -1.66 17.27
C VAL A 425 -27.17 -2.05 16.39
N LEU A 426 -26.00 -2.16 17.01
CA LEU A 426 -24.73 -2.08 16.30
C LEU A 426 -24.31 -3.30 15.48
N GLN A 427 -25.25 -4.17 15.08
CA GLN A 427 -24.86 -5.39 14.35
C GLN A 427 -25.71 -5.76 13.12
N ARG A 428 -26.02 -4.81 12.23
CA ARG A 428 -26.99 -5.09 11.15
C ARG A 428 -26.93 -4.22 9.84
N PRO A 429 -25.92 -4.41 8.97
CA PRO A 429 -25.85 -3.74 7.63
C PRO A 429 -26.99 -4.03 6.60
N ASP A 430 -26.80 -3.73 5.30
CA ASP A 430 -27.87 -3.93 4.25
C ASP A 430 -27.40 -4.58 2.88
N GLN A 431 -27.65 -3.96 1.71
CA GLN A 431 -26.76 -4.01 0.47
C GLN A 431 -26.89 -5.00 -0.75
N PHE A 432 -28.08 -5.28 -1.33
CA PHE A 432 -28.19 -6.44 -2.28
C PHE A 432 -28.24 -6.32 -3.83
N VAL A 433 -28.65 -5.20 -4.42
CA VAL A 433 -28.73 -5.14 -5.90
C VAL A 433 -27.31 -4.81 -6.48
N LEU A 434 -27.20 -4.55 -7.78
CA LEU A 434 -25.90 -4.48 -8.49
C LEU A 434 -24.92 -3.37 -8.05
N LYS A 435 -25.29 -2.11 -8.31
CA LYS A 435 -24.30 -1.00 -8.35
C LYS A 435 -24.02 -0.21 -7.05
N PRO A 436 -24.83 -0.34 -5.98
CA PRO A 436 -24.60 0.57 -4.85
C PRO A 436 -23.25 0.34 -4.15
N GLN A 437 -22.86 1.31 -3.32
CA GLN A 437 -21.48 1.44 -2.82
C GLN A 437 -21.19 0.40 -1.71
N LEU A 438 -20.40 0.77 -0.71
CA LEU A 438 -20.21 -0.09 0.46
C LEU A 438 -21.52 -0.21 1.27
N GLU A 439 -21.47 -0.99 2.35
CA GLU A 439 -22.68 -1.32 3.12
C GLU A 439 -23.12 -0.15 4.00
N GLY A 440 -24.43 0.09 4.06
CA GLY A 440 -25.00 0.93 5.11
C GLY A 440 -24.92 0.18 6.43
N GLY A 441 -24.41 0.81 7.49
CA GLY A 441 -24.15 0.12 8.76
C GLY A 441 -23.63 0.99 9.91
N GLY A 442 -24.30 0.92 11.07
CA GLY A 442 -23.89 1.66 12.28
C GLY A 442 -24.97 2.60 12.81
N ASN A 443 -24.85 3.89 12.49
CA ASN A 443 -25.88 4.90 12.81
C ASN A 443 -26.56 5.49 11.56
N LEU A 444 -25.91 5.35 10.39
CA LEU A 444 -26.57 5.42 9.09
C LEU A 444 -27.71 4.40 9.05
N LEU A 445 -27.34 3.14 9.32
CA LEU A 445 -28.28 2.00 9.42
C LEU A 445 -29.49 2.34 10.28
N SER A 446 -29.23 2.77 11.51
CA SER A 446 -30.29 3.11 12.44
C SER A 446 -31.17 4.23 11.87
N GLY A 447 -30.54 5.18 11.18
CA GLY A 447 -31.24 6.35 10.61
C GLY A 447 -32.33 6.05 9.58
N GLU A 448 -32.07 5.08 8.70
CA GLU A 448 -33.00 4.72 7.62
C GLU A 448 -34.29 4.02 8.08
N THR A 449 -34.18 3.14 9.09
CA THR A 449 -35.33 2.39 9.64
C THR A 449 -36.51 3.32 9.98
N MET A 450 -36.23 4.41 10.68
CA MET A 450 -37.25 5.39 11.08
C MET A 450 -38.48 5.42 10.18
N VAL A 463 -41.19 8.37 2.91
CA VAL A 463 -40.61 8.73 1.61
C VAL A 463 -39.09 8.74 1.68
N THR A 464 -38.45 8.15 0.65
CA THR A 464 -36.99 7.99 0.50
C THR A 464 -36.47 6.57 0.84
N TYR A 465 -37.15 5.89 1.76
CA TYR A 465 -36.81 4.49 2.12
C TYR A 465 -37.34 3.49 1.09
N SER A 466 -38.26 3.96 0.25
CA SER A 466 -38.84 3.17 -0.83
C SER A 466 -37.80 2.71 -1.87
N LYS A 467 -36.78 3.55 -2.13
CA LYS A 467 -35.66 3.13 -3.00
C LYS A 467 -34.77 2.10 -2.28
N VAL A 468 -34.70 2.18 -0.95
CA VAL A 468 -33.90 1.26 -0.15
C VAL A 468 -34.74 0.08 0.38
N ARG A 469 -35.98 -0.01 -0.08
CA ARG A 469 -36.84 -1.15 0.24
C ARG A 469 -36.41 -2.36 -0.58
N CYS A 470 -36.37 -2.20 -1.90
CA CYS A 470 -36.14 -3.31 -2.84
C CYS A 470 -34.73 -3.33 -3.45
N GLU A 471 -33.76 -2.75 -2.75
CA GLU A 471 -32.35 -2.76 -3.19
C GLU A 471 -31.34 -3.11 -2.07
N TYR A 472 -31.86 -3.51 -0.90
CA TYR A 472 -31.05 -3.68 0.31
C TYR A 472 -31.62 -4.80 1.15
N VAL A 473 -30.91 -5.20 2.20
CA VAL A 473 -31.38 -6.30 3.04
C VAL A 473 -30.60 -6.43 4.34
N VAL A 474 -31.31 -6.55 5.46
CA VAL A 474 -30.70 -6.64 6.80
C VAL A 474 -29.89 -7.91 7.05
N MET A 475 -28.58 -7.72 7.27
CA MET A 475 -27.62 -8.83 7.46
C MET A 475 -26.95 -8.68 8.82
N SER A 476 -26.57 -9.78 9.43
CA SER A 476 -25.91 -9.75 10.75
C SER A 476 -24.45 -9.29 10.65
N ARG A 477 -23.99 -8.59 11.69
CA ARG A 477 -22.63 -8.07 11.70
C ARG A 477 -21.69 -9.01 12.40
N ILE A 478 -20.80 -9.59 11.60
CA ILE A 478 -19.79 -10.50 12.08
C ILE A 478 -18.46 -9.73 12.19
N GLN A 479 -17.71 -9.98 13.27
CA GLN A 479 -16.42 -9.32 13.46
C GLN A 479 -15.34 -10.07 12.71
N PHE A 480 -15.20 -9.76 11.42
CA PHE A 480 -14.25 -10.46 10.55
C PHE A 480 -12.81 -10.12 10.93
N HIS A 481 -11.92 -11.10 10.73
CA HIS A 481 -10.56 -11.07 11.27
C HIS A 481 -9.65 -10.26 10.38
N VAL A 482 -9.09 -9.20 10.95
CA VAL A 482 -8.05 -8.38 10.31
C VAL A 482 -6.69 -8.89 10.76
N SER A 483 -5.69 -8.81 9.87
CA SER A 483 -4.33 -9.25 10.19
C SER A 483 -3.31 -8.32 9.55
N THR A 484 -2.02 -8.52 9.85
CA THR A 484 -0.92 -7.84 9.15
C THR A 484 -0.26 -8.76 8.12
N GLY A 485 0.24 -8.17 7.04
CA GLY A 485 0.86 -8.95 5.98
C GLY A 485 1.47 -8.06 4.93
N SER A 486 2.67 -8.43 4.49
CA SER A 486 3.43 -7.65 3.51
C SER A 486 2.99 -8.11 2.15
N LEU A 487 3.13 -7.28 1.14
CA LEU A 487 2.78 -7.69 -0.23
C LEU A 487 3.55 -6.90 -1.30
N LEU A 488 3.71 -7.50 -2.47
CA LEU A 488 4.31 -6.84 -3.59
C LEU A 488 3.16 -6.24 -4.40
N ALA A 489 3.14 -4.92 -4.49
CA ALA A 489 2.10 -4.23 -5.25
C ALA A 489 2.67 -3.09 -6.09
N ARG A 490 2.30 -3.11 -7.37
CA ARG A 490 2.71 -2.11 -8.33
C ARG A 490 4.16 -1.73 -8.10
N GLY A 491 5.04 -2.71 -8.03
CA GLY A 491 6.46 -2.41 -7.95
C GLY A 491 7.07 -2.35 -6.56
N ASP A 492 6.36 -1.80 -5.59
CA ASP A 492 6.94 -1.57 -4.25
C ASP A 492 6.42 -2.65 -3.35
N VAL A 493 7.18 -2.93 -2.29
CA VAL A 493 6.68 -3.76 -1.22
C VAL A 493 5.77 -2.90 -0.36
N VAL A 494 4.54 -3.36 -0.17
CA VAL A 494 3.59 -2.65 0.65
C VAL A 494 3.31 -3.53 1.84
N GLN A 495 2.98 -2.93 2.98
CA GLN A 495 2.53 -3.70 4.14
C GLN A 495 1.27 -3.13 4.76
N LEU A 496 0.25 -3.98 4.86
CA LEU A 496 -1.01 -3.59 5.45
C LEU A 496 -0.91 -3.82 6.92
N GLU A 497 -1.10 -2.77 7.70
CA GLU A 497 -0.86 -2.79 9.14
C GLU A 497 -2.13 -3.05 9.91
N ARG A 498 -2.27 -4.28 10.39
CA ARG A 498 -3.43 -4.67 11.20
C ARG A 498 -4.75 -4.30 10.52
N ASN A 499 -4.78 -4.37 9.20
CA ASN A 499 -5.99 -4.17 8.43
C ASN A 499 -5.88 -4.88 7.11
N MET A 500 -5.47 -6.15 7.15
CA MET A 500 -5.53 -7.00 5.96
C MET A 500 -6.50 -8.09 6.31
N CYS A 501 -7.45 -8.33 5.41
CA CYS A 501 -8.43 -9.39 5.63
C CYS A 501 -8.51 -10.30 4.42
N SER A 502 -8.49 -11.60 4.72
CA SER A 502 -8.26 -12.64 3.72
C SER A 502 -9.54 -13.41 3.42
N GLU A 503 -9.80 -13.63 2.13
CA GLU A 503 -10.99 -14.32 1.64
C GLU A 503 -10.59 -15.64 0.95
N VAL A 504 -10.74 -16.76 1.66
CA VAL A 504 -10.42 -18.04 1.10
C VAL A 504 -11.58 -18.43 0.18
N GLY A 505 -11.22 -18.77 -1.07
CA GLY A 505 -12.16 -19.22 -2.10
C GLY A 505 -11.87 -20.65 -2.55
N ILE A 506 -12.71 -21.59 -2.09
CA ILE A 506 -12.59 -22.98 -2.44
C ILE A 506 -13.27 -23.20 -3.79
N PHE A 507 -12.53 -23.64 -4.79
CA PHE A 507 -13.10 -23.99 -6.09
C PHE A 507 -13.79 -25.36 -6.01
N GLY A 508 -14.90 -25.48 -6.72
CA GLY A 508 -15.55 -26.77 -6.93
C GLY A 508 -15.92 -26.94 -8.39
N VAL A 509 -16.08 -28.19 -8.81
CA VAL A 509 -16.61 -28.53 -10.13
C VAL A 509 -17.75 -29.55 -10.02
N ILE A 510 -18.69 -29.46 -10.95
CA ILE A 510 -19.80 -30.40 -11.01
C ILE A 510 -20.21 -30.52 -12.47
N LEU A 511 -20.60 -31.72 -12.85
CA LEU A 511 -21.18 -31.96 -14.17
C LEU A 511 -22.41 -32.82 -13.97
N SER A 512 -23.58 -32.28 -14.30
CA SER A 512 -24.81 -32.96 -13.96
C SER A 512 -25.80 -32.97 -15.12
N ALA A 513 -26.85 -33.77 -14.94
CA ALA A 513 -27.98 -33.84 -15.83
C ALA A 513 -29.27 -33.67 -15.01
N ALA A 514 -30.42 -33.96 -15.63
CA ALA A 514 -31.74 -33.72 -15.01
C ALA A 514 -31.97 -34.65 -13.84
N LYS A 515 -32.70 -34.16 -12.83
CA LYS A 515 -32.76 -34.78 -11.50
C LYS A 515 -33.11 -36.27 -11.50
N GLY A 516 -34.02 -36.67 -12.39
CA GLY A 516 -34.51 -38.04 -12.44
C GLY A 516 -33.95 -38.89 -13.56
N SER A 517 -32.89 -38.41 -14.22
CA SER A 517 -32.17 -39.19 -15.24
C SER A 517 -31.04 -39.98 -14.58
N SER A 518 -30.21 -40.63 -15.37
CA SER A 518 -29.16 -41.48 -14.83
C SER A 518 -27.92 -41.45 -15.69
N VAL A 519 -27.40 -40.25 -15.98
CA VAL A 519 -26.27 -40.11 -16.89
C VAL A 519 -24.90 -40.40 -16.23
N GLY A 520 -24.89 -40.64 -14.92
CA GLY A 520 -23.62 -40.92 -14.22
C GLY A 520 -23.70 -41.81 -12.97
N THR A 521 -22.80 -41.53 -12.02
CA THR A 521 -22.56 -42.36 -10.82
C THR A 521 -23.79 -42.95 -10.13
N ASN A 522 -23.90 -44.28 -10.14
CA ASN A 522 -24.99 -44.97 -9.45
C ASN A 522 -26.35 -44.40 -9.85
N GLY A 523 -26.57 -44.28 -11.15
CA GLY A 523 -27.80 -43.74 -11.70
C GLY A 523 -28.18 -42.37 -11.17
N SER A 524 -27.24 -41.67 -10.52
CA SER A 524 -27.50 -40.33 -10.04
C SER A 524 -27.34 -39.43 -11.23
N SER A 525 -28.03 -38.29 -11.18
CA SER A 525 -27.94 -37.27 -12.23
C SER A 525 -26.56 -36.63 -12.32
N VAL A 526 -25.70 -36.86 -11.33
CA VAL A 526 -24.43 -36.15 -11.21
C VAL A 526 -23.21 -37.04 -11.58
N LEU A 527 -22.57 -36.68 -12.70
CA LEU A 527 -21.38 -37.37 -13.21
C LEU A 527 -20.18 -37.21 -12.29
N PHE A 528 -19.78 -35.96 -12.04
CA PHE A 528 -18.79 -35.68 -11.01
C PHE A 528 -19.17 -34.45 -10.24
N ASN A 529 -18.81 -34.45 -8.95
CA ASN A 529 -19.01 -33.31 -8.07
C ASN A 529 -17.91 -33.26 -7.02
N THR A 530 -16.93 -32.37 -7.19
CA THR A 530 -15.73 -32.40 -6.34
C THR A 530 -15.11 -31.04 -6.03
N PHE A 531 -14.65 -30.91 -4.80
CA PHE A 531 -13.70 -29.88 -4.43
C PHE A 531 -12.69 -29.80 -5.55
N ALA A 532 -12.44 -28.61 -6.06
CA ALA A 532 -11.55 -28.45 -7.19
C ALA A 532 -10.44 -27.49 -6.84
N GLY A 533 -9.85 -27.65 -5.65
CA GLY A 533 -8.80 -26.72 -5.20
C GLY A 533 -9.31 -25.42 -4.59
N TYR A 534 -8.44 -24.42 -4.50
CA TYR A 534 -8.72 -23.19 -3.72
C TYR A 534 -7.81 -22.03 -4.08
N THR A 535 -8.28 -20.82 -3.75
CA THR A 535 -7.49 -19.61 -3.85
C THR A 535 -7.83 -18.71 -2.70
N VAL A 536 -6.96 -17.75 -2.43
CA VAL A 536 -7.18 -16.80 -1.36
C VAL A 536 -6.90 -15.41 -1.85
N ARG A 537 -7.72 -14.45 -1.41
CA ARG A 537 -7.56 -13.06 -1.80
C ARG A 537 -7.52 -12.18 -0.59
N SER A 538 -6.50 -11.32 -0.55
CA SER A 538 -6.22 -10.51 0.61
C SER A 538 -6.07 -9.06 0.19
N LYS A 539 -6.68 -8.20 0.98
CA LYS A 539 -6.84 -6.79 0.65
C LYS A 539 -7.10 -6.03 1.95
N PRO A 540 -6.92 -4.71 1.90
CA PRO A 540 -7.07 -3.99 3.14
C PRO A 540 -8.51 -4.08 3.63
N ALA A 541 -8.73 -3.96 4.92
CA ALA A 541 -10.08 -3.81 5.44
C ALA A 541 -10.74 -2.54 4.86
N ASP A 542 -9.93 -1.47 4.73
CA ASP A 542 -10.34 -0.14 4.22
C ASP A 542 -11.12 -0.05 2.92
N ALA A 543 -11.16 -1.11 2.13
CA ALA A 543 -11.94 -1.15 0.88
C ALA A 543 -11.26 -0.36 -0.23
N VAL A 552 -8.24 -3.12 -6.21
CA VAL A 552 -6.92 -3.32 -5.62
C VAL A 552 -6.97 -4.47 -4.60
N ALA A 553 -6.74 -5.71 -5.07
CA ALA A 553 -6.68 -6.91 -4.21
C ALA A 553 -5.28 -7.57 -4.27
N ALA A 554 -5.12 -8.76 -3.67
CA ALA A 554 -3.86 -9.50 -3.82
C ALA A 554 -4.05 -11.02 -3.68
N LEU A 555 -3.35 -11.79 -4.51
CA LEU A 555 -3.44 -13.25 -4.47
C LEU A 555 -2.65 -13.78 -3.27
N ASP A 556 -3.09 -14.93 -2.74
CA ASP A 556 -2.49 -15.52 -1.56
C ASP A 556 -2.47 -17.06 -1.69
N SER A 557 -1.73 -17.72 -0.82
CA SER A 557 -1.67 -19.16 -0.77
C SER A 557 -2.25 -19.42 0.58
N LEU A 558 -2.13 -20.65 1.08
CA LEU A 558 -2.58 -21.00 2.42
C LEU A 558 -1.55 -21.87 3.10
N ALA A 559 -1.26 -21.63 4.37
CA ALA A 559 -0.39 -22.54 5.12
C ALA A 559 -1.25 -23.24 6.14
N VAL A 560 -1.13 -24.56 6.20
CA VAL A 560 -2.04 -25.38 6.97
C VAL A 560 -1.38 -25.81 8.28
N VAL A 561 -1.77 -25.18 9.38
CA VAL A 561 -1.37 -25.64 10.73
C VAL A 561 -2.21 -26.87 11.09
N PRO A 562 -1.59 -27.90 11.71
CA PRO A 562 -2.32 -29.10 12.11
C PRO A 562 -2.66 -29.14 13.61
N HIS B 7 9.30 -29.17 -43.99
CA HIS B 7 8.63 -28.04 -44.73
C HIS B 7 8.38 -26.84 -43.77
N MET B 8 7.11 -26.46 -43.59
CA MET B 8 6.72 -25.20 -42.96
C MET B 8 5.74 -25.43 -41.81
N VAL B 9 5.86 -24.60 -40.76
CA VAL B 9 4.89 -24.56 -39.69
C VAL B 9 3.77 -23.58 -40.07
N LEU B 10 4.16 -22.35 -40.42
CA LEU B 10 3.20 -21.31 -40.86
C LEU B 10 2.23 -21.81 -41.93
N LYS B 11 2.72 -22.64 -42.85
CA LYS B 11 1.88 -23.21 -43.88
C LYS B 11 0.91 -24.24 -43.27
N LEU B 12 1.43 -25.08 -42.39
CA LEU B 12 0.55 -26.04 -41.72
C LEU B 12 -0.50 -25.35 -40.84
N LEU B 13 -0.12 -24.25 -40.21
CA LEU B 13 -1.06 -23.42 -39.45
C LEU B 13 -2.17 -22.83 -40.32
N LEU B 14 -1.90 -22.64 -41.62
CA LEU B 14 -2.91 -22.10 -42.52
C LEU B 14 -3.92 -23.15 -42.94
N GLU B 15 -3.43 -24.22 -43.55
CA GLU B 15 -4.28 -25.29 -44.11
C GLU B 15 -5.13 -26.00 -43.04
N LEU B 16 -4.65 -25.99 -41.79
CA LEU B 16 -5.38 -26.57 -40.64
C LEU B 16 -6.22 -25.53 -39.86
N GLY B 17 -6.25 -24.30 -40.33
CA GLY B 17 -7.22 -23.31 -39.85
C GLY B 17 -6.94 -22.70 -38.49
N ALA B 18 -5.68 -22.75 -38.08
CA ALA B 18 -5.25 -22.21 -36.78
C ALA B 18 -5.61 -20.75 -36.75
N GLU B 19 -5.75 -20.23 -35.53
CA GLU B 19 -6.50 -19.02 -35.30
C GLU B 19 -5.97 -18.35 -34.05
N ARG B 20 -5.75 -17.04 -34.12
CA ARG B 20 -5.20 -16.28 -33.00
C ARG B 20 -4.00 -17.04 -32.42
N TYR B 21 -3.10 -17.49 -33.29
CA TYR B 21 -1.94 -18.32 -32.86
C TYR B 21 -0.78 -17.46 -32.36
N ALA B 22 -0.54 -16.32 -33.02
CA ALA B 22 0.34 -15.27 -32.47
C ALA B 22 0.00 -14.95 -31.00
N GLU B 23 -1.26 -14.60 -30.76
CA GLU B 23 -1.76 -14.31 -29.43
C GLU B 23 -1.46 -15.46 -28.48
N GLN B 24 -1.60 -16.69 -28.99
CA GLN B 24 -1.48 -17.92 -28.17
C GLN B 24 -0.07 -18.27 -27.80
N PHE B 25 0.83 -18.09 -28.75
CA PHE B 25 2.23 -18.34 -28.52
C PHE B 25 2.86 -17.30 -27.60
N ALA B 26 2.35 -16.06 -27.65
CA ALA B 26 2.83 -15.04 -26.75
C ALA B 26 2.49 -15.48 -25.34
N ALA B 27 1.36 -16.15 -25.21
CA ALA B 27 0.84 -16.51 -23.91
C ALA B 27 1.67 -17.60 -23.30
N LYS B 28 2.06 -18.58 -24.11
CA LYS B 28 2.95 -19.65 -23.66
C LYS B 28 4.32 -19.07 -23.28
N CYS B 29 4.77 -18.06 -24.00
CA CYS B 29 6.05 -17.41 -23.67
C CYS B 29 6.02 -16.84 -22.26
N HIS B 30 4.94 -16.16 -21.92
CA HIS B 30 4.81 -15.60 -20.58
C HIS B 30 4.62 -16.67 -19.55
N GLU B 31 3.90 -17.73 -19.90
CA GLU B 31 3.67 -18.83 -18.98
C GLU B 31 4.99 -19.47 -18.48
N LEU B 32 5.95 -19.60 -19.40
CA LEU B 32 7.20 -20.29 -19.12
C LEU B 32 8.25 -19.31 -18.65
N GLY B 33 7.96 -18.02 -18.85
CA GLY B 33 8.84 -16.95 -18.39
C GLY B 33 9.97 -16.74 -19.36
N MET B 34 9.68 -16.98 -20.64
CA MET B 34 10.56 -16.68 -21.76
C MET B 34 10.38 -15.22 -22.16
N VAL B 35 10.85 -14.30 -21.33
CA VAL B 35 10.57 -12.90 -21.57
C VAL B 35 11.79 -12.01 -21.46
N MET B 36 11.63 -10.81 -21.98
CA MET B 36 12.64 -9.78 -21.88
C MET B 36 11.94 -8.52 -21.44
N LYS B 37 12.70 -7.61 -20.86
CA LYS B 37 12.16 -6.32 -20.47
C LYS B 37 11.92 -5.61 -21.77
N GLU B 38 10.81 -4.89 -21.85
CA GLU B 38 10.53 -4.07 -23.02
C GLU B 38 11.45 -2.83 -23.01
N SER B 39 11.05 -1.76 -23.68
CA SER B 39 11.92 -0.60 -23.79
C SER B 39 11.52 0.49 -22.78
N ALA B 40 10.23 0.84 -22.73
CA ALA B 40 9.76 1.79 -21.73
C ALA B 40 9.56 1.05 -20.41
N GLY B 41 10.53 1.19 -19.51
CA GLY B 41 10.40 0.72 -18.13
C GLY B 41 10.07 -0.77 -17.90
N PRO B 42 9.05 -1.06 -17.05
CA PRO B 42 8.96 -2.32 -16.30
C PRO B 42 8.28 -3.51 -16.96
N GLY B 43 7.54 -3.27 -18.03
CA GLY B 43 6.80 -4.35 -18.64
C GLY B 43 7.73 -5.38 -19.22
N ARG B 44 7.33 -6.64 -19.17
CA ARG B 44 8.07 -7.72 -19.85
C ARG B 44 7.26 -8.19 -21.07
N VAL B 45 7.97 -8.57 -22.14
CA VAL B 45 7.35 -9.07 -23.38
C VAL B 45 8.08 -10.32 -23.83
N PRO B 46 7.52 -11.10 -24.76
CA PRO B 46 8.17 -12.35 -25.12
C PRO B 46 9.47 -12.16 -25.89
N VAL B 47 10.48 -12.99 -25.57
CA VAL B 47 11.71 -13.04 -26.34
C VAL B 47 11.38 -13.48 -27.76
N PRO B 48 12.23 -13.11 -28.73
CA PRO B 48 11.97 -13.63 -30.06
C PRO B 48 12.38 -15.09 -30.03
N VAL B 49 11.47 -15.97 -30.46
CA VAL B 49 11.74 -17.40 -30.55
C VAL B 49 11.24 -17.98 -31.87
N THR B 50 11.94 -18.99 -32.36
CA THR B 50 11.57 -19.74 -33.56
C THR B 50 10.30 -20.55 -33.34
N LEU B 51 9.45 -20.62 -34.36
CA LEU B 51 8.27 -21.49 -34.31
C LEU B 51 8.55 -22.99 -34.58
N GLN B 52 9.83 -23.37 -34.70
CA GLN B 52 10.22 -24.77 -34.82
C GLN B 52 11.71 -25.03 -34.46
N PRO B 53 12.01 -26.26 -34.03
CA PRO B 53 13.37 -26.57 -33.63
C PRO B 53 14.28 -26.72 -34.81
N SER B 54 15.58 -26.49 -34.57
CA SER B 54 16.65 -26.78 -35.52
C SER B 54 17.03 -28.26 -35.38
N MET B 55 17.37 -28.90 -36.50
CA MET B 55 17.56 -30.34 -36.54
C MET B 55 19.04 -30.73 -36.38
N ILE B 56 19.29 -31.88 -35.76
CA ILE B 56 20.64 -32.42 -35.70
C ILE B 56 20.64 -33.95 -35.65
N SER B 57 21.72 -34.58 -36.08
CA SER B 57 21.86 -36.01 -35.87
C SER B 57 22.35 -36.27 -34.45
N ARG B 58 21.95 -37.42 -33.89
CA ARG B 58 22.41 -37.79 -32.55
C ARG B 58 23.93 -37.86 -32.52
N GLY B 59 24.52 -38.44 -33.57
CA GLY B 59 25.97 -38.46 -33.74
C GLY B 59 26.59 -37.06 -33.65
N GLU B 60 26.30 -36.21 -34.63
CA GLU B 60 26.84 -34.86 -34.70
C GLU B 60 26.66 -34.08 -33.41
N PHE B 61 25.45 -34.12 -32.85
CA PHE B 61 25.17 -33.51 -31.54
C PHE B 61 26.15 -34.06 -30.53
N GLY B 62 26.22 -35.38 -30.48
CA GLY B 62 27.15 -36.11 -29.62
C GLY B 62 28.55 -35.55 -29.59
N THR B 63 29.22 -35.52 -30.75
CA THR B 63 30.58 -35.02 -30.81
C THR B 63 30.64 -33.56 -30.31
N LEU B 64 29.68 -32.73 -30.73
CA LEU B 64 29.63 -31.34 -30.28
C LEU B 64 29.66 -31.18 -28.74
N CYS B 65 28.77 -31.91 -28.09
CA CYS B 65 28.70 -31.98 -26.63
C CYS B 65 30.01 -32.50 -26.03
N CYS B 66 30.48 -33.62 -26.55
CA CYS B 66 31.68 -34.27 -26.02
C CYS B 66 32.98 -33.53 -26.30
N MET B 67 32.98 -32.57 -27.22
CA MET B 67 34.19 -31.76 -27.50
C MET B 67 34.32 -30.54 -26.58
N GLN B 68 33.22 -30.18 -25.91
CA GLN B 68 33.21 -28.95 -25.13
C GLN B 68 34.24 -28.92 -23.99
N PRO B 69 34.57 -30.11 -23.45
CA PRO B 69 35.68 -30.13 -22.49
C PRO B 69 37.05 -29.93 -23.13
N LEU B 70 37.18 -30.15 -24.43
CA LEU B 70 38.43 -29.81 -25.10
C LEU B 70 38.46 -28.32 -25.45
N TRP B 71 37.30 -27.72 -25.67
CA TRP B 71 37.25 -26.26 -25.87
C TRP B 71 37.51 -25.54 -24.57
N ASN B 72 37.02 -26.11 -23.46
CA ASN B 72 37.26 -25.55 -22.13
C ASN B 72 38.74 -25.61 -21.74
N GLU B 73 39.39 -26.74 -22.03
CA GLU B 73 40.80 -26.90 -21.70
C GLU B 73 41.65 -26.07 -22.64
N ALA B 74 41.25 -26.01 -23.90
CA ALA B 74 41.94 -25.19 -24.86
C ALA B 74 42.01 -23.80 -24.29
N VAL B 75 40.88 -23.26 -23.85
CA VAL B 75 40.84 -21.88 -23.35
C VAL B 75 41.66 -21.73 -22.09
N ASP B 76 41.49 -22.69 -21.18
CA ASP B 76 42.15 -22.68 -19.86
C ASP B 76 43.68 -22.53 -19.92
N ASN B 77 44.31 -23.18 -20.88
CA ASN B 77 45.75 -23.15 -20.98
C ASN B 77 46.23 -21.93 -21.74
N THR B 78 45.52 -21.57 -22.80
CA THR B 78 45.85 -20.35 -23.54
C THR B 78 45.68 -19.10 -22.66
N ALA B 79 44.62 -19.08 -21.86
CA ALA B 79 44.47 -18.06 -20.83
C ALA B 79 45.65 -18.07 -19.82
N ARG B 80 45.90 -19.20 -19.16
CA ARG B 80 46.83 -19.25 -18.01
C ARG B 80 48.31 -19.05 -18.32
N ASN B 81 48.67 -19.01 -19.60
CA ASN B 81 50.04 -18.68 -20.05
C ASN B 81 50.02 -17.20 -20.51
N PHE B 82 50.12 -16.33 -19.51
CA PHE B 82 49.83 -14.90 -19.64
C PHE B 82 50.76 -14.22 -20.66
N THR B 83 52.06 -14.46 -20.52
CA THR B 83 53.06 -14.06 -21.51
C THR B 83 52.50 -14.16 -22.92
N PHE B 84 52.04 -15.36 -23.28
CA PHE B 84 51.48 -15.58 -24.61
C PHE B 84 50.42 -14.56 -24.94
N LEU B 85 49.52 -14.31 -23.99
CA LEU B 85 48.45 -13.34 -24.20
C LEU B 85 49.00 -11.93 -24.50
N ARG B 86 49.73 -11.35 -23.55
CA ARG B 86 50.16 -9.97 -23.71
C ARG B 86 50.95 -9.80 -25.00
N ASP B 87 51.73 -10.81 -25.34
CA ASP B 87 52.41 -10.85 -26.63
C ASP B 87 51.36 -10.89 -27.77
N ALA B 88 50.46 -11.85 -27.72
CA ALA B 88 49.45 -12.02 -28.77
C ALA B 88 48.72 -10.72 -29.10
N LEU B 89 48.34 -9.98 -28.07
CA LEU B 89 47.52 -8.78 -28.23
C LEU B 89 48.33 -7.48 -28.11
N GLN B 90 49.63 -7.53 -28.38
CA GLN B 90 50.45 -6.31 -28.35
C GLN B 90 49.91 -5.28 -29.35
N GLU B 91 49.85 -5.63 -30.64
CA GLU B 91 49.43 -4.68 -31.70
C GLU B 91 47.94 -4.35 -31.67
N THR B 92 47.13 -5.24 -31.10
CA THR B 92 45.74 -4.89 -30.78
C THR B 92 45.72 -3.78 -29.73
N ALA B 93 46.54 -3.94 -28.69
CA ALA B 93 46.72 -2.93 -27.62
C ALA B 93 47.50 -1.67 -28.07
N ALA B 94 48.23 -1.76 -29.17
CA ALA B 94 48.77 -0.57 -29.83
C ALA B 94 47.60 0.27 -30.34
N SER B 95 46.50 -0.38 -30.72
CA SER B 95 45.22 0.29 -30.93
C SER B 95 44.42 0.26 -29.62
N ASP B 96 43.28 0.95 -29.61
CA ASP B 96 42.37 0.94 -28.45
C ASP B 96 43.07 1.18 -27.12
N VAL B 97 44.08 2.05 -27.11
CA VAL B 97 44.87 2.33 -25.90
C VAL B 97 44.02 2.35 -24.61
N ASN B 98 42.74 2.75 -24.74
CA ASN B 98 41.83 2.90 -23.61
C ASN B 98 40.85 1.74 -23.38
N PHE B 99 40.83 0.73 -24.26
CA PHE B 99 39.93 -0.46 -24.09
C PHE B 99 40.64 -1.83 -24.06
N THR B 100 41.10 -2.31 -25.22
CA THR B 100 41.93 -3.51 -25.24
C THR B 100 43.26 -3.19 -24.54
N GLY B 101 43.71 -1.96 -24.69
CA GLY B 101 44.93 -1.47 -24.06
C GLY B 101 44.85 -1.21 -22.56
N LYS B 102 43.63 -1.06 -22.04
CA LYS B 102 43.43 -1.00 -20.59
C LYS B 102 43.16 -2.39 -20.04
N LEU B 103 42.54 -3.24 -20.85
CA LEU B 103 42.32 -4.64 -20.46
C LEU B 103 43.64 -5.41 -20.43
N LEU B 104 44.45 -5.23 -21.46
CA LEU B 104 45.75 -5.87 -21.47
C LEU B 104 46.60 -5.31 -20.33
N ASN B 105 46.30 -4.08 -19.91
CA ASN B 105 46.94 -3.50 -18.73
C ASN B 105 46.72 -4.31 -17.46
N MET B 106 45.45 -4.61 -17.17
CA MET B 106 45.14 -5.37 -15.97
C MET B 106 45.88 -6.68 -16.00
N LEU B 107 45.84 -7.36 -17.15
CA LEU B 107 46.60 -8.59 -17.32
C LEU B 107 48.01 -8.38 -16.82
N GLN B 108 48.69 -7.36 -17.36
CA GLN B 108 50.04 -7.05 -16.92
C GLN B 108 50.10 -6.95 -15.40
N GLU B 109 49.30 -6.03 -14.86
CA GLU B 109 49.53 -5.55 -13.50
C GLU B 109 49.13 -6.53 -12.39
N VAL B 110 48.19 -7.40 -12.67
CA VAL B 110 47.70 -8.36 -11.67
C VAL B 110 48.54 -9.64 -11.74
N TYR B 111 48.74 -10.14 -12.97
CA TYR B 111 49.27 -11.49 -13.19
C TYR B 111 50.78 -11.52 -13.48
N LEU B 112 51.28 -10.48 -14.15
CA LEU B 112 52.69 -10.46 -14.59
C LEU B 112 53.57 -9.53 -13.78
N SER B 113 52.96 -8.52 -13.15
CA SER B 113 53.72 -7.54 -12.34
C SER B 113 54.38 -8.17 -11.09
N GLY B 114 53.92 -9.36 -10.71
CA GLY B 114 54.52 -10.12 -9.62
C GLY B 114 53.83 -9.94 -8.27
N GLY B 115 52.63 -9.35 -8.27
CA GLY B 115 51.78 -9.33 -7.07
C GLY B 115 51.09 -10.67 -7.05
N PRO B 116 50.68 -11.16 -5.87
CA PRO B 116 49.95 -12.42 -5.80
C PRO B 116 48.55 -12.31 -6.40
N PHE B 117 47.97 -13.44 -6.79
CA PHE B 117 46.64 -13.42 -7.39
C PHE B 117 45.82 -14.68 -7.14
N GLN B 118 44.49 -14.52 -7.10
CA GLN B 118 43.58 -15.66 -6.99
C GLN B 118 43.84 -16.54 -8.19
N GLN B 119 44.48 -17.67 -7.90
CA GLN B 119 44.81 -18.64 -8.90
C GLN B 119 43.57 -19.39 -9.44
N LEU B 120 42.48 -19.42 -8.66
CA LEU B 120 41.25 -20.13 -9.07
C LEU B 120 40.42 -19.31 -10.04
N MET B 121 40.02 -19.94 -11.16
CA MET B 121 39.27 -19.28 -12.20
C MET B 121 38.09 -20.11 -12.68
N LEU B 122 36.86 -19.60 -12.47
CA LEU B 122 35.63 -20.22 -12.99
C LEU B 122 35.45 -19.87 -14.45
N GLY B 123 34.79 -20.74 -15.21
CA GLY B 123 34.56 -20.48 -16.64
C GLY B 123 33.18 -20.94 -17.08
N ILE B 124 32.38 -20.00 -17.60
CA ILE B 124 31.08 -20.31 -18.18
C ILE B 124 31.15 -19.89 -19.61
N PHE B 125 31.43 -20.86 -20.48
CA PHE B 125 31.70 -20.62 -21.91
C PHE B 125 30.59 -21.06 -22.83
N ARG B 126 30.75 -20.69 -24.09
CA ARG B 126 29.87 -21.18 -25.12
C ARG B 126 30.67 -21.20 -26.38
N THR B 127 30.71 -22.37 -27.02
CA THR B 127 31.39 -22.53 -28.29
C THR B 127 30.31 -22.58 -29.35
N ASP B 128 30.17 -21.51 -30.12
CA ASP B 128 29.20 -21.51 -31.19
C ASP B 128 29.72 -22.25 -32.42
N TYR B 129 28.80 -22.96 -33.08
CA TYR B 129 29.10 -23.59 -34.34
C TYR B 129 28.04 -23.26 -35.37
N MET B 130 28.35 -23.63 -36.60
CA MET B 130 27.42 -23.58 -37.73
C MET B 130 27.77 -24.72 -38.67
N ARG B 131 26.75 -25.35 -39.25
CA ARG B 131 26.98 -26.52 -40.09
C ARG B 131 27.13 -26.14 -41.54
N GLU B 132 28.17 -26.67 -42.20
CA GLU B 132 28.31 -26.58 -43.66
C GLU B 132 27.03 -27.00 -44.39
N GLY B 133 26.88 -26.57 -45.64
CA GLY B 133 25.76 -26.97 -46.48
C GLY B 133 26.24 -27.49 -47.81
N VAL B 134 27.38 -28.20 -47.79
CA VAL B 134 28.05 -28.62 -49.04
C VAL B 134 27.39 -29.88 -49.62
N ARG B 145 32.64 -30.68 -40.52
CA ARG B 145 31.24 -30.54 -40.96
C ARG B 145 30.53 -29.50 -40.11
N TRP B 146 30.70 -29.61 -38.80
CA TRP B 146 30.26 -28.58 -37.88
C TRP B 146 31.41 -27.63 -37.58
N LYS B 147 31.41 -26.47 -38.23
CA LYS B 147 32.48 -25.51 -38.05
C LYS B 147 32.21 -24.60 -36.88
N ASN B 148 33.27 -24.28 -36.15
CA ASN B 148 33.20 -23.35 -35.05
C ASN B 148 33.30 -21.95 -35.61
N VAL B 149 32.35 -21.10 -35.23
CA VAL B 149 32.27 -19.74 -35.77
C VAL B 149 32.57 -18.72 -34.68
N GLU B 150 32.27 -19.04 -33.42
CA GLU B 150 32.53 -18.11 -32.34
C GLU B 150 32.89 -18.81 -31.02
N ILE B 151 33.88 -18.25 -30.33
CA ILE B 151 34.28 -18.73 -29.00
C ILE B 151 33.97 -17.64 -27.95
N ASN B 152 33.19 -17.98 -26.92
CA ASN B 152 32.65 -16.95 -26.00
C ASN B 152 32.78 -17.32 -24.54
N THR B 153 33.46 -16.45 -23.78
CA THR B 153 33.88 -16.75 -22.42
C THR B 153 33.43 -15.74 -21.38
N ILE B 154 32.96 -14.59 -21.86
CA ILE B 154 32.45 -13.52 -21.02
C ILE B 154 30.93 -13.41 -21.13
N SER B 155 30.25 -13.33 -19.98
CA SER B 155 28.83 -13.04 -19.95
C SER B 155 28.02 -13.78 -21.03
N CYS B 156 28.18 -15.10 -21.11
CA CYS B 156 27.43 -15.92 -22.07
C CYS B 156 25.95 -15.96 -21.75
N SER B 157 25.13 -15.74 -22.77
CA SER B 157 23.67 -15.60 -22.61
C SER B 157 22.87 -16.86 -22.96
N PHE B 158 21.65 -16.91 -22.40
CA PHE B 158 20.66 -17.95 -22.67
C PHE B 158 21.01 -19.33 -22.06
N ALA B 159 21.78 -19.34 -20.99
CA ALA B 159 22.01 -20.56 -20.26
C ALA B 159 20.84 -20.80 -19.31
N GLY B 160 20.05 -19.75 -19.06
CA GLY B 160 18.87 -19.83 -18.22
C GLY B 160 17.60 -20.07 -19.02
N LEU B 161 17.53 -19.49 -20.21
CA LEU B 161 16.32 -19.55 -21.01
C LEU B 161 16.29 -20.76 -21.94
N SER B 162 17.40 -21.44 -22.16
CA SER B 162 17.44 -22.47 -23.19
C SER B 162 16.69 -23.74 -22.88
N PRO B 163 16.49 -24.08 -21.60
CA PRO B 163 15.66 -25.24 -21.32
C PRO B 163 14.19 -24.97 -21.63
N LEU B 164 13.83 -23.70 -21.72
CA LEU B 164 12.46 -23.32 -21.85
C LEU B 164 12.07 -23.41 -23.29
N ILE B 165 13.02 -23.26 -24.19
CA ILE B 165 12.66 -23.25 -25.60
C ILE B 165 12.15 -24.64 -25.99
N THR B 166 12.70 -25.68 -25.39
CA THR B 166 12.20 -27.03 -25.62
C THR B 166 10.75 -27.14 -25.21
N GLU B 167 10.39 -26.52 -24.09
CA GLU B 167 9.01 -26.48 -23.66
C GLU B 167 8.14 -25.61 -24.57
N PHE B 168 8.70 -24.57 -25.14
CA PHE B 168 7.94 -23.80 -26.07
C PHE B 168 7.60 -24.63 -27.31
N HIS B 169 8.59 -25.33 -27.84
CA HIS B 169 8.39 -26.15 -29.05
C HIS B 169 7.55 -27.37 -28.78
N GLN B 170 7.68 -27.96 -27.59
CA GLN B 170 6.81 -29.06 -27.15
C GLN B 170 5.32 -28.70 -27.34
N HIS B 171 5.01 -27.42 -27.12
CA HIS B 171 3.65 -26.89 -27.22
C HIS B 171 3.21 -26.82 -28.65
N ILE B 172 3.97 -26.13 -29.47
CA ILE B 172 3.65 -26.09 -30.89
C ILE B 172 3.38 -27.52 -31.41
N ALA B 173 4.22 -28.47 -31.01
CA ALA B 173 4.09 -29.84 -31.46
C ALA B 173 2.72 -30.41 -31.06
N ALA B 174 2.27 -30.16 -29.84
CA ALA B 174 0.97 -30.68 -29.39
C ALA B 174 -0.17 -29.87 -30.02
N TYR B 175 0.02 -28.57 -30.24
CA TYR B 175 -0.99 -27.76 -30.93
C TYR B 175 -1.19 -28.29 -32.34
N LEU B 176 -0.11 -28.39 -33.11
CA LEU B 176 -0.20 -28.92 -34.47
C LEU B 176 -0.78 -30.32 -34.44
N GLN B 177 -0.38 -31.13 -33.47
CA GLN B 177 -0.93 -32.47 -33.33
C GLN B 177 -2.43 -32.44 -33.14
N VAL B 178 -2.89 -31.68 -32.16
CA VAL B 178 -4.31 -31.57 -31.93
C VAL B 178 -4.98 -30.98 -33.17
N LEU B 179 -4.31 -30.05 -33.86
CA LEU B 179 -4.89 -29.39 -35.02
C LEU B 179 -5.13 -30.34 -36.19
N GLN B 180 -4.27 -31.33 -36.35
CA GLN B 180 -4.40 -32.28 -37.45
C GLN B 180 -5.59 -33.20 -37.19
N LYS B 181 -5.54 -33.93 -36.09
CA LYS B 181 -6.64 -34.80 -35.70
C LYS B 181 -8.01 -34.14 -35.88
N ALA B 182 -8.14 -32.86 -35.52
CA ALA B 182 -9.41 -32.13 -35.57
C ALA B 182 -9.86 -31.89 -37.00
N ARG B 183 -8.96 -31.41 -37.85
CA ARG B 183 -9.28 -31.28 -39.25
C ARG B 183 -9.17 -32.64 -39.97
N GLY B 184 -9.04 -33.74 -39.21
CA GLY B 184 -9.34 -35.09 -39.70
C GLY B 184 -8.22 -35.89 -40.37
N LYS B 185 -6.98 -35.45 -40.18
CA LYS B 185 -5.83 -36.01 -40.86
C LYS B 185 -4.97 -36.83 -39.86
N GLU B 186 -3.75 -37.19 -40.26
CA GLU B 186 -2.85 -38.00 -39.43
C GLU B 186 -1.39 -37.97 -39.91
N ASP B 187 -0.51 -38.60 -39.13
CA ASP B 187 0.95 -38.44 -39.29
C ASP B 187 1.59 -38.94 -40.60
N ASP B 188 0.93 -39.83 -41.35
CA ASP B 188 1.50 -40.38 -42.60
C ASP B 188 1.98 -39.31 -43.59
N ASP B 189 1.35 -38.13 -43.54
CA ASP B 189 1.67 -37.00 -44.43
C ASP B 189 2.97 -36.30 -43.99
N GLY B 190 2.92 -35.64 -42.84
CA GLY B 190 4.09 -34.96 -42.26
C GLY B 190 5.15 -35.88 -41.66
N VAL B 191 4.89 -37.20 -41.68
CA VAL B 191 5.89 -38.22 -41.26
C VAL B 191 7.27 -37.93 -41.85
N GLU B 192 7.36 -38.01 -43.18
CA GLU B 192 8.63 -37.83 -43.91
C GLU B 192 8.93 -36.34 -44.23
N ASN B 193 8.23 -35.42 -43.55
CA ASN B 193 8.48 -33.98 -43.65
C ASN B 193 9.16 -33.45 -42.38
N MET B 194 8.39 -33.40 -41.29
CA MET B 194 8.82 -32.90 -39.98
C MET B 194 8.47 -33.98 -38.95
N SER B 195 9.48 -34.61 -38.36
CA SER B 195 9.24 -35.75 -37.48
C SER B 195 9.08 -35.35 -36.01
N TRP B 196 9.73 -34.26 -35.63
CA TRP B 196 9.60 -33.69 -34.28
C TRP B 196 8.13 -33.41 -33.86
N ILE B 197 7.29 -33.04 -34.84
CA ILE B 197 5.89 -32.68 -34.59
C ILE B 197 5.11 -33.80 -33.91
N TRP B 198 5.41 -35.04 -34.30
CA TRP B 198 4.66 -36.21 -33.84
C TRP B 198 5.47 -37.13 -32.90
N GLY B 199 4.80 -38.16 -32.38
CA GLY B 199 5.43 -39.15 -31.50
C GLY B 199 6.18 -40.23 -32.27
N LYS B 200 7.45 -39.97 -32.55
CA LYS B 200 8.28 -40.86 -33.36
C LYS B 200 9.71 -40.91 -32.79
N GLY B 201 10.15 -42.11 -32.41
CA GLY B 201 11.46 -42.31 -31.78
C GLY B 201 12.63 -41.78 -32.59
N ASN B 202 12.51 -41.88 -33.92
CA ASN B 202 13.50 -41.32 -34.84
C ASN B 202 13.61 -39.79 -34.80
N CYS B 203 12.95 -39.14 -33.82
CA CYS B 203 13.19 -37.72 -33.53
C CYS B 203 12.72 -37.33 -32.13
N ARG B 204 13.47 -36.43 -31.47
CA ARG B 204 13.22 -36.11 -30.07
C ARG B 204 13.85 -34.78 -29.66
N LEU B 205 13.03 -33.86 -29.16
CA LEU B 205 13.50 -32.54 -28.73
C LEU B 205 14.36 -32.66 -27.47
N GLU B 206 15.59 -32.17 -27.54
CA GLU B 206 16.54 -32.35 -26.45
C GLU B 206 16.51 -31.11 -25.57
N ARG B 207 16.28 -31.31 -24.28
CA ARG B 207 16.19 -30.17 -23.36
C ARG B 207 17.56 -29.77 -22.83
N SER B 208 17.95 -28.52 -23.10
CA SER B 208 19.22 -27.99 -22.59
C SER B 208 19.37 -28.20 -21.10
N VAL B 209 20.43 -28.93 -20.76
CA VAL B 209 20.81 -29.11 -19.37
C VAL B 209 21.48 -27.86 -18.76
N SER B 210 21.66 -26.80 -19.56
CA SER B 210 22.36 -25.61 -19.10
C SER B 210 21.75 -24.98 -17.85
N GLY B 211 20.42 -24.98 -17.75
CA GLY B 211 19.76 -24.32 -16.63
C GLY B 211 20.08 -24.92 -15.26
N ASP B 212 20.57 -26.17 -15.28
CA ASP B 212 20.98 -26.91 -14.07
C ASP B 212 22.51 -26.91 -13.85
N VAL B 213 23.24 -27.19 -14.92
CA VAL B 213 24.66 -27.34 -14.82
C VAL B 213 25.33 -26.02 -14.40
N VAL B 214 24.87 -24.91 -14.96
CA VAL B 214 25.60 -23.67 -14.79
C VAL B 214 25.43 -23.10 -13.38
N PRO B 215 24.20 -23.00 -12.88
CA PRO B 215 24.05 -22.74 -11.46
C PRO B 215 24.98 -23.60 -10.60
N LYS B 216 25.04 -24.91 -10.84
CA LYS B 216 25.85 -25.77 -9.98
C LYS B 216 27.31 -25.40 -10.12
N ALA B 217 27.71 -25.05 -11.34
CA ALA B 217 29.08 -24.62 -11.58
C ALA B 217 29.41 -23.47 -10.63
N ILE B 218 28.55 -22.44 -10.63
CA ILE B 218 28.75 -21.25 -9.80
C ILE B 218 28.81 -21.62 -8.34
N ALA B 219 27.87 -22.46 -7.88
CA ALA B 219 27.78 -22.85 -6.48
C ALA B 219 28.98 -23.67 -6.13
N ASP B 220 29.49 -24.44 -7.09
CA ASP B 220 30.69 -25.21 -6.81
C ASP B 220 31.92 -24.33 -6.77
N ALA B 221 31.98 -23.35 -7.65
CA ALA B 221 32.99 -22.32 -7.57
C ALA B 221 32.96 -21.61 -6.20
N VAL B 222 31.77 -21.46 -5.60
CA VAL B 222 31.67 -20.82 -4.28
C VAL B 222 32.23 -21.70 -3.18
N ARG B 223 31.97 -23.00 -3.26
CA ARG B 223 32.45 -23.92 -2.23
C ARG B 223 33.97 -24.04 -2.25
N ALA B 224 34.57 -23.85 -3.42
CA ALA B 224 36.04 -23.87 -3.54
C ALA B 224 36.59 -22.68 -2.81
N TRP B 225 36.05 -21.50 -3.15
CA TRP B 225 36.51 -20.21 -2.61
C TRP B 225 36.55 -20.24 -1.08
N VAL B 226 35.56 -20.91 -0.47
CA VAL B 226 35.52 -21.03 0.98
C VAL B 226 36.53 -22.07 1.46
N GLU B 227 36.58 -23.25 0.85
CA GLU B 227 37.50 -24.25 1.36
C GLU B 227 38.94 -23.75 1.23
N GLN B 228 39.22 -23.02 0.15
CA GLN B 228 40.55 -22.42 -0.07
C GLN B 228 40.90 -21.38 1.01
N GLN B 229 39.89 -20.77 1.62
CA GLN B 229 40.10 -19.79 2.66
C GLN B 229 39.51 -20.19 4.01
N LYS B 230 39.14 -21.48 4.15
CA LYS B 230 38.63 -22.03 5.42
C LYS B 230 37.79 -21.01 6.17
N PHE B 231 36.76 -20.51 5.48
CA PHE B 231 36.16 -19.19 5.79
C PHE B 231 35.76 -19.00 7.24
N ALA B 232 35.40 -20.07 7.93
CA ALA B 232 35.08 -20.01 9.38
C ALA B 232 36.24 -19.43 10.21
N SER B 233 37.46 -19.85 9.84
CA SER B 233 38.68 -19.40 10.47
C SER B 233 38.96 -17.95 10.11
N LEU B 234 38.80 -17.60 8.84
CA LEU B 234 38.95 -16.21 8.41
C LEU B 234 38.04 -15.31 9.25
N ARG B 235 36.79 -15.76 9.45
CA ARG B 235 35.77 -15.00 10.17
C ARG B 235 36.07 -14.97 11.67
N ALA B 236 36.21 -16.14 12.29
CA ALA B 236 36.59 -16.22 13.71
C ALA B 236 37.83 -15.33 13.98
N SER B 237 38.78 -15.34 13.03
CA SER B 237 39.95 -14.44 13.04
C SER B 237 39.60 -12.96 12.82
N TRP B 238 38.70 -12.69 11.86
CA TRP B 238 38.33 -11.33 11.46
C TRP B 238 38.05 -10.37 12.62
N GLU B 239 37.34 -10.85 13.63
CA GLU B 239 36.81 -9.98 14.69
C GLU B 239 37.93 -9.19 15.42
N GLN B 240 39.19 -9.58 15.18
CA GLN B 240 40.37 -8.74 15.48
C GLN B 240 41.34 -8.73 14.29
N LEU B 254 32.33 -2.32 14.15
CA LEU B 254 30.92 -2.60 13.97
C LEU B 254 30.62 -3.36 12.68
N GLY B 255 31.64 -3.59 11.85
CA GLY B 255 31.47 -4.24 10.53
C GLY B 255 31.59 -5.75 10.56
N VAL B 256 30.45 -6.43 10.78
CA VAL B 256 30.41 -7.88 10.96
C VAL B 256 30.33 -8.58 9.60
N LEU B 257 31.28 -9.47 9.30
CA LEU B 257 31.20 -10.30 8.07
C LEU B 257 30.05 -11.32 8.17
N ASP B 258 29.41 -11.61 7.05
CA ASP B 258 28.28 -12.55 7.00
C ASP B 258 28.80 -13.97 7.16
N THR B 259 28.04 -14.89 7.76
CA THR B 259 28.59 -16.25 7.95
C THR B 259 28.93 -16.92 6.60
N ALA B 260 28.23 -16.52 5.54
CA ALA B 260 28.47 -17.06 4.21
C ALA B 260 28.91 -15.97 3.26
N PRO B 261 29.56 -16.33 2.15
CA PRO B 261 29.89 -15.40 1.10
C PRO B 261 28.87 -15.36 -0.01
N VAL B 262 29.21 -14.65 -1.07
CA VAL B 262 28.22 -14.19 -2.02
C VAL B 262 28.74 -14.19 -3.44
N VAL B 263 27.83 -14.42 -4.37
CA VAL B 263 28.10 -14.28 -5.79
C VAL B 263 27.77 -12.83 -6.15
N LEU B 264 28.79 -12.01 -6.37
CA LEU B 264 28.57 -10.68 -6.90
C LEU B 264 28.36 -10.81 -8.39
N VAL B 265 27.27 -10.26 -8.92
CA VAL B 265 27.02 -10.26 -10.36
C VAL B 265 27.20 -8.85 -10.94
N VAL B 266 28.19 -8.66 -11.81
CA VAL B 266 28.53 -7.30 -12.28
C VAL B 266 27.80 -6.99 -13.58
N VAL B 267 26.72 -6.20 -13.47
CA VAL B 267 25.75 -6.02 -14.57
C VAL B 267 25.92 -4.72 -15.33
N GLN B 268 25.11 -4.56 -16.38
CA GLN B 268 25.05 -3.33 -17.15
C GLN B 268 23.97 -2.40 -16.60
N GLU B 269 23.92 -1.17 -17.11
CA GLU B 269 23.20 -0.09 -16.46
C GLU B 269 21.74 0.07 -16.90
N ASN B 270 21.29 -0.69 -17.89
CA ASN B 270 19.84 -0.87 -18.10
C ASN B 270 19.51 -2.21 -18.78
N GLU B 271 20.20 -3.26 -18.31
CA GLU B 271 19.99 -4.65 -18.72
C GLU B 271 18.52 -4.98 -18.90
N ARG B 272 18.21 -5.78 -19.94
CA ARG B 272 16.83 -6.27 -20.14
C ARG B 272 16.71 -7.79 -20.23
N ASN B 273 17.85 -8.49 -20.19
CA ASN B 273 17.89 -9.95 -20.30
C ASN B 273 17.75 -10.62 -18.92
N THR B 274 17.09 -9.94 -17.99
CA THR B 274 17.12 -10.34 -16.58
C THR B 274 16.51 -11.72 -16.34
N ALA B 275 15.39 -12.01 -17.01
CA ALA B 275 14.81 -13.35 -16.98
C ALA B 275 15.90 -14.43 -16.94
N ASP B 276 16.88 -14.30 -17.84
CA ASP B 276 18.01 -15.22 -17.98
C ASP B 276 18.94 -15.23 -16.75
N GLN B 277 19.36 -14.06 -16.33
CA GLN B 277 20.22 -13.95 -15.17
C GLN B 277 19.56 -14.58 -13.98
N TYR B 278 18.30 -14.25 -13.75
CA TYR B 278 17.61 -14.75 -12.58
C TYR B 278 17.31 -16.23 -12.73
N ALA B 279 17.00 -16.67 -13.95
CA ALA B 279 16.71 -18.08 -14.18
C ALA B 279 17.84 -18.88 -13.60
N LEU B 280 19.06 -18.44 -13.86
CA LEU B 280 20.24 -19.08 -13.30
C LEU B 280 20.34 -18.75 -11.82
N LEU B 281 20.39 -17.47 -11.50
CA LEU B 281 20.68 -17.06 -10.14
C LEU B 281 19.64 -17.50 -9.10
N MET B 282 18.40 -17.71 -9.51
CA MET B 282 17.36 -18.15 -8.56
C MET B 282 17.63 -19.60 -8.13
N ARG B 283 18.33 -20.32 -8.97
CA ARG B 283 18.57 -21.71 -8.72
C ARG B 283 19.73 -21.84 -7.73
N VAL B 284 20.65 -20.87 -7.78
CA VAL B 284 21.74 -20.74 -6.79
C VAL B 284 21.23 -20.46 -5.38
N LEU B 285 20.21 -19.62 -5.30
CA LEU B 285 19.64 -19.25 -4.02
C LEU B 285 18.84 -20.41 -3.47
N GLU B 286 17.81 -20.81 -4.20
CA GLU B 286 16.84 -21.80 -3.71
C GLU B 286 17.41 -23.20 -3.53
N GLU B 287 18.07 -23.69 -4.58
CA GLU B 287 18.59 -25.03 -4.59
C GLU B 287 20.00 -25.09 -4.00
N HIS B 288 20.88 -24.15 -4.32
CA HIS B 288 22.22 -24.20 -3.76
C HIS B 288 22.48 -23.37 -2.47
N ARG B 289 21.53 -22.53 -2.05
CA ARG B 289 21.60 -21.85 -0.76
C ARG B 289 22.69 -20.77 -0.65
N ILE B 290 22.90 -20.04 -1.75
CA ILE B 290 23.90 -18.98 -1.79
C ILE B 290 23.32 -17.67 -2.32
N ARG B 291 23.46 -16.60 -1.55
CA ARG B 291 22.89 -15.30 -1.96
C ARG B 291 23.62 -14.75 -3.18
N PHE B 292 22.92 -13.98 -4.00
CA PHE B 292 23.53 -13.27 -5.11
C PHE B 292 23.14 -11.80 -4.97
N ILE B 293 24.10 -10.91 -5.21
CA ILE B 293 23.85 -9.49 -5.25
C ILE B 293 24.30 -8.93 -6.59
N PHE B 294 23.54 -8.01 -7.14
CA PHE B 294 23.95 -7.34 -8.35
C PHE B 294 24.64 -6.02 -7.99
N ARG B 295 25.77 -5.75 -8.60
CA ARG B 295 26.36 -4.40 -8.59
C ARG B 295 26.82 -4.09 -10.00
N THR B 296 26.93 -2.80 -10.33
CA THR B 296 27.60 -2.40 -11.56
C THR B 296 29.04 -2.07 -11.20
N LEU B 297 29.88 -1.78 -12.19
CA LEU B 297 31.29 -1.40 -11.92
C LEU B 297 31.33 -0.07 -11.17
N GLN B 298 30.45 0.84 -11.55
CA GLN B 298 30.37 2.17 -10.96
C GLN B 298 30.13 2.09 -9.46
N GLU B 299 29.21 1.22 -9.04
CA GLU B 299 28.81 1.13 -7.62
C GLU B 299 29.89 0.43 -6.81
N LEU B 300 30.64 -0.46 -7.44
CA LEU B 300 31.74 -1.14 -6.78
C LEU B 300 32.84 -0.16 -6.34
N HIS B 301 33.02 0.93 -7.08
CA HIS B 301 34.04 1.93 -6.77
C HIS B 301 33.99 2.44 -5.32
N LEU B 302 32.78 2.46 -4.75
CA LEU B 302 32.56 2.88 -3.37
C LEU B 302 32.17 1.71 -2.47
N SER B 303 31.21 0.92 -2.94
CA SER B 303 30.76 -0.29 -2.22
C SER B 303 31.89 -1.24 -1.84
N LEU B 304 32.80 -1.46 -2.79
CA LEU B 304 33.84 -2.50 -2.69
C LEU B 304 35.13 -1.99 -2.11
N LYS B 305 35.71 -2.78 -1.21
CA LYS B 305 36.97 -2.42 -0.56
C LYS B 305 37.78 -3.69 -0.24
N LEU B 306 39.10 -3.60 -0.38
CA LEU B 306 39.98 -4.77 -0.23
C LEU B 306 40.74 -4.81 1.10
N HIS B 307 40.78 -5.99 1.73
CA HIS B 307 41.38 -6.18 3.06
C HIS B 307 42.39 -7.34 3.06
N SER B 308 43.65 -7.05 3.37
CA SER B 308 44.71 -8.08 3.38
C SER B 308 44.67 -8.92 4.66
N ILE B 309 45.19 -10.14 4.56
CA ILE B 309 45.29 -11.08 5.69
C ILE B 309 46.72 -11.59 5.81
N SER B 310 47.22 -12.12 4.70
CA SER B 310 48.61 -12.51 4.57
C SER B 310 49.07 -12.03 3.20
N PRO B 311 50.08 -11.13 3.15
CA PRO B 311 50.67 -10.70 1.88
C PRO B 311 50.99 -11.82 0.89
N GLU B 312 51.20 -13.05 1.39
CA GLU B 312 51.38 -14.25 0.54
C GLU B 312 50.05 -14.85 0.03
N GLN B 313 48.92 -14.25 0.42
CA GLN B 313 47.59 -14.64 -0.03
C GLN B 313 46.84 -13.36 -0.43
N PRO B 314 46.13 -13.35 -1.58
CA PRO B 314 45.50 -12.10 -2.01
C PRO B 314 44.35 -11.69 -1.10
N PRO B 315 43.98 -10.41 -1.15
CA PRO B 315 43.08 -9.80 -0.15
C PRO B 315 41.59 -10.01 -0.39
N LEU B 316 40.87 -10.29 0.70
CA LEU B 316 39.42 -10.37 0.69
C LEU B 316 38.85 -9.11 0.06
N ALA B 317 37.82 -9.27 -0.76
CA ALA B 317 37.01 -8.15 -1.25
C ALA B 317 35.68 -8.21 -0.54
N VAL B 318 35.37 -7.19 0.25
CA VAL B 318 34.03 -7.02 0.83
C VAL B 318 33.31 -5.85 0.13
N VAL B 319 32.10 -6.11 -0.35
CA VAL B 319 31.21 -5.05 -0.81
C VAL B 319 30.32 -4.70 0.36
N ASP B 320 30.08 -3.40 0.56
CA ASP B 320 29.29 -2.87 1.69
C ASP B 320 29.91 -3.23 3.06
N GLY B 321 31.19 -3.61 3.08
CA GLY B 321 31.89 -3.97 4.33
C GLY B 321 31.25 -5.10 5.14
N HIS B 322 30.50 -5.97 4.47
CA HIS B 322 29.99 -7.20 5.08
C HIS B 322 29.85 -8.37 4.09
N TYR B 323 29.27 -8.12 2.91
CA TYR B 323 29.13 -9.14 1.90
C TYR B 323 30.50 -9.60 1.44
N PRO B 324 30.99 -10.77 1.92
CA PRO B 324 32.30 -11.25 1.49
C PRO B 324 32.21 -11.98 0.17
N ILE B 325 33.08 -11.67 -0.79
CA ILE B 325 32.84 -12.00 -2.20
C ILE B 325 33.49 -13.29 -2.72
N ALA B 326 32.72 -14.36 -2.87
CA ALA B 326 33.28 -15.67 -3.29
C ALA B 326 33.59 -15.75 -4.79
N VAL B 327 32.68 -15.25 -5.60
CA VAL B 327 32.79 -15.31 -7.05
C VAL B 327 32.31 -13.98 -7.61
N ALA B 328 33.12 -13.40 -8.50
CA ALA B 328 32.71 -12.25 -9.29
C ALA B 328 32.24 -12.75 -10.66
N TYR B 329 30.93 -12.78 -10.85
CA TYR B 329 30.34 -13.30 -12.07
C TYR B 329 29.93 -12.15 -12.97
N PHE B 330 30.51 -12.09 -14.16
CA PHE B 330 30.27 -10.95 -15.04
C PHE B 330 29.15 -11.18 -16.04
N ARG B 331 28.08 -10.41 -15.90
CA ARG B 331 27.18 -10.21 -17.02
C ARG B 331 27.45 -8.82 -17.60
N SER B 332 28.72 -8.50 -17.82
CA SER B 332 29.15 -7.20 -18.30
C SER B 332 30.67 -7.09 -18.36
N THR B 333 31.16 -5.93 -18.82
CA THR B 333 32.60 -5.62 -19.01
C THR B 333 33.19 -6.09 -20.36
N TYR B 334 32.34 -6.47 -21.31
CA TYR B 334 32.81 -6.97 -22.61
C TYR B 334 32.72 -5.90 -23.70
N VAL B 335 32.10 -4.76 -23.39
CA VAL B 335 31.85 -3.70 -24.35
C VAL B 335 32.51 -2.42 -23.87
N PRO B 336 33.01 -1.60 -24.81
CA PRO B 336 33.49 -0.29 -24.40
C PRO B 336 32.47 0.45 -23.58
N GLU B 337 31.24 0.56 -24.07
CA GLU B 337 30.14 1.25 -23.37
C GLU B 337 30.00 0.95 -21.86
N ASP B 338 30.62 -0.14 -21.38
CA ASP B 338 30.51 -0.55 -19.96
C ASP B 338 31.70 -0.12 -19.10
N PHE B 339 32.71 0.46 -19.73
CA PHE B 339 33.78 1.16 -19.04
C PHE B 339 33.77 2.66 -19.41
N PRO B 340 32.70 3.39 -19.06
CA PRO B 340 32.65 4.79 -19.50
C PRO B 340 33.57 5.68 -18.66
N THR B 341 33.35 5.70 -17.34
CA THR B 341 34.21 6.46 -16.44
C THR B 341 35.41 5.61 -15.98
N ASP B 342 36.36 6.29 -15.33
CA ASP B 342 37.62 5.68 -14.88
C ASP B 342 37.38 4.85 -13.61
N ALA B 343 36.35 5.26 -12.85
CA ALA B 343 35.89 4.52 -11.67
C ALA B 343 35.67 3.07 -12.04
N THR B 344 35.16 2.89 -13.26
CA THR B 344 34.88 1.59 -13.85
C THR B 344 36.13 0.71 -13.92
N TRP B 345 37.17 1.19 -14.59
CA TRP B 345 38.44 0.45 -14.66
C TRP B 345 39.04 0.27 -13.26
N ALA B 346 38.85 1.24 -12.38
CA ALA B 346 39.32 1.12 -10.99
C ALA B 346 38.60 -0.03 -10.28
N ALA B 347 37.27 -0.08 -10.41
CA ALA B 347 36.47 -1.13 -9.81
C ALA B 347 36.90 -2.47 -10.34
N ARG B 348 36.94 -2.58 -11.66
CA ARG B 348 37.34 -3.84 -12.33
C ARG B 348 38.69 -4.35 -11.82
N LEU B 349 39.64 -3.43 -11.67
CA LEU B 349 40.94 -3.73 -11.09
C LEU B 349 40.73 -4.27 -9.68
N SER B 350 40.07 -3.48 -8.84
CA SER B 350 39.77 -3.88 -7.46
C SER B 350 39.30 -5.33 -7.39
N LEU B 351 38.40 -5.71 -8.29
CA LEU B 351 37.87 -7.07 -8.32
C LEU B 351 38.92 -8.10 -8.74
N GLU B 352 39.75 -7.76 -9.73
CA GLU B 352 40.74 -8.70 -10.29
C GLU B 352 41.84 -9.07 -9.28
N ARG B 353 42.34 -8.07 -8.58
CA ARG B 353 43.42 -8.26 -7.60
C ARG B 353 42.95 -9.08 -6.41
N SER B 354 41.63 -9.18 -6.24
CA SER B 354 41.05 -9.80 -5.07
C SER B 354 41.23 -11.31 -5.10
N SER B 355 40.63 -11.98 -4.11
CA SER B 355 40.66 -13.42 -3.99
C SER B 355 39.45 -14.04 -4.67
N ALA B 356 38.61 -13.19 -5.27
CA ALA B 356 37.33 -13.65 -5.76
C ALA B 356 37.57 -14.44 -7.03
N ILE B 357 36.98 -15.63 -7.08
CA ILE B 357 37.02 -16.47 -8.26
C ILE B 357 36.19 -15.78 -9.32
N LYS B 358 36.85 -15.28 -10.36
CA LYS B 358 36.23 -14.41 -11.34
C LYS B 358 35.73 -15.16 -12.60
N CYS B 359 34.64 -14.70 -13.18
CA CYS B 359 34.03 -15.39 -14.28
C CYS B 359 33.44 -14.47 -15.36
N PRO B 360 34.30 -14.08 -16.32
CA PRO B 360 35.67 -14.54 -16.54
C PRO B 360 36.70 -13.81 -15.71
N SER B 361 37.87 -14.41 -15.51
CA SER B 361 39.07 -13.66 -15.13
C SER B 361 39.57 -12.97 -16.39
N ILE B 362 40.38 -11.92 -16.26
CA ILE B 362 40.83 -11.16 -17.43
C ILE B 362 41.43 -12.08 -18.49
N PRO B 363 42.35 -12.97 -18.10
CA PRO B 363 42.88 -13.89 -19.12
C PRO B 363 41.77 -14.62 -19.86
N TYR B 364 40.79 -15.13 -19.13
CA TYR B 364 39.64 -15.79 -19.74
C TYR B 364 38.89 -14.82 -20.67
N HIS B 365 38.60 -13.60 -20.19
CA HIS B 365 37.94 -12.53 -20.99
C HIS B 365 38.62 -12.39 -22.35
N LEU B 366 39.96 -12.31 -22.29
CA LEU B 366 40.78 -12.10 -23.49
C LEU B 366 40.59 -13.15 -24.58
N LEU B 367 40.32 -14.40 -24.18
CA LEU B 367 40.07 -15.48 -25.14
C LEU B 367 38.82 -15.32 -26.00
N THR B 368 37.96 -14.37 -25.65
CA THR B 368 36.82 -14.06 -26.51
C THR B 368 37.24 -13.24 -27.73
N PHE B 369 38.46 -12.71 -27.76
CA PHE B 369 38.87 -11.85 -28.88
C PHE B 369 39.12 -12.64 -30.14
N LYS B 370 38.63 -12.09 -31.25
CA LYS B 370 38.75 -12.72 -32.56
C LYS B 370 40.17 -13.16 -32.86
N LYS B 371 41.15 -12.41 -32.36
CA LYS B 371 42.56 -12.67 -32.64
C LYS B 371 43.07 -13.98 -32.04
N LEU B 372 42.45 -14.47 -30.96
CA LEU B 372 42.81 -15.78 -30.44
C LEU B 372 42.02 -16.89 -31.12
N GLN B 373 40.83 -16.57 -31.64
CA GLN B 373 40.14 -17.51 -32.51
C GLN B 373 41.12 -17.85 -33.67
N GLN B 374 41.67 -16.79 -34.28
CA GLN B 374 42.67 -16.85 -35.36
C GLN B 374 43.98 -17.52 -34.94
N LEU B 375 44.54 -17.09 -33.81
CA LEU B 375 45.81 -17.64 -33.33
C LEU B 375 45.72 -19.12 -32.97
N LEU B 376 44.57 -19.59 -32.52
CA LEU B 376 44.44 -21.01 -32.17
C LEU B 376 44.36 -21.92 -33.41
N CYS B 377 44.20 -21.33 -34.61
CA CYS B 377 44.19 -22.11 -35.86
C CYS B 377 45.57 -22.59 -36.29
N ASP B 378 46.62 -22.04 -35.69
CA ASP B 378 47.99 -22.48 -35.92
C ASP B 378 48.27 -23.69 -35.02
N VAL B 379 48.23 -24.88 -35.61
CA VAL B 379 48.38 -26.12 -34.85
C VAL B 379 49.76 -26.23 -34.21
N ASP B 380 50.79 -25.97 -35.00
CA ASP B 380 52.16 -26.15 -34.53
C ASP B 380 52.58 -25.15 -33.44
N ARG B 381 52.32 -23.86 -33.66
CA ARG B 381 52.78 -22.83 -32.73
C ARG B 381 51.91 -22.71 -31.49
N VAL B 382 50.59 -22.69 -31.68
CA VAL B 382 49.67 -22.39 -30.59
C VAL B 382 48.84 -23.60 -30.10
N LEU B 383 48.04 -24.19 -30.99
CA LEU B 383 47.02 -25.16 -30.58
C LEU B 383 47.60 -26.34 -29.80
N VAL B 384 48.66 -26.94 -30.30
CA VAL B 384 49.24 -28.11 -29.66
C VAL B 384 50.06 -27.77 -28.42
N PRO B 385 51.10 -26.93 -28.57
CA PRO B 385 52.04 -26.73 -27.46
C PRO B 385 51.56 -25.78 -26.37
N VAL B 386 50.73 -24.81 -26.74
CA VAL B 386 50.29 -23.76 -25.81
C VAL B 386 48.94 -24.08 -25.22
N ALA B 387 48.00 -24.51 -26.06
CA ALA B 387 46.59 -24.73 -25.67
C ALA B 387 46.33 -26.10 -25.05
N PHE B 388 46.94 -27.14 -25.62
CA PHE B 388 46.82 -28.50 -25.08
C PHE B 388 48.13 -29.05 -24.48
N CYS B 389 49.12 -28.19 -24.29
CA CYS B 389 50.38 -28.58 -23.65
C CYS B 389 50.97 -29.87 -24.23
N GLY B 390 51.06 -29.92 -25.56
CA GLY B 390 51.59 -31.10 -26.25
C GLY B 390 50.70 -32.33 -26.16
N ASP B 391 49.41 -32.14 -26.41
CA ASP B 391 48.54 -33.27 -26.74
C ASP B 391 48.10 -33.08 -28.18
N SER B 392 48.81 -33.77 -29.07
CA SER B 392 48.49 -33.75 -30.49
C SER B 392 47.10 -34.26 -30.81
N ASP B 393 46.64 -35.29 -30.07
CA ASP B 393 45.33 -35.90 -30.32
C ASP B 393 44.20 -34.92 -30.11
N LYS B 394 44.28 -34.17 -29.02
CA LYS B 394 43.23 -33.23 -28.66
C LYS B 394 43.12 -32.12 -29.69
N ALA B 395 44.27 -31.58 -30.10
CA ALA B 395 44.29 -30.53 -31.12
C ALA B 395 43.71 -31.06 -32.41
N GLY B 396 43.96 -32.33 -32.69
CA GLY B 396 43.44 -32.99 -33.89
C GLY B 396 41.93 -33.13 -33.83
N LEU B 397 41.43 -33.56 -32.69
CA LEU B 397 40.01 -33.64 -32.52
C LEU B 397 39.37 -32.26 -32.76
N LEU B 398 39.95 -31.20 -32.18
CA LEU B 398 39.37 -29.86 -32.33
C LEU B 398 39.54 -29.30 -33.74
N GLN B 399 40.64 -29.61 -34.42
CA GLN B 399 40.84 -29.09 -35.78
C GLN B 399 39.68 -29.46 -36.74
N ARG B 400 39.07 -30.64 -36.57
CA ARG B 400 37.95 -31.02 -37.41
C ARG B 400 36.95 -29.89 -37.58
N HIS B 401 36.79 -29.08 -36.55
CA HIS B 401 35.80 -28.01 -36.55
C HIS B 401 36.36 -26.63 -36.91
N PHE B 402 37.56 -26.55 -37.48
CA PHE B 402 38.24 -25.26 -37.66
C PHE B 402 38.03 -24.66 -39.04
N VAL B 403 38.07 -23.32 -39.06
CA VAL B 403 38.10 -22.56 -40.31
C VAL B 403 39.47 -21.87 -40.43
N PRO B 404 40.27 -22.23 -41.45
CA PRO B 404 41.61 -21.62 -41.57
C PRO B 404 41.58 -20.10 -41.43
N GLN B 405 42.48 -19.55 -40.64
CA GLN B 405 42.62 -18.11 -40.49
C GLN B 405 44.10 -17.72 -40.55
N TYR B 406 44.52 -17.23 -41.71
CA TYR B 406 45.92 -16.88 -41.95
C TYR B 406 46.08 -15.40 -41.60
N SER B 407 47.31 -14.88 -41.59
CA SER B 407 47.55 -13.51 -41.12
C SER B 407 48.16 -12.62 -42.20
N GLY B 414 53.22 -13.34 -45.02
CA GLY B 414 51.83 -13.50 -45.42
C GLY B 414 51.56 -13.11 -46.86
N GLU B 415 52.27 -13.75 -47.79
CA GLU B 415 52.12 -13.49 -49.23
C GLU B 415 51.64 -14.72 -50.01
N GLU B 416 52.13 -15.89 -49.64
CA GLU B 416 51.93 -17.10 -50.42
C GLU B 416 50.57 -17.78 -50.16
N ALA B 417 49.76 -17.16 -49.30
CA ALA B 417 48.32 -17.46 -49.21
C ALA B 417 47.53 -16.41 -50.01
N VAL B 418 48.07 -15.19 -50.09
CA VAL B 418 47.48 -14.11 -50.91
C VAL B 418 47.78 -14.34 -52.40
N GLU B 419 48.88 -15.03 -52.70
CA GLU B 419 49.14 -15.54 -54.06
C GLU B 419 48.43 -16.87 -54.31
N LYS B 420 47.88 -17.47 -53.25
CA LYS B 420 46.87 -18.53 -53.36
C LYS B 420 45.48 -17.92 -53.52
N VAL B 421 45.28 -16.73 -52.93
CA VAL B 421 44.05 -15.97 -53.13
C VAL B 421 44.07 -15.17 -54.45
N ILE B 422 45.24 -15.02 -55.07
CA ILE B 422 45.29 -14.56 -56.46
C ILE B 422 44.42 -15.49 -57.30
N HIS B 423 44.66 -16.79 -57.15
CA HIS B 423 44.10 -17.81 -58.04
C HIS B 423 42.63 -18.04 -57.69
N ASP B 424 42.39 -18.59 -56.50
CA ASP B 424 41.03 -18.87 -56.04
C ASP B 424 40.54 -17.70 -55.18
N VAL B 425 39.73 -16.85 -55.81
CA VAL B 425 39.40 -15.52 -55.29
C VAL B 425 38.10 -15.48 -54.52
N LEU B 426 37.06 -16.07 -55.08
CA LEU B 426 35.70 -15.84 -54.63
C LEU B 426 35.39 -16.70 -53.41
N GLN B 427 36.36 -16.86 -52.50
CA GLN B 427 36.26 -17.84 -51.41
C GLN B 427 37.03 -17.55 -50.10
N ARG B 428 37.38 -16.30 -49.80
CA ARG B 428 38.21 -16.03 -48.63
C ARG B 428 38.00 -14.66 -47.94
N PRO B 429 36.74 -14.37 -47.56
CA PRO B 429 36.24 -13.16 -46.93
C PRO B 429 37.23 -12.22 -46.23
N ASP B 430 36.65 -11.46 -45.32
CA ASP B 430 37.25 -10.27 -44.74
C ASP B 430 36.21 -9.87 -43.72
N GLN B 431 36.64 -9.41 -42.55
CA GLN B 431 35.74 -8.90 -41.49
C GLN B 431 36.09 -9.52 -40.14
N PHE B 432 35.96 -8.71 -39.09
CA PHE B 432 35.97 -9.12 -37.68
C PHE B 432 36.07 -7.86 -36.81
N TYR B 472 40.30 -7.53 -40.62
CA TYR B 472 41.68 -7.11 -40.83
C TYR B 472 42.60 -8.30 -41.16
N VAL B 473 42.01 -9.49 -41.31
CA VAL B 473 42.77 -10.71 -41.54
C VAL B 473 42.01 -11.74 -42.37
N VAL B 474 42.76 -12.52 -43.16
CA VAL B 474 42.18 -13.49 -44.08
C VAL B 474 41.57 -14.69 -43.36
N MET B 475 40.34 -14.99 -43.78
CA MET B 475 39.50 -16.03 -43.19
C MET B 475 38.95 -16.85 -44.36
N SER B 476 38.62 -18.12 -44.16
CA SER B 476 38.09 -18.94 -45.25
C SER B 476 36.57 -18.89 -45.37
N ARG B 477 36.10 -18.99 -46.61
CA ARG B 477 34.66 -18.88 -46.94
C ARG B 477 34.03 -20.25 -46.91
N ILE B 478 33.00 -20.41 -46.09
CA ILE B 478 32.27 -21.67 -46.04
C ILE B 478 30.79 -21.44 -46.33
N GLN B 479 30.18 -22.42 -47.02
CA GLN B 479 28.78 -22.35 -47.40
C GLN B 479 27.88 -22.99 -46.31
N PHE B 480 27.47 -22.19 -45.34
CA PHE B 480 26.64 -22.68 -44.24
C PHE B 480 25.19 -22.98 -44.67
N HIS B 481 24.59 -23.94 -43.98
CA HIS B 481 23.25 -24.42 -44.30
C HIS B 481 22.21 -23.32 -44.13
N VAL B 482 21.38 -23.16 -45.15
CA VAL B 482 20.25 -22.24 -45.11
C VAL B 482 18.97 -23.07 -45.09
N SER B 483 18.03 -22.69 -44.23
CA SER B 483 16.84 -23.51 -43.97
C SER B 483 15.51 -22.74 -44.13
N THR B 484 14.40 -23.47 -44.02
CA THR B 484 13.06 -22.89 -44.01
C THR B 484 12.61 -22.72 -42.57
N GLY B 485 12.21 -21.51 -42.18
CA GLY B 485 11.93 -21.20 -40.78
C GLY B 485 10.98 -20.05 -40.51
N SER B 486 10.23 -20.16 -39.42
CA SER B 486 9.31 -19.12 -38.96
C SER B 486 9.68 -18.63 -37.56
N LEU B 487 9.20 -17.44 -37.23
CA LEU B 487 9.57 -16.74 -36.00
C LEU B 487 8.37 -16.23 -35.23
N LEU B 488 8.65 -15.71 -34.04
CA LEU B 488 7.74 -14.84 -33.31
C LEU B 488 8.57 -13.72 -32.68
N ALA B 489 8.57 -12.53 -33.28
CA ALA B 489 9.37 -11.42 -32.77
C ALA B 489 8.59 -10.11 -32.75
N ARG B 490 8.83 -9.31 -31.71
CA ARG B 490 8.24 -7.97 -31.57
C ARG B 490 6.72 -7.98 -31.72
N GLY B 491 6.08 -9.13 -31.48
CA GLY B 491 4.63 -9.25 -31.60
C GLY B 491 4.09 -9.70 -32.95
N ASP B 492 4.98 -9.81 -33.95
CA ASP B 492 4.60 -10.31 -35.27
C ASP B 492 5.30 -11.63 -35.58
N VAL B 493 4.74 -12.33 -36.56
CA VAL B 493 5.22 -13.65 -36.99
C VAL B 493 5.85 -13.51 -38.38
N VAL B 494 7.07 -14.03 -38.54
CA VAL B 494 7.83 -13.88 -39.79
C VAL B 494 8.15 -15.23 -40.42
N GLN B 495 8.03 -15.31 -41.75
CA GLN B 495 8.40 -16.52 -42.49
C GLN B 495 9.73 -16.28 -43.21
N LEU B 496 10.61 -17.29 -43.14
CA LEU B 496 11.87 -17.28 -43.87
C LEU B 496 11.94 -18.51 -44.80
N GLU B 497 11.64 -18.31 -46.08
CA GLU B 497 11.65 -19.42 -47.05
C GLU B 497 13.02 -20.08 -47.14
N ARG B 498 13.98 -19.46 -47.81
CA ARG B 498 15.35 -19.96 -47.82
C ARG B 498 16.26 -18.85 -47.30
N ASN B 499 15.92 -18.42 -46.09
CA ASN B 499 16.55 -17.25 -45.50
C ASN B 499 16.70 -17.41 -43.98
N MET B 500 16.98 -18.64 -43.52
CA MET B 500 17.28 -18.88 -42.08
C MET B 500 18.50 -19.78 -41.86
N CYS B 501 19.38 -19.29 -41.00
CA CYS B 501 20.58 -20.01 -40.55
C CYS B 501 20.62 -20.04 -39.02
N SER B 502 20.79 -21.23 -38.47
CA SER B 502 20.84 -21.42 -37.02
C SER B 502 22.30 -21.46 -36.57
N GLU B 503 22.52 -21.29 -35.28
CA GLU B 503 23.86 -21.21 -34.71
C GLU B 503 23.91 -21.99 -33.40
N VAL B 504 24.15 -23.30 -33.54
CA VAL B 504 24.19 -24.18 -32.39
C VAL B 504 25.34 -23.74 -31.53
N GLY B 505 25.10 -23.57 -30.24
CA GLY B 505 26.10 -23.05 -29.30
C GLY B 505 26.17 -23.93 -28.06
N ILE B 506 27.32 -24.59 -27.87
CA ILE B 506 27.50 -25.56 -26.80
C ILE B 506 28.09 -24.88 -25.55
N PHE B 507 27.35 -24.91 -24.44
CA PHE B 507 27.82 -24.31 -23.20
C PHE B 507 28.81 -25.25 -22.54
N GLY B 508 29.66 -24.68 -21.72
CA GLY B 508 30.69 -25.45 -21.01
C GLY B 508 31.06 -24.80 -19.70
N VAL B 509 31.24 -25.61 -18.67
CA VAL B 509 31.67 -25.08 -17.39
C VAL B 509 33.03 -25.69 -17.06
N ILE B 510 33.87 -24.92 -16.39
CA ILE B 510 35.21 -25.36 -16.00
C ILE B 510 35.69 -24.56 -14.78
N LEU B 511 36.29 -25.26 -13.82
CA LEU B 511 36.88 -24.61 -12.66
C LEU B 511 38.27 -25.20 -12.45
N SER B 512 39.27 -24.39 -12.75
CA SER B 512 40.66 -24.83 -12.81
C SER B 512 41.53 -23.90 -12.02
N ALA B 513 42.61 -24.45 -11.49
CA ALA B 513 43.56 -23.71 -10.69
C ALA B 513 44.88 -23.55 -11.45
N ALA B 514 45.94 -23.28 -10.70
CA ALA B 514 47.27 -23.08 -11.27
C ALA B 514 47.75 -24.31 -12.03
N LYS B 515 48.49 -24.08 -13.11
CA LYS B 515 49.00 -25.19 -13.95
C LYS B 515 49.94 -26.11 -13.17
N GLY B 516 49.62 -27.41 -13.20
CA GLY B 516 50.40 -28.40 -12.47
C GLY B 516 50.33 -28.16 -10.98
N SER B 517 49.11 -28.13 -10.47
CA SER B 517 48.87 -28.08 -9.03
C SER B 517 47.98 -29.26 -8.70
N SER B 518 48.18 -29.84 -7.52
CA SER B 518 47.34 -30.97 -7.12
C SER B 518 45.98 -30.49 -6.59
N VAL B 519 45.75 -29.17 -6.62
CA VAL B 519 44.59 -28.54 -5.99
C VAL B 519 43.23 -29.05 -6.49
N GLY B 520 43.23 -29.68 -7.67
CA GLY B 520 42.02 -30.30 -8.20
C GLY B 520 41.76 -31.68 -7.61
N THR B 521 41.36 -32.60 -8.48
CA THR B 521 40.81 -33.89 -8.07
C THR B 521 41.85 -35.02 -8.25
N ASN B 522 41.96 -35.58 -9.45
CA ASN B 522 42.96 -36.63 -9.69
C ASN B 522 44.42 -36.09 -9.65
N GLY B 523 44.72 -35.22 -8.68
CA GLY B 523 45.96 -34.44 -8.68
C GLY B 523 46.03 -33.52 -9.89
N SER B 524 44.89 -32.89 -10.20
CA SER B 524 44.70 -32.21 -11.47
C SER B 524 44.62 -30.71 -11.24
N SER B 525 44.87 -29.93 -12.29
CA SER B 525 44.49 -28.50 -12.30
C SER B 525 42.95 -28.33 -12.29
N VAL B 526 42.23 -29.33 -12.81
CA VAL B 526 40.82 -29.21 -13.05
C VAL B 526 39.98 -29.83 -11.94
N LEU B 527 39.21 -28.98 -11.25
CA LEU B 527 38.24 -29.42 -10.26
C LEU B 527 37.09 -30.06 -11.02
N PHE B 528 36.63 -29.38 -12.06
CA PHE B 528 35.69 -29.99 -12.99
C PHE B 528 35.77 -29.36 -14.36
N ASN B 529 35.38 -30.13 -15.38
CA ASN B 529 35.32 -29.63 -16.74
C ASN B 529 34.33 -30.41 -17.56
N THR B 530 33.18 -29.84 -17.81
CA THR B 530 32.07 -30.56 -18.37
C THR B 530 31.31 -29.78 -19.42
N PHE B 531 30.57 -30.54 -20.20
CA PHE B 531 29.57 -30.02 -21.08
C PHE B 531 28.51 -29.45 -20.14
N ALA B 532 27.88 -28.35 -20.54
CA ALA B 532 26.88 -27.68 -19.71
C ALA B 532 25.60 -27.39 -20.50
N GLY B 533 25.22 -28.30 -21.37
CA GLY B 533 24.03 -28.09 -22.18
C GLY B 533 24.31 -27.17 -23.36
N TYR B 534 23.26 -26.56 -23.88
CA TYR B 534 23.35 -25.74 -25.09
C TYR B 534 22.29 -24.65 -25.18
N THR B 535 22.51 -23.69 -26.09
CA THR B 535 21.42 -22.93 -26.73
C THR B 535 21.59 -23.04 -28.24
N VAL B 536 20.63 -22.49 -28.96
CA VAL B 536 20.72 -22.30 -30.40
C VAL B 536 20.19 -20.90 -30.68
N ARG B 537 20.67 -20.24 -31.74
CA ARG B 537 20.16 -18.91 -32.09
C ARG B 537 20.10 -18.71 -33.59
N SER B 538 18.88 -18.62 -34.10
CA SER B 538 18.66 -18.50 -35.52
C SER B 538 18.47 -17.06 -35.90
N LYS B 539 18.72 -16.75 -37.16
CA LYS B 539 18.59 -15.40 -37.66
C LYS B 539 18.56 -15.43 -39.17
N PRO B 540 18.02 -14.38 -39.80
CA PRO B 540 18.04 -14.38 -41.25
C PRO B 540 19.44 -14.50 -41.85
N ALA B 541 19.50 -14.98 -43.09
CA ALA B 541 20.77 -15.15 -43.80
C ALA B 541 21.38 -13.79 -44.17
N ASP B 542 20.51 -12.88 -44.63
CA ASP B 542 20.93 -11.57 -45.15
C ASP B 542 20.88 -10.43 -44.13
N ALA B 543 20.57 -10.75 -42.87
CA ALA B 543 20.53 -9.74 -41.81
C ALA B 543 21.93 -9.36 -41.35
N ASP B 544 22.00 -8.37 -40.47
CA ASP B 544 23.27 -7.83 -39.95
C ASP B 544 23.94 -8.79 -38.93
N ASP B 545 24.89 -8.25 -38.15
CA ASP B 545 25.66 -9.02 -37.18
C ASP B 545 24.88 -9.30 -35.89
N GLY B 546 25.49 -10.07 -35.01
CA GLY B 546 24.96 -10.28 -33.66
C GLY B 546 23.84 -11.29 -33.51
N GLY B 547 23.24 -11.33 -32.33
CA GLY B 547 22.24 -12.32 -31.99
C GLY B 547 20.94 -11.70 -31.56
N VAL B 548 20.35 -12.27 -30.52
CA VAL B 548 19.01 -11.87 -30.05
C VAL B 548 19.06 -10.56 -29.25
N MET B 549 20.12 -10.35 -28.46
CA MET B 549 20.34 -9.10 -27.72
C MET B 549 20.55 -7.92 -28.67
N ALA B 550 21.29 -8.17 -29.74
CA ALA B 550 21.42 -7.19 -30.82
C ALA B 550 20.05 -6.75 -31.40
N GLY B 551 19.00 -7.55 -31.16
CA GLY B 551 17.65 -7.28 -31.67
C GLY B 551 17.53 -7.78 -33.10
N VAL B 552 18.15 -8.93 -33.38
CA VAL B 552 18.43 -9.39 -34.76
C VAL B 552 18.24 -10.90 -34.95
N ALA B 553 18.59 -11.70 -33.94
CA ALA B 553 18.42 -13.16 -33.98
C ALA B 553 17.25 -13.57 -33.10
N ALA B 554 16.95 -14.86 -33.08
CA ALA B 554 15.84 -15.42 -32.31
C ALA B 554 16.30 -16.66 -31.56
N LEU B 555 15.59 -17.03 -30.51
CA LEU B 555 15.93 -18.23 -29.73
C LEU B 555 15.39 -19.49 -30.42
N ASP B 556 16.06 -20.63 -30.16
CA ASP B 556 15.72 -21.90 -30.81
C ASP B 556 16.09 -23.09 -29.91
N SER B 557 15.54 -24.26 -30.22
CA SER B 557 15.86 -25.51 -29.52
C SER B 557 16.42 -26.49 -30.54
N LEU B 558 17.03 -27.59 -30.08
CA LEU B 558 17.42 -28.68 -30.99
C LEU B 558 16.45 -29.85 -30.92
N ALA B 559 16.21 -30.48 -32.05
CA ALA B 559 15.46 -31.74 -32.10
C ALA B 559 16.36 -32.78 -32.74
N VAL B 560 16.64 -33.86 -32.01
CA VAL B 560 17.70 -34.79 -32.34
C VAL B 560 17.17 -36.03 -33.12
N VAL B 561 17.55 -36.13 -34.40
CA VAL B 561 17.10 -37.22 -35.29
C VAL B 561 18.22 -38.22 -35.55
N PRO B 562 18.15 -39.42 -34.93
CA PRO B 562 19.00 -40.54 -35.34
C PRO B 562 19.33 -40.58 -36.83
N GLY C 6 17.06 4.85 4.49
CA GLY C 6 15.75 5.50 4.76
C GLY C 6 14.67 4.57 5.31
N HIS C 7 15.06 3.35 5.71
CA HIS C 7 14.16 2.36 6.33
C HIS C 7 14.54 2.08 7.76
N MET C 8 15.24 3.02 8.39
CA MET C 8 15.82 2.72 9.68
C MET C 8 14.72 2.76 10.69
N VAL C 9 13.85 3.78 10.60
CA VAL C 9 12.75 3.88 11.54
C VAL C 9 11.93 2.61 11.50
N LEU C 10 11.48 2.24 10.32
CA LEU C 10 10.64 1.06 10.17
C LEU C 10 11.33 -0.21 10.66
N LYS C 11 12.65 -0.24 10.50
CA LYS C 11 13.47 -1.36 10.97
C LYS C 11 13.64 -1.40 12.49
N LEU C 12 13.94 -0.25 13.10
CA LEU C 12 14.06 -0.13 14.57
C LEU C 12 12.76 -0.47 15.25
N LEU C 13 11.68 0.07 14.69
CA LEU C 13 10.33 -0.15 15.23
C LEU C 13 10.08 -1.63 15.33
N LEU C 14 10.25 -2.33 14.20
CA LEU C 14 9.94 -3.75 14.17
C LEU C 14 10.85 -4.54 15.08
N GLU C 15 12.15 -4.22 15.04
CA GLU C 15 13.13 -4.97 15.81
C GLU C 15 13.21 -4.55 17.28
N LEU C 16 12.61 -3.42 17.66
CA LEU C 16 12.32 -3.12 19.09
C LEU C 16 10.91 -3.59 19.58
N GLY C 17 10.25 -4.45 18.80
CA GLY C 17 9.00 -5.12 19.21
C GLY C 17 7.71 -4.30 19.24
N ALA C 18 7.73 -3.14 18.59
CA ALA C 18 6.52 -2.35 18.40
C ALA C 18 5.85 -2.98 17.22
N GLU C 19 4.67 -3.57 17.43
CA GLU C 19 3.88 -4.07 16.31
C GLU C 19 2.72 -3.12 16.00
N ARG C 20 2.30 -2.31 16.98
CA ARG C 20 1.12 -1.44 16.84
C ARG C 20 1.45 0.02 16.60
N TYR C 21 2.63 0.27 16.05
CA TYR C 21 3.06 1.62 15.66
C TYR C 21 2.08 2.37 14.75
N ALA C 22 1.56 1.72 13.71
CA ALA C 22 0.74 2.44 12.72
C ALA C 22 -0.56 3.04 13.33
N GLU C 23 -1.18 2.36 14.29
CA GLU C 23 -2.34 2.92 14.95
C GLU C 23 -1.93 4.23 15.58
N GLN C 24 -0.89 4.16 16.38
CA GLN C 24 -0.38 5.31 17.08
C GLN C 24 -0.14 6.44 16.10
N PHE C 25 0.59 6.17 15.02
CA PHE C 25 0.92 7.23 14.08
C PHE C 25 -0.30 7.82 13.38
N ALA C 26 -1.36 7.02 13.22
CA ALA C 26 -2.60 7.60 12.73
C ALA C 26 -3.20 8.49 13.83
N ALA C 27 -3.16 8.04 15.08
CA ALA C 27 -3.67 8.85 16.18
C ALA C 27 -2.95 10.18 16.26
N LYS C 28 -1.62 10.20 16.10
CA LYS C 28 -0.92 11.48 16.23
C LYS C 28 -1.29 12.34 15.04
N CYS C 29 -1.50 11.70 13.90
CA CYS C 29 -1.97 12.43 12.72
C CYS C 29 -3.27 13.17 13.01
N HIS C 30 -4.19 12.52 13.71
CA HIS C 30 -5.44 13.17 14.00
C HIS C 30 -5.31 14.29 15.01
N GLU C 31 -4.51 14.09 16.04
CA GLU C 31 -4.24 15.14 17.02
C GLU C 31 -3.83 16.46 16.35
N LEU C 32 -2.90 16.38 15.42
CA LEU C 32 -2.32 17.58 14.80
C LEU C 32 -3.23 18.06 13.70
N GLY C 33 -4.16 17.21 13.30
CA GLY C 33 -5.09 17.56 12.25
C GLY C 33 -4.47 17.49 10.88
N MET C 34 -3.59 16.52 10.66
CA MET C 34 -3.01 16.23 9.34
C MET C 34 -3.88 15.19 8.65
N VAL C 35 -4.92 15.63 7.96
CA VAL C 35 -5.94 14.69 7.51
C VAL C 35 -6.51 15.09 6.15
N MET C 36 -7.38 14.23 5.60
CA MET C 36 -7.98 14.43 4.29
C MET C 36 -9.26 13.62 4.19
N LYS C 37 -10.20 14.09 3.38
CA LYS C 37 -11.51 13.48 3.32
C LYS C 37 -11.35 12.15 2.60
N GLU C 38 -11.90 11.09 3.15
CA GLU C 38 -11.96 9.83 2.42
C GLU C 38 -13.03 10.01 1.37
N SER C 39 -12.90 9.27 0.26
CA SER C 39 -13.84 9.43 -0.84
C SER C 39 -15.32 9.31 -0.42
N ALA C 40 -15.62 8.26 0.36
CA ALA C 40 -16.98 8.07 0.92
C ALA C 40 -17.35 9.15 1.98
N GLY C 41 -18.32 9.99 1.59
CA GLY C 41 -18.86 11.06 2.45
C GLY C 41 -17.89 11.83 3.36
N PRO C 42 -18.37 12.21 4.57
CA PRO C 42 -17.53 12.94 5.47
C PRO C 42 -16.64 11.87 6.08
N GLY C 43 -15.73 12.27 6.94
CA GLY C 43 -14.96 11.27 7.64
C GLY C 43 -13.56 11.34 7.12
N ARG C 44 -12.73 12.09 7.82
N ARG C 44 -12.75 12.16 7.78
CA ARG C 44 -11.40 12.34 7.35
CA ARG C 44 -11.38 12.40 7.37
C ARG C 44 -10.46 11.31 7.95
C ARG C 44 -10.49 11.27 7.92
N VAL C 45 -9.45 10.93 7.16
CA VAL C 45 -8.41 9.94 7.53
C VAL C 45 -7.09 10.63 7.30
N PRO C 46 -5.95 10.06 7.74
CA PRO C 46 -4.69 10.80 7.70
C PRO C 46 -4.04 11.00 6.34
N VAL C 47 -3.28 12.10 6.21
CA VAL C 47 -2.52 12.38 4.96
C VAL C 47 -1.36 11.39 4.80
N PRO C 48 -0.79 11.25 3.58
CA PRO C 48 0.33 10.34 3.46
C PRO C 48 1.59 11.03 3.95
N VAL C 49 2.32 10.40 4.86
CA VAL C 49 3.49 11.04 5.46
C VAL C 49 4.64 10.05 5.55
N THR C 50 5.86 10.57 5.54
CA THR C 50 7.06 9.75 5.69
C THR C 50 7.29 9.41 7.15
N LEU C 51 7.86 8.23 7.39
CA LEU C 51 8.23 7.79 8.73
C LEU C 51 9.59 8.37 9.20
N GLN C 52 10.33 8.98 8.26
CA GLN C 52 11.59 9.67 8.55
C GLN C 52 11.63 10.99 7.84
N PRO C 53 12.25 12.01 8.46
CA PRO C 53 12.54 13.26 7.78
C PRO C 53 13.69 13.13 6.78
N SER C 54 13.78 14.10 5.87
CA SER C 54 14.93 14.26 4.97
C SER C 54 16.06 14.99 5.67
N MET C 55 17.27 14.66 5.28
CA MET C 55 18.46 15.17 5.91
C MET C 55 18.97 16.31 5.04
N ILE C 56 19.44 17.39 5.66
CA ILE C 56 19.98 18.50 4.90
C ILE C 56 21.00 19.30 5.68
N SER C 57 22.11 19.61 5.03
CA SER C 57 23.15 20.37 5.66
C SER C 57 22.62 21.73 6.15
N ARG C 58 23.14 22.21 7.28
CA ARG C 58 22.82 23.55 7.77
C ARG C 58 23.10 24.51 6.63
N GLY C 59 24.28 24.39 6.04
CA GLY C 59 24.69 25.28 5.00
C GLY C 59 23.78 25.30 3.80
N GLU C 60 23.47 24.12 3.26
CA GLU C 60 22.67 24.02 2.06
C GLU C 60 21.27 24.50 2.34
N PHE C 61 20.76 24.22 3.53
CA PHE C 61 19.44 24.66 3.89
C PHE C 61 19.45 26.18 3.95
N GLY C 62 20.39 26.71 4.70
CA GLY C 62 20.59 28.13 4.77
C GLY C 62 20.60 28.77 3.41
N THR C 63 21.31 28.20 2.45
CA THR C 63 21.40 28.82 1.12
C THR C 63 20.03 28.93 0.46
N LEU C 64 19.23 27.87 0.53
CA LEU C 64 17.91 27.84 -0.08
C LEU C 64 17.01 28.88 0.55
N CYS C 65 17.05 28.94 1.88
CA CYS C 65 16.27 29.95 2.61
C CYS C 65 16.68 31.33 2.20
N CYS C 66 17.99 31.58 2.10
CA CYS C 66 18.50 32.94 1.83
C CYS C 66 18.18 33.47 0.44
N MET C 67 17.85 32.55 -0.47
CA MET C 67 17.73 32.86 -1.89
C MET C 67 16.27 33.12 -2.25
N GLN C 68 15.37 32.85 -1.32
CA GLN C 68 13.96 33.00 -1.64
C GLN C 68 13.64 34.46 -1.96
N PRO C 69 14.22 35.40 -1.19
CA PRO C 69 13.93 36.76 -1.58
C PRO C 69 14.39 37.02 -3.00
N LEU C 70 15.60 36.60 -3.38
CA LEU C 70 16.06 36.81 -4.75
C LEU C 70 15.05 36.17 -5.72
N TRP C 71 14.56 34.98 -5.42
CA TRP C 71 13.56 34.35 -6.27
C TRP C 71 12.33 35.26 -6.43
N ASN C 72 11.69 35.56 -5.31
CA ASN C 72 10.51 36.43 -5.27
C ASN C 72 10.71 37.68 -6.10
N GLU C 73 11.87 38.29 -5.96
CA GLU C 73 12.22 39.51 -6.64
C GLU C 73 12.25 39.29 -8.17
N ALA C 74 12.97 38.26 -8.59
CA ALA C 74 12.98 37.82 -10.00
C ALA C 74 11.57 37.75 -10.61
N VAL C 75 10.65 37.16 -9.85
CA VAL C 75 9.29 36.98 -10.26
C VAL C 75 8.56 38.30 -10.30
N ASP C 76 8.77 39.11 -9.27
CA ASP C 76 8.13 40.43 -9.24
C ASP C 76 8.59 41.21 -10.47
N ASN C 77 9.92 41.36 -10.61
CA ASN C 77 10.49 42.18 -11.66
C ASN C 77 9.99 41.73 -12.99
N THR C 78 10.01 40.43 -13.22
CA THR C 78 9.60 39.92 -14.50
C THR C 78 8.12 40.18 -14.69
N ALA C 79 7.33 39.72 -13.73
CA ALA C 79 5.86 39.79 -13.83
C ALA C 79 5.36 41.17 -14.20
N ARG C 80 5.93 42.19 -13.58
CA ARG C 80 5.56 43.58 -13.82
C ARG C 80 6.13 44.13 -15.12
N ASN C 81 6.91 43.34 -15.85
CA ASN C 81 7.45 43.76 -17.13
C ASN C 81 6.49 43.36 -18.25
N PHE C 82 5.29 43.93 -18.24
CA PHE C 82 4.19 43.44 -19.07
C PHE C 82 4.50 43.29 -20.57
N THR C 83 5.07 44.32 -21.21
CA THR C 83 5.52 44.20 -22.58
C THR C 83 6.28 42.88 -22.76
N PHE C 84 7.23 42.61 -21.88
CA PHE C 84 8.04 41.39 -21.96
C PHE C 84 7.19 40.12 -21.91
N LEU C 85 6.28 40.03 -20.93
CA LEU C 85 5.35 38.90 -20.81
C LEU C 85 4.55 38.65 -22.09
N ARG C 86 4.03 39.70 -22.69
CA ARG C 86 3.21 39.52 -23.86
C ARG C 86 4.09 38.94 -24.95
N ASP C 87 5.09 39.74 -25.35
CA ASP C 87 6.06 39.36 -26.39
C ASP C 87 6.64 37.98 -26.17
N ALA C 88 7.07 37.71 -24.94
CA ALA C 88 7.81 36.49 -24.58
C ALA C 88 6.92 35.29 -24.34
N LEU C 89 5.68 35.34 -24.82
CA LEU C 89 4.72 34.26 -24.56
C LEU C 89 3.65 34.17 -25.64
N GLN C 90 3.78 34.99 -26.69
CA GLN C 90 2.78 35.12 -27.73
C GLN C 90 2.64 33.79 -28.47
N GLU C 91 3.73 33.06 -28.62
CA GLU C 91 3.69 31.78 -29.33
C GLU C 91 2.99 30.69 -28.53
N THR C 92 3.21 30.64 -27.22
CA THR C 92 2.44 29.70 -26.40
C THR C 92 0.93 30.03 -26.43
N ALA C 93 0.59 31.32 -26.58
CA ALA C 93 -0.79 31.78 -26.65
C ALA C 93 -1.49 31.34 -27.96
N ALA C 94 -0.85 31.64 -29.09
CA ALA C 94 -1.37 31.19 -30.39
C ALA C 94 -1.52 29.67 -30.47
N SER C 95 -0.81 28.95 -29.59
CA SER C 95 -0.92 27.50 -29.49
C SER C 95 -2.05 27.04 -28.53
N ASP C 96 -2.06 27.54 -27.29
CA ASP C 96 -3.15 27.25 -26.31
C ASP C 96 -4.08 28.46 -26.14
N VAL C 97 -5.05 28.59 -27.03
CA VAL C 97 -5.94 29.74 -27.07
C VAL C 97 -6.89 29.78 -25.87
N ASN C 98 -7.58 28.67 -25.60
CA ASN C 98 -8.65 28.64 -24.60
C ASN C 98 -8.21 28.71 -23.13
N PHE C 99 -6.90 28.69 -22.91
CA PHE C 99 -6.40 28.92 -21.58
C PHE C 99 -5.22 29.87 -21.61
N THR C 100 -4.06 29.43 -22.07
CA THR C 100 -2.90 30.32 -22.05
C THR C 100 -3.20 31.60 -22.83
N GLY C 101 -4.01 31.49 -23.88
CA GLY C 101 -4.40 32.64 -24.68
C GLY C 101 -5.28 33.60 -23.90
N LYS C 102 -6.40 33.10 -23.38
CA LYS C 102 -7.36 33.94 -22.67
C LYS C 102 -6.75 34.62 -21.45
N LEU C 103 -5.74 34.00 -20.84
CA LEU C 103 -4.95 34.61 -19.76
C LEU C 103 -4.09 35.77 -20.25
N LEU C 104 -3.42 35.59 -21.38
CA LEU C 104 -2.66 36.67 -21.97
C LEU C 104 -3.57 37.85 -22.39
N ASN C 105 -4.78 37.57 -22.87
CA ASN C 105 -5.72 38.65 -23.16
C ASN C 105 -5.90 39.55 -21.93
N MET C 106 -6.19 38.97 -20.76
CA MET C 106 -6.40 39.77 -19.55
C MET C 106 -5.24 40.69 -19.22
N LEU C 107 -4.03 40.15 -19.23
CA LEU C 107 -2.82 40.94 -19.04
C LEU C 107 -2.96 42.24 -19.82
N GLN C 108 -3.37 42.08 -21.07
CA GLN C 108 -3.52 43.20 -21.97
C GLN C 108 -4.66 44.11 -21.53
N GLU C 109 -5.89 43.59 -21.48
CA GLU C 109 -7.07 44.44 -21.23
C GLU C 109 -6.91 45.22 -19.92
N VAL C 110 -6.31 44.58 -18.92
CA VAL C 110 -6.09 45.20 -17.60
C VAL C 110 -4.82 46.07 -17.57
N TYR C 111 -3.67 45.45 -17.78
CA TYR C 111 -2.41 46.14 -17.54
C TYR C 111 -1.85 46.94 -18.73
N LEU C 112 -2.16 46.54 -19.97
CA LEU C 112 -1.50 47.14 -21.13
C LEU C 112 -2.32 48.14 -21.94
N SER C 113 -3.64 48.16 -21.81
CA SER C 113 -4.39 49.34 -22.29
C SER C 113 -4.19 50.48 -21.28
N GLY C 114 -4.64 51.67 -21.66
CA GLY C 114 -4.58 52.81 -20.72
C GLY C 114 -5.26 52.58 -19.37
N GLY C 115 -6.08 51.54 -19.25
CA GLY C 115 -6.91 51.29 -18.06
C GLY C 115 -6.18 51.28 -16.72
N PRO C 116 -6.81 51.82 -15.66
CA PRO C 116 -6.22 51.87 -14.32
C PRO C 116 -6.18 50.49 -13.72
N PHE C 117 -5.30 50.27 -12.76
CA PHE C 117 -5.26 48.97 -12.10
C PHE C 117 -4.56 48.95 -10.74
N GLN C 118 -5.09 48.18 -9.81
CA GLN C 118 -4.42 47.96 -8.52
C GLN C 118 -3.02 47.44 -8.74
N GLN C 119 -2.05 48.22 -8.29
CA GLN C 119 -0.66 47.96 -8.57
C GLN C 119 0.03 47.14 -7.47
N LEU C 120 -0.59 47.08 -6.28
CA LEU C 120 -0.08 46.22 -5.22
C LEU C 120 -0.33 44.77 -5.62
N MET C 121 0.66 43.90 -5.41
CA MET C 121 0.50 42.48 -5.69
C MET C 121 1.06 41.65 -4.53
N LEU C 122 0.31 40.65 -4.08
CA LEU C 122 0.77 39.73 -3.02
C LEU C 122 1.23 38.45 -3.68
N GLY C 123 2.51 38.09 -3.48
CA GLY C 123 3.03 36.79 -3.91
C GLY C 123 3.14 35.84 -2.75
N ILE C 124 2.54 34.65 -2.86
CA ILE C 124 2.83 33.51 -1.96
C ILE C 124 3.32 32.39 -2.86
N PHE C 125 4.63 32.41 -3.12
CA PHE C 125 5.24 31.48 -4.07
C PHE C 125 5.90 30.34 -3.34
N ARG C 126 6.27 29.32 -4.09
CA ARG C 126 7.18 28.30 -3.60
C ARG C 126 8.18 27.93 -4.70
N THR C 127 9.47 27.97 -4.35
CA THR C 127 10.53 27.48 -5.23
C THR C 127 10.90 26.05 -4.83
N ASP C 128 10.78 25.11 -5.76
CA ASP C 128 11.02 23.71 -5.49
C ASP C 128 12.36 23.31 -6.04
N TYR C 129 13.23 22.81 -5.16
CA TYR C 129 14.53 22.30 -5.57
C TYR C 129 14.56 20.80 -5.38
N MET C 130 15.42 20.15 -6.15
CA MET C 130 15.79 18.76 -5.92
C MET C 130 17.34 18.68 -5.86
N ARG C 131 17.88 17.82 -5.01
CA ARG C 131 19.35 17.72 -4.85
C ARG C 131 19.93 16.91 -5.98
N GLU C 132 21.18 17.19 -6.31
CA GLU C 132 21.92 16.49 -7.36
C GLU C 132 22.48 15.20 -6.81
N GLY C 133 22.46 14.19 -7.65
CA GLY C 133 22.85 12.84 -7.26
C GLY C 133 24.27 12.64 -6.71
N VAL C 134 24.48 11.43 -6.17
CA VAL C 134 25.61 11.04 -5.28
C VAL C 134 25.28 11.43 -3.81
N THR C 141 33.04 23.61 -11.46
CA THR C 141 31.73 24.13 -11.08
C THR C 141 31.63 24.45 -9.58
N THR C 142 31.29 25.70 -9.28
CA THR C 142 30.97 26.14 -7.92
C THR C 142 29.44 26.26 -7.75
N ALA C 143 28.71 25.53 -8.61
CA ALA C 143 27.24 25.58 -8.64
C ALA C 143 26.67 24.75 -7.50
N SER C 144 25.38 24.89 -7.24
CA SER C 144 24.78 24.24 -6.08
C SER C 144 24.31 22.85 -6.42
N ARG C 145 24.40 21.95 -5.45
CA ARG C 145 23.85 20.62 -5.59
C ARG C 145 22.34 20.69 -5.78
N TRP C 146 21.68 21.60 -5.07
CA TRP C 146 20.25 21.73 -5.19
C TRP C 146 19.88 22.51 -6.43
N LYS C 147 19.53 21.80 -7.49
CA LYS C 147 19.04 22.46 -8.70
C LYS C 147 17.56 22.84 -8.53
N ASN C 148 17.16 23.95 -9.15
CA ASN C 148 15.76 24.38 -9.13
C ASN C 148 14.98 23.68 -10.23
N VAL C 149 13.90 22.98 -9.87
CA VAL C 149 13.13 22.16 -10.81
C VAL C 149 11.74 22.71 -11.12
N GLU C 150 11.26 23.60 -10.27
CA GLU C 150 9.89 24.09 -10.33
C GLU C 150 9.77 25.43 -9.57
N ILE C 151 9.25 26.44 -10.25
CA ILE C 151 8.84 27.71 -9.63
C ILE C 151 7.32 27.88 -9.80
N ASN C 152 6.62 28.22 -8.71
CA ASN C 152 5.15 28.35 -8.79
C ASN C 152 4.58 29.45 -7.92
N THR C 153 3.64 30.17 -8.52
CA THR C 153 3.13 31.40 -7.95
C THR C 153 1.64 31.34 -7.67
N ILE C 154 1.03 30.21 -8.00
CA ILE C 154 -0.42 30.11 -7.94
C ILE C 154 -0.86 28.98 -7.01
N SER C 155 -1.81 29.28 -6.14
CA SER C 155 -2.30 28.30 -5.20
C SER C 155 -1.24 27.31 -4.70
N CYS C 156 -0.11 27.82 -4.20
CA CYS C 156 0.93 26.97 -3.63
C CYS C 156 0.43 26.24 -2.43
N SER C 157 0.58 24.92 -2.43
CA SER C 157 0.03 24.08 -1.38
C SER C 157 0.98 23.81 -0.25
N PHE C 158 0.40 23.43 0.88
CA PHE C 158 1.11 22.97 2.08
C PHE C 158 1.77 24.02 2.95
N ALA C 159 1.61 25.31 2.68
CA ALA C 159 2.28 26.28 3.57
C ALA C 159 1.68 26.20 4.95
N GLY C 160 0.49 25.63 5.04
CA GLY C 160 -0.23 25.53 6.30
C GLY C 160 -0.03 24.21 6.99
N LEU C 161 -0.11 23.12 6.22
CA LEU C 161 0.12 21.77 6.72
C LEU C 161 1.57 21.50 7.13
N SER C 162 2.52 22.11 6.42
CA SER C 162 3.94 21.78 6.57
C SER C 162 4.51 21.72 8.02
N PRO C 163 4.27 22.75 8.83
CA PRO C 163 4.75 22.68 10.21
C PRO C 163 4.28 21.44 10.98
N LEU C 164 3.02 21.06 10.76
CA LEU C 164 2.47 19.90 11.44
C LEU C 164 3.36 18.70 11.24
N ILE C 165 3.87 18.52 10.03
CA ILE C 165 4.69 17.36 9.74
C ILE C 165 5.84 17.28 10.73
N THR C 166 6.55 18.38 10.95
CA THR C 166 7.64 18.37 11.93
C THR C 166 7.19 17.87 13.32
N GLU C 167 5.98 18.19 13.72
CA GLU C 167 5.47 17.78 15.03
C GLU C 167 5.15 16.32 15.03
N PHE C 168 4.91 15.76 13.86
CA PHE C 168 4.61 14.34 13.72
C PHE C 168 5.94 13.58 13.75
N HIS C 169 6.94 14.14 13.08
CA HIS C 169 8.24 13.55 13.15
C HIS C 169 8.82 13.69 14.57
N GLN C 170 8.57 14.80 15.26
CA GLN C 170 8.98 14.87 16.66
C GLN C 170 8.41 13.64 17.40
N HIS C 171 7.18 13.24 17.08
CA HIS C 171 6.54 12.10 17.75
C HIS C 171 7.25 10.79 17.54
N ILE C 172 7.67 10.52 16.31
CA ILE C 172 8.41 9.28 16.05
C ILE C 172 9.68 9.33 16.85
N ALA C 173 10.27 10.53 16.93
CA ALA C 173 11.55 10.69 17.61
C ALA C 173 11.37 10.35 19.08
N ALA C 174 10.37 10.93 19.72
CA ALA C 174 10.04 10.57 21.10
C ALA C 174 9.77 9.08 21.21
N TYR C 175 8.69 8.61 20.63
CA TYR C 175 8.37 7.19 20.65
C TYR C 175 9.64 6.37 20.55
N LEU C 176 10.46 6.64 19.53
CA LEU C 176 11.67 5.82 19.30
C LEU C 176 12.66 5.92 20.44
N GLN C 177 12.79 7.10 21.02
CA GLN C 177 13.69 7.26 22.14
C GLN C 177 13.32 6.32 23.26
N VAL C 178 12.06 6.32 23.62
CA VAL C 178 11.62 5.58 24.77
C VAL C 178 11.73 4.11 24.46
N LEU C 179 11.37 3.76 23.23
CA LEU C 179 11.43 2.39 22.71
C LEU C 179 12.86 1.87 22.80
N GLN C 180 13.83 2.65 22.34
CA GLN C 180 15.24 2.27 22.44
C GLN C 180 15.61 2.10 23.88
N LYS C 181 15.58 3.17 24.67
CA LYS C 181 15.85 3.05 26.11
C LYS C 181 15.27 1.79 26.74
N ALA C 182 14.14 1.31 26.23
CA ALA C 182 13.43 0.21 26.86
C ALA C 182 14.00 -1.19 26.63
N ARG C 183 15.12 -1.33 25.92
CA ARG C 183 15.72 -2.67 25.69
C ARG C 183 17.01 -3.05 26.48
N GLY C 184 18.07 -2.23 26.46
CA GLY C 184 18.10 -0.94 25.79
C GLY C 184 19.43 -0.62 25.12
N LYS C 185 19.41 0.47 24.38
CA LYS C 185 20.46 0.82 23.43
C LYS C 185 20.12 2.12 22.68
N GLU C 186 20.84 3.20 22.99
CA GLU C 186 20.86 4.38 22.13
C GLU C 186 21.91 4.13 21.04
N ASP C 187 22.90 3.30 21.39
CA ASP C 187 23.87 2.75 20.44
C ASP C 187 23.29 1.49 19.78
N GLU C 192 24.75 3.49 14.67
CA GLU C 192 24.25 4.69 14.01
C GLU C 192 23.10 5.31 14.80
N ASN C 193 23.37 6.46 15.43
CA ASN C 193 22.36 7.17 16.20
C ASN C 193 21.31 7.89 15.32
N MET C 194 21.65 8.18 14.05
CA MET C 194 20.80 9.01 13.17
C MET C 194 20.16 10.10 14.02
N SER C 195 20.90 11.17 14.23
CA SER C 195 20.75 11.95 15.45
C SER C 195 19.54 12.86 15.52
N TRP C 196 18.66 12.81 14.53
CA TRP C 196 17.44 13.63 14.61
C TRP C 196 16.53 13.18 15.74
N ILE C 197 16.64 11.90 16.06
CA ILE C 197 15.87 11.30 17.14
C ILE C 197 16.26 11.91 18.49
N TRP C 198 17.57 12.00 18.77
CA TRP C 198 18.10 12.63 20.00
C TRP C 198 18.28 14.15 19.86
N GLY C 199 17.14 14.85 19.92
CA GLY C 199 17.01 16.26 19.53
C GLY C 199 18.18 17.24 19.64
N LYS C 200 18.97 17.16 20.71
CA LYS C 200 19.96 18.22 21.00
C LYS C 200 21.17 18.29 20.04
N GLY C 201 21.24 19.41 19.31
CA GLY C 201 22.47 19.92 18.68
C GLY C 201 22.75 19.51 17.24
N ASN C 202 23.62 18.49 17.10
CA ASN C 202 24.07 17.96 15.80
C ASN C 202 23.00 17.91 14.71
N CYS C 203 21.78 17.55 15.10
CA CYS C 203 20.70 17.38 14.15
C CYS C 203 19.41 17.83 14.80
N ARG C 204 18.61 18.60 14.10
CA ARG C 204 17.34 19.03 14.66
C ARG C 204 16.30 19.15 13.58
N LEU C 205 15.12 18.63 13.89
CA LEU C 205 13.98 18.73 13.01
C LEU C 205 13.62 20.21 12.95
N GLU C 206 13.61 20.77 11.76
CA GLU C 206 13.43 22.20 11.56
C GLU C 206 11.98 22.41 11.16
N ARG C 207 11.22 23.12 12.01
CA ARG C 207 9.81 23.32 11.81
C ARG C 207 9.58 24.43 10.80
N SER C 208 8.67 24.20 9.87
CA SER C 208 8.43 25.14 8.81
C SER C 208 7.78 26.34 9.41
N VAL C 209 8.28 27.51 9.08
CA VAL C 209 7.75 28.74 9.65
C VAL C 209 6.52 29.26 8.84
N SER C 210 6.08 28.50 7.84
CA SER C 210 5.07 28.94 6.86
C SER C 210 3.63 29.02 7.35
N GLY C 211 3.33 28.36 8.46
CA GLY C 211 1.99 28.41 9.02
C GLY C 211 1.69 29.72 9.71
N ASP C 212 2.74 30.51 9.95
CA ASP C 212 2.67 31.82 10.60
C ASP C 212 3.01 32.99 9.66
N VAL C 213 4.00 32.79 8.80
CA VAL C 213 4.46 33.85 7.91
C VAL C 213 3.44 34.16 6.81
N VAL C 214 2.78 33.13 6.27
CA VAL C 214 1.81 33.29 5.19
C VAL C 214 0.46 33.82 5.69
N PRO C 215 -0.03 33.38 6.86
CA PRO C 215 -1.18 34.09 7.31
C PRO C 215 -0.92 35.56 7.51
N LYS C 216 0.27 35.94 7.96
CA LYS C 216 0.59 37.34 8.24
C LYS C 216 0.78 38.14 6.95
N ALA C 217 1.26 37.51 5.88
CA ALA C 217 1.37 38.21 4.62
C ALA C 217 -0.01 38.60 4.19
N ILE C 218 -0.91 37.63 4.20
CA ILE C 218 -2.28 37.90 3.79
C ILE C 218 -2.78 39.00 4.68
N ALA C 219 -2.55 38.88 5.98
CA ALA C 219 -3.00 39.89 6.91
C ALA C 219 -2.47 41.25 6.48
N ASP C 220 -1.15 41.35 6.24
CA ASP C 220 -0.52 42.63 5.96
C ASP C 220 -0.85 43.22 4.62
N ALA C 221 -1.28 42.38 3.68
CA ALA C 221 -1.81 42.83 2.39
C ALA C 221 -3.20 43.44 2.50
N VAL C 222 -4.05 42.86 3.32
CA VAL C 222 -5.36 43.44 3.59
C VAL C 222 -5.15 44.78 4.23
N ARG C 223 -4.29 44.81 5.23
CA ARG C 223 -3.95 46.06 5.91
C ARG C 223 -3.44 47.08 4.93
N ALA C 224 -2.61 46.64 3.99
CA ALA C 224 -1.99 47.54 3.04
C ALA C 224 -3.01 48.05 2.04
N TRP C 225 -4.04 47.26 1.75
CA TRP C 225 -5.11 47.69 0.89
C TRP C 225 -5.93 48.69 1.64
N VAL C 226 -6.23 48.42 2.90
CA VAL C 226 -7.08 49.31 3.69
C VAL C 226 -6.49 50.69 3.66
N GLU C 227 -5.18 50.77 3.84
CA GLU C 227 -4.48 52.03 4.04
C GLU C 227 -4.35 52.78 2.75
N GLN C 228 -4.20 52.07 1.64
CA GLN C 228 -4.14 52.71 0.33
C GLN C 228 -5.43 53.45 -0.01
N GLN C 229 -6.54 52.72 0.10
CA GLN C 229 -7.87 53.19 -0.21
C GLN C 229 -8.46 54.14 0.82
N LYS C 230 -7.93 54.17 2.01
CA LYS C 230 -8.56 54.98 3.03
C LYS C 230 -9.98 54.45 3.21
N PHE C 231 -10.07 53.15 3.49
CA PHE C 231 -11.35 52.45 3.48
C PHE C 231 -12.39 53.04 4.39
N ALA C 232 -11.95 53.68 5.46
CA ALA C 232 -12.85 54.42 6.32
C ALA C 232 -13.55 55.50 5.52
N SER C 233 -12.75 56.29 4.80
CA SER C 233 -13.26 57.40 3.96
C SER C 233 -13.98 56.87 2.76
N LEU C 234 -13.68 55.65 2.35
CA LEU C 234 -14.44 55.06 1.29
C LEU C 234 -15.83 54.80 1.75
N ARG C 235 -15.97 54.28 2.97
CA ARG C 235 -17.27 54.14 3.59
C ARG C 235 -17.95 55.49 3.79
N ALA C 236 -17.27 56.45 4.41
CA ALA C 236 -17.91 57.73 4.63
C ALA C 236 -18.47 58.31 3.34
N SER C 237 -17.74 58.11 2.23
CA SER C 237 -18.15 58.57 0.91
C SER C 237 -19.27 57.74 0.38
N TRP C 238 -19.11 56.44 0.49
CA TRP C 238 -20.14 55.50 0.10
C TRP C 238 -21.45 55.98 0.65
N GLU C 239 -21.47 56.21 1.97
CA GLU C 239 -22.69 56.58 2.66
C GLU C 239 -23.28 57.90 2.23
N GLN C 240 -22.45 58.86 1.84
CA GLN C 240 -22.97 60.14 1.39
C GLN C 240 -23.88 59.93 0.18
N PHE C 241 -23.63 58.89 -0.62
CA PHE C 241 -24.51 58.59 -1.75
C PHE C 241 -25.79 57.92 -1.34
N GLN C 242 -25.78 57.27 -0.17
CA GLN C 242 -27.00 56.67 0.37
C GLN C 242 -27.82 57.55 1.34
N GLN C 243 -27.53 58.85 1.46
CA GLN C 243 -28.27 59.71 2.40
C GLN C 243 -29.57 60.26 1.81
N ASN C 244 -30.50 59.32 1.63
CA ASN C 244 -31.73 59.51 0.88
C ASN C 244 -32.98 59.41 1.78
N LEU C 254 -28.75 51.23 -0.59
CA LEU C 254 -29.66 50.11 -0.34
C LEU C 254 -29.03 49.03 0.56
N GLY C 255 -27.72 48.75 0.40
CA GLY C 255 -26.98 47.81 1.28
C GLY C 255 -25.66 48.35 1.82
N VAL C 256 -25.56 48.60 3.14
CA VAL C 256 -24.36 49.25 3.73
C VAL C 256 -23.09 48.45 3.40
N LEU C 257 -21.95 49.13 3.49
CA LEU C 257 -20.62 48.49 3.43
C LEU C 257 -20.14 47.92 4.78
N ASP C 258 -19.60 46.72 4.78
CA ASP C 258 -18.97 46.16 5.98
C ASP C 258 -17.97 47.16 6.53
N THR C 259 -17.63 47.05 7.82
CA THR C 259 -16.67 47.99 8.42
C THR C 259 -15.22 47.60 8.29
N ALA C 260 -14.93 46.35 7.94
CA ALA C 260 -13.62 45.95 7.42
C ALA C 260 -13.80 45.12 6.18
N PRO C 261 -12.81 45.09 5.31
CA PRO C 261 -12.84 44.27 4.12
C PRO C 261 -12.52 42.82 4.45
N VAL C 262 -12.40 41.97 3.44
CA VAL C 262 -12.27 40.53 3.67
C VAL C 262 -11.29 39.91 2.70
N VAL C 263 -10.84 38.69 3.00
CA VAL C 263 -10.08 37.94 2.03
C VAL C 263 -11.06 37.05 1.29
N LEU C 264 -11.08 37.18 -0.03
CA LEU C 264 -11.87 36.33 -0.89
C LEU C 264 -10.99 35.18 -1.28
N VAL C 265 -11.35 33.98 -0.84
CA VAL C 265 -10.61 32.79 -1.19
C VAL C 265 -11.30 32.17 -2.39
N VAL C 266 -10.69 32.19 -3.57
CA VAL C 266 -11.31 31.62 -4.79
C VAL C 266 -11.02 30.14 -4.93
N VAL C 267 -12.02 29.31 -4.65
CA VAL C 267 -11.92 27.82 -4.71
C VAL C 267 -12.48 27.14 -5.97
N GLN C 268 -12.00 25.93 -6.23
CA GLN C 268 -12.46 25.17 -7.38
C GLN C 268 -13.83 24.60 -7.13
N GLU C 269 -14.54 24.27 -8.21
CA GLU C 269 -15.86 23.64 -8.09
C GLU C 269 -15.79 22.29 -7.33
N ASN C 270 -14.69 21.55 -7.45
CA ASN C 270 -14.44 20.37 -6.60
C ASN C 270 -13.22 20.55 -5.70
N GLU C 271 -13.41 21.02 -4.46
CA GLU C 271 -12.26 21.48 -3.65
C GLU C 271 -11.55 20.40 -2.86
N ARG C 272 -10.22 20.53 -2.87
CA ARG C 272 -9.30 19.57 -2.29
C ARG C 272 -8.26 20.38 -1.53
N ASN C 273 -7.35 19.73 -0.81
CA ASN C 273 -6.40 20.44 0.05
C ASN C 273 -7.12 21.46 0.93
N THR C 274 -7.99 20.95 1.77
CA THR C 274 -8.90 21.75 2.58
C THR C 274 -8.29 22.03 3.94
N ALA C 275 -7.82 20.98 4.60
CA ALA C 275 -7.04 21.08 5.82
C ALA C 275 -6.03 22.20 5.68
N ASP C 276 -5.27 22.16 4.58
CA ASP C 276 -4.26 23.16 4.32
C ASP C 276 -4.81 24.57 4.33
N GLN C 277 -5.89 24.84 3.58
CA GLN C 277 -6.30 26.25 3.53
C GLN C 277 -6.87 26.70 4.82
N TYR C 278 -7.53 25.83 5.56
CA TYR C 278 -8.04 26.23 6.86
C TYR C 278 -6.93 26.60 7.85
N ALA C 279 -5.93 25.72 7.99
CA ALA C 279 -4.73 26.00 8.80
C ALA C 279 -4.18 27.42 8.52
N LEU C 280 -4.26 27.83 7.24
CA LEU C 280 -3.94 29.20 6.88
C LEU C 280 -5.09 30.13 7.29
N LEU C 281 -6.28 29.86 6.79
CA LEU C 281 -7.34 30.83 6.88
C LEU C 281 -7.80 31.03 8.32
N MET C 282 -7.79 29.96 9.10
CA MET C 282 -8.13 30.08 10.52
C MET C 282 -7.20 31.03 11.21
N ARG C 283 -5.97 31.17 10.73
CA ARG C 283 -5.04 32.05 11.46
C ARG C 283 -5.31 33.51 11.08
N VAL C 284 -5.45 33.79 9.79
CA VAL C 284 -6.04 35.07 9.38
C VAL C 284 -7.31 35.54 10.20
N LEU C 285 -8.20 34.60 10.59
CA LEU C 285 -9.40 34.96 11.35
C LEU C 285 -9.10 35.15 12.81
N GLU C 286 -8.52 34.13 13.43
CA GLU C 286 -8.27 34.13 14.88
C GLU C 286 -7.13 35.04 15.28
N GLU C 287 -6.04 34.97 14.57
CA GLU C 287 -4.90 35.77 14.93
C GLU C 287 -5.03 37.18 14.39
N HIS C 288 -5.40 37.32 13.13
CA HIS C 288 -5.40 38.63 12.53
C HIS C 288 -6.76 39.28 12.40
N ARG C 289 -7.82 38.60 12.81
CA ARG C 289 -9.11 39.24 12.90
C ARG C 289 -9.72 39.66 11.56
N ILE C 290 -9.42 38.92 10.50
CA ILE C 290 -9.94 39.25 9.17
C ILE C 290 -10.77 38.09 8.61
N ARG C 291 -11.92 38.42 8.06
CA ARG C 291 -12.84 37.39 7.62
C ARG C 291 -12.31 36.85 6.31
N PHE C 292 -12.48 35.55 6.12
CA PHE C 292 -12.27 34.93 4.82
C PHE C 292 -13.62 34.37 4.35
N ILE C 293 -13.96 34.59 3.09
CA ILE C 293 -15.15 33.99 2.49
C ILE C 293 -14.72 33.18 1.26
N PHE C 294 -15.35 32.03 1.05
CA PHE C 294 -15.06 31.15 -0.10
C PHE C 294 -16.04 31.29 -1.27
N ARG C 295 -15.49 31.53 -2.48
CA ARG C 295 -16.26 31.59 -3.72
C ARG C 295 -15.62 30.82 -4.86
N THR C 296 -16.44 30.29 -5.77
CA THR C 296 -15.95 29.82 -7.07
C THR C 296 -16.10 30.96 -8.07
N LEU C 297 -15.29 30.92 -9.14
CA LEU C 297 -15.41 31.92 -10.16
C LEU C 297 -16.86 31.94 -10.64
N GLN C 298 -17.40 30.78 -10.96
CA GLN C 298 -18.82 30.67 -11.30
C GLN C 298 -19.72 31.47 -10.37
N GLU C 299 -19.61 31.27 -9.07
CA GLU C 299 -20.46 31.96 -8.10
C GLU C 299 -20.29 33.47 -8.13
N LEU C 300 -19.06 33.93 -8.35
CA LEU C 300 -18.75 35.35 -8.40
C LEU C 300 -19.39 35.99 -9.60
N HIS C 301 -19.65 35.21 -10.63
CA HIS C 301 -20.36 35.75 -11.76
C HIS C 301 -21.59 36.50 -11.26
N LEU C 302 -22.28 35.97 -10.26
CA LEU C 302 -23.50 36.60 -9.79
C LEU C 302 -23.39 37.31 -8.43
N SER C 303 -22.28 37.10 -7.73
CA SER C 303 -22.06 37.73 -6.42
C SER C 303 -21.22 39.01 -6.52
N LEU C 304 -20.17 38.97 -7.33
CA LEU C 304 -19.24 40.08 -7.46
C LEU C 304 -19.82 41.22 -8.28
N LYS C 305 -19.73 42.42 -7.75
CA LYS C 305 -19.98 43.62 -8.53
C LYS C 305 -18.82 44.59 -8.31
N LEU C 306 -18.33 45.16 -9.40
CA LEU C 306 -17.39 46.24 -9.31
C LEU C 306 -18.20 47.48 -9.03
N HIS C 307 -17.60 48.44 -8.37
CA HIS C 307 -18.27 49.68 -8.05
C HIS C 307 -17.23 50.75 -8.18
N SER C 308 -17.37 51.57 -9.20
CA SER C 308 -16.47 52.67 -9.42
C SER C 308 -16.88 53.67 -8.35
N ILE C 309 -15.94 54.35 -7.71
CA ILE C 309 -16.29 55.53 -6.89
C ILE C 309 -15.50 56.76 -7.32
N SER C 310 -14.22 56.56 -7.64
CA SER C 310 -13.48 57.50 -8.49
C SER C 310 -13.20 56.87 -9.85
N PRO C 311 -13.80 57.41 -10.91
CA PRO C 311 -13.40 57.12 -12.27
C PRO C 311 -11.91 56.80 -12.54
N GLU C 312 -10.96 57.55 -11.97
CA GLU C 312 -9.53 57.31 -12.34
C GLU C 312 -8.82 56.25 -11.49
N GLN C 313 -9.60 55.39 -10.84
CA GLN C 313 -9.05 54.37 -9.96
C GLN C 313 -9.82 53.06 -10.09
N PRO C 314 -9.11 51.93 -9.94
CA PRO C 314 -9.75 50.63 -10.11
C PRO C 314 -10.92 50.45 -9.15
N PRO C 315 -12.03 49.86 -9.61
CA PRO C 315 -13.25 49.86 -8.82
C PRO C 315 -13.17 48.98 -7.59
N LEU C 316 -14.03 49.28 -6.61
CA LEU C 316 -14.12 48.50 -5.37
C LEU C 316 -14.91 47.28 -5.71
N ALA C 317 -14.49 46.13 -5.24
CA ALA C 317 -15.20 44.92 -5.61
C ALA C 317 -16.03 44.52 -4.41
N VAL C 318 -17.34 44.77 -4.43
CA VAL C 318 -18.19 44.23 -3.36
C VAL C 318 -18.76 42.88 -3.81
N VAL C 319 -18.80 41.93 -2.88
CA VAL C 319 -19.50 40.65 -3.08
C VAL C 319 -20.73 40.64 -2.20
N ASP C 320 -21.86 40.22 -2.76
CA ASP C 320 -23.12 40.17 -2.04
C ASP C 320 -23.56 41.57 -1.62
N GLY C 321 -23.07 42.57 -2.34
CA GLY C 321 -23.43 43.96 -2.10
C GLY C 321 -23.15 44.44 -0.69
N HIS C 322 -22.11 43.88 -0.07
CA HIS C 322 -21.59 44.37 1.21
C HIS C 322 -20.14 43.90 1.56
N TYR C 323 -19.64 42.85 0.92
CA TYR C 323 -18.30 42.38 1.23
C TYR C 323 -17.30 43.20 0.46
N PRO C 324 -16.53 44.04 1.12
CA PRO C 324 -15.44 44.69 0.41
C PRO C 324 -14.30 43.70 0.30
N ILE C 325 -13.70 43.54 -0.87
CA ILE C 325 -12.67 42.52 -1.05
C ILE C 325 -11.31 43.16 -1.01
N ALA C 326 -10.52 42.92 0.03
CA ALA C 326 -9.14 43.47 0.11
C ALA C 326 -8.12 42.60 -0.62
N VAL C 327 -8.34 41.29 -0.63
CA VAL C 327 -7.39 40.35 -1.22
C VAL C 327 -8.17 39.25 -1.93
N ALA C 328 -7.84 39.02 -3.19
CA ALA C 328 -8.37 37.86 -3.89
C ALA C 328 -7.26 36.83 -3.89
N TYR C 329 -7.40 35.87 -2.98
CA TYR C 329 -6.42 34.80 -2.75
C TYR C 329 -6.88 33.59 -3.49
N PHE C 330 -6.24 33.33 -4.62
CA PHE C 330 -6.57 32.15 -5.41
C PHE C 330 -6.00 30.78 -4.89
N ARG C 331 -6.93 29.91 -4.50
CA ARG C 331 -6.68 28.49 -4.36
C ARG C 331 -7.24 27.77 -5.57
N SER C 332 -7.21 28.41 -6.74
CA SER C 332 -7.72 27.81 -7.97
C SER C 332 -7.28 28.57 -9.24
N THR C 333 -7.94 28.28 -10.35
CA THR C 333 -7.66 28.92 -11.64
C THR C 333 -6.32 28.51 -12.27
N TYR C 334 -5.59 27.60 -11.64
CA TYR C 334 -4.23 27.27 -12.11
C TYR C 334 -4.24 26.28 -13.30
N VAL C 335 -5.24 25.37 -13.30
CA VAL C 335 -5.50 24.49 -14.45
C VAL C 335 -6.79 24.92 -15.20
N PRO C 336 -6.81 24.74 -16.52
CA PRO C 336 -7.92 25.08 -17.40
C PRO C 336 -9.34 24.79 -16.92
N GLU C 337 -9.56 23.68 -16.20
CA GLU C 337 -10.94 23.22 -15.90
C GLU C 337 -11.72 24.10 -14.92
N ASP C 338 -11.03 24.96 -14.20
CA ASP C 338 -11.68 25.88 -13.29
C ASP C 338 -12.17 27.08 -14.08
N PHE C 339 -12.16 26.95 -15.41
CA PHE C 339 -12.76 27.92 -16.33
C PHE C 339 -13.72 27.21 -17.29
N PRO C 340 -14.82 26.67 -16.78
CA PRO C 340 -15.76 25.94 -17.63
C PRO C 340 -16.77 26.80 -18.38
N THR C 341 -16.58 28.12 -18.41
CA THR C 341 -17.60 29.01 -18.96
C THR C 341 -17.03 30.37 -19.21
N ASP C 342 -17.60 31.10 -20.16
CA ASP C 342 -17.31 32.53 -20.34
C ASP C 342 -17.50 33.33 -19.06
N ALA C 343 -18.58 33.00 -18.35
CA ALA C 343 -18.90 33.61 -17.06
C ALA C 343 -17.71 33.55 -16.16
N THR C 344 -17.06 32.39 -16.16
CA THR C 344 -15.92 32.13 -15.28
C THR C 344 -14.79 33.08 -15.59
N TRP C 345 -14.57 33.30 -16.88
CA TRP C 345 -13.58 34.25 -17.34
C TRP C 345 -14.02 35.69 -17.08
N ALA C 346 -15.31 35.97 -17.30
CA ALA C 346 -15.92 37.25 -16.89
C ALA C 346 -15.64 37.60 -15.42
N ALA C 347 -15.89 36.63 -14.53
CA ALA C 347 -15.63 36.78 -13.12
C ALA C 347 -14.15 36.89 -12.83
N ARG C 348 -13.32 36.15 -13.56
CA ARG C 348 -11.88 36.21 -13.33
C ARG C 348 -11.33 37.54 -13.75
N LEU C 349 -11.88 38.08 -14.83
CA LEU C 349 -11.48 39.41 -15.31
C LEU C 349 -11.96 40.45 -14.33
N SER C 350 -13.18 40.28 -13.81
CA SER C 350 -13.77 41.31 -12.98
C SER C 350 -12.88 41.60 -11.79
N LEU C 351 -12.46 40.56 -11.09
CA LEU C 351 -11.53 40.71 -9.96
C LEU C 351 -10.24 41.45 -10.36
N GLU C 352 -9.59 40.99 -11.43
CA GLU C 352 -8.33 41.60 -11.85
C GLU C 352 -8.53 43.10 -12.07
N ARG C 353 -9.54 43.41 -12.87
CA ARG C 353 -9.94 44.78 -13.13
C ARG C 353 -10.11 45.61 -11.86
N SER C 354 -10.57 44.96 -10.78
CA SER C 354 -10.83 45.61 -9.46
C SER C 354 -9.61 46.15 -8.73
N SER C 355 -9.83 46.54 -7.47
CA SER C 355 -8.75 47.04 -6.58
C SER C 355 -8.18 46.03 -5.59
N ALA C 356 -8.68 44.80 -5.58
CA ALA C 356 -8.19 43.83 -4.60
C ALA C 356 -6.75 43.41 -4.92
N ILE C 357 -5.92 43.34 -3.89
CA ILE C 357 -4.57 42.85 -4.09
C ILE C 357 -4.79 41.36 -4.34
N LYS C 358 -4.32 40.87 -5.48
CA LYS C 358 -4.61 39.50 -5.90
C LYS C 358 -3.39 38.59 -5.67
N CYS C 359 -3.65 37.29 -5.49
CA CYS C 359 -2.60 36.35 -5.12
C CYS C 359 -2.80 35.00 -5.81
N PRO C 360 -2.38 34.88 -7.08
CA PRO C 360 -1.56 35.79 -7.84
C PRO C 360 -2.35 36.72 -8.75
N SER C 361 -1.84 37.92 -8.94
CA SER C 361 -2.19 38.71 -10.10
C SER C 361 -1.86 37.88 -11.33
N ILE C 362 -2.43 38.26 -12.46
CA ILE C 362 -2.17 37.59 -13.70
C ILE C 362 -0.68 37.57 -13.99
N PRO C 363 -0.05 38.73 -13.99
CA PRO C 363 1.41 38.77 -14.03
C PRO C 363 2.10 37.68 -13.20
N TYR C 364 1.87 37.64 -11.90
CA TYR C 364 2.44 36.59 -11.06
C TYR C 364 2.08 35.19 -11.56
N HIS C 365 0.79 34.97 -11.87
CA HIS C 365 0.31 33.72 -12.43
C HIS C 365 1.16 33.32 -13.64
N LEU C 366 1.30 34.23 -14.59
CA LEU C 366 2.00 33.91 -15.83
C LEU C 366 3.46 33.56 -15.60
N LEU C 367 3.99 33.86 -14.41
CA LEU C 367 5.35 33.46 -14.14
C LEU C 367 5.52 32.03 -13.66
N THR C 368 4.40 31.29 -13.49
CA THR C 368 4.47 29.84 -13.23
C THR C 368 4.69 29.04 -14.51
N PHE C 369 4.16 29.56 -15.61
CA PHE C 369 4.27 28.90 -16.90
C PHE C 369 5.69 28.41 -17.14
N LYS C 370 5.81 27.13 -17.49
CA LYS C 370 7.10 26.55 -17.79
C LYS C 370 7.88 27.41 -18.79
N LYS C 371 7.19 28.00 -19.76
CA LYS C 371 7.87 28.83 -20.77
C LYS C 371 8.76 29.95 -20.17
N LEU C 372 8.46 30.39 -18.96
CA LEU C 372 9.25 31.47 -18.35
C LEU C 372 10.33 30.95 -17.43
N GLN C 373 10.13 29.78 -16.85
CA GLN C 373 11.18 29.14 -16.06
C GLN C 373 12.33 28.78 -16.98
N GLN C 374 11.98 28.54 -18.25
CA GLN C 374 12.97 28.40 -19.31
C GLN C 374 13.63 29.74 -19.59
N LEU C 375 12.83 30.76 -19.88
CA LEU C 375 13.38 32.06 -20.24
C LEU C 375 14.38 32.54 -19.18
N LEU C 376 13.99 32.45 -17.91
CA LEU C 376 14.85 32.85 -16.80
C LEU C 376 16.25 32.21 -16.85
N CYS C 377 16.37 31.07 -17.53
CA CYS C 377 17.68 30.44 -17.69
C CYS C 377 18.62 31.25 -18.57
N ASP C 378 18.05 32.11 -19.41
CA ASP C 378 18.85 32.98 -20.27
C ASP C 378 19.45 34.05 -19.37
N VAL C 379 20.66 33.78 -18.90
CA VAL C 379 21.28 34.61 -17.87
C VAL C 379 21.74 36.00 -18.36
N ASP C 380 21.61 36.31 -19.65
CA ASP C 380 22.10 37.58 -20.21
C ASP C 380 21.10 38.41 -20.99
N ARG C 381 20.07 37.78 -21.52
CA ARG C 381 19.00 38.50 -22.22
C ARG C 381 17.76 38.62 -21.32
N VAL C 382 17.56 37.65 -20.41
CA VAL C 382 16.37 37.68 -19.54
C VAL C 382 16.66 37.82 -18.04
N LEU C 383 17.56 37.00 -17.48
CA LEU C 383 17.80 36.99 -16.03
C LEU C 383 18.33 38.29 -15.50
N VAL C 384 19.43 38.77 -16.06
CA VAL C 384 20.02 40.03 -15.58
C VAL C 384 19.25 41.30 -15.97
N PRO C 385 18.88 41.44 -17.25
CA PRO C 385 18.21 42.68 -17.66
C PRO C 385 16.76 42.79 -17.20
N VAL C 386 15.99 41.75 -17.47
CA VAL C 386 14.55 41.82 -17.23
C VAL C 386 14.21 41.55 -15.76
N ALA C 387 14.66 40.42 -15.22
CA ALA C 387 14.30 39.98 -13.86
C ALA C 387 15.17 40.50 -12.70
N PHE C 388 16.26 41.19 -12.98
CA PHE C 388 17.07 41.85 -11.93
C PHE C 388 17.44 43.29 -12.27
N CYS C 389 17.01 43.78 -13.44
CA CYS C 389 17.24 45.14 -13.87
C CYS C 389 18.73 45.45 -13.94
N GLY C 390 19.56 44.46 -14.24
CA GLY C 390 20.98 44.69 -14.44
C GLY C 390 21.86 44.30 -13.26
N ASP C 391 21.22 44.01 -12.12
CA ASP C 391 21.94 43.59 -10.93
C ASP C 391 22.51 42.18 -11.14
N SER C 392 23.50 42.05 -12.03
CA SER C 392 24.06 40.74 -12.37
C SER C 392 24.68 40.11 -11.13
N ASP C 393 25.19 40.98 -10.26
CA ASP C 393 25.51 40.65 -8.88
C ASP C 393 24.48 39.68 -8.26
N LYS C 394 23.26 40.15 -8.02
CA LYS C 394 22.17 39.30 -7.48
C LYS C 394 21.84 38.08 -8.35
N ALA C 395 21.72 38.31 -9.66
CA ALA C 395 21.30 37.28 -10.58
C ALA C 395 22.22 36.11 -10.46
N GLY C 396 23.51 36.38 -10.38
CA GLY C 396 24.52 35.33 -10.39
C GLY C 396 24.42 34.32 -9.27
N LEU C 397 23.75 34.71 -8.18
CA LEU C 397 23.58 33.86 -7.02
C LEU C 397 22.48 32.84 -7.24
N LEU C 398 21.37 33.23 -7.89
CA LEU C 398 20.33 32.28 -8.31
C LEU C 398 20.89 31.26 -9.31
N GLN C 399 21.56 31.77 -10.35
CA GLN C 399 22.30 30.97 -11.36
C GLN C 399 22.83 29.64 -10.80
N ARG C 400 23.51 29.71 -9.68
CA ARG C 400 24.02 28.53 -8.99
C ARG C 400 23.09 27.32 -9.05
N HIS C 401 21.78 27.54 -9.01
CA HIS C 401 20.80 26.45 -8.93
C HIS C 401 20.11 26.18 -10.24
N PHE C 402 20.77 26.46 -11.35
CA PHE C 402 20.08 26.37 -12.61
C PHE C 402 20.33 25.07 -13.33
N VAL C 403 19.36 24.71 -14.17
CA VAL C 403 19.54 23.64 -15.14
C VAL C 403 19.31 24.24 -16.54
N PRO C 404 20.37 24.32 -17.37
CA PRO C 404 20.21 24.97 -18.67
C PRO C 404 19.01 24.43 -19.46
N GLN C 405 18.14 25.32 -19.95
CA GLN C 405 17.10 24.97 -20.92
C GLN C 405 17.34 25.70 -22.28
N TYR C 406 16.80 25.13 -23.37
CA TYR C 406 17.06 25.64 -24.75
C TYR C 406 15.87 25.41 -25.72
N SER C 407 15.27 26.50 -26.21
CA SER C 407 14.02 26.44 -27.04
C SER C 407 14.21 25.75 -28.39
N LEU C 408 13.12 25.60 -29.15
CA LEU C 408 13.09 24.73 -30.34
C LEU C 408 12.50 25.33 -31.66
N ASN C 409 12.09 26.61 -31.62
CA ASN C 409 11.22 27.23 -32.65
C ASN C 409 11.91 28.25 -33.64
N PRO C 410 11.80 29.60 -33.41
CA PRO C 410 12.57 30.47 -34.30
C PRO C 410 13.81 31.10 -33.61
N LYS C 411 14.91 31.15 -34.36
CA LYS C 411 16.24 31.74 -33.98
C LYS C 411 17.33 30.77 -34.48
N GLU C 412 17.71 30.94 -35.74
CA GLU C 412 18.66 30.06 -36.51
C GLU C 412 19.63 29.13 -35.73
N VAL C 413 20.12 29.61 -34.58
CA VAL C 413 20.89 28.80 -33.63
C VAL C 413 19.98 28.00 -32.66
N GLY C 414 18.81 27.59 -33.14
CA GLY C 414 18.01 26.52 -32.52
C GLY C 414 18.34 25.17 -33.18
N GLU C 415 19.39 25.18 -34.01
CA GLU C 415 19.98 23.98 -34.62
C GLU C 415 21.39 23.67 -34.06
N GLU C 416 22.12 24.73 -33.69
CA GLU C 416 23.48 24.59 -33.13
C GLU C 416 23.41 24.00 -31.73
N ALA C 417 22.26 24.21 -31.07
CA ALA C 417 21.94 23.63 -29.76
C ALA C 417 21.57 22.14 -29.82
N VAL C 418 21.06 21.67 -30.97
CA VAL C 418 20.77 20.24 -31.19
C VAL C 418 22.02 19.47 -31.65
N GLU C 419 22.83 20.11 -32.50
CA GLU C 419 24.08 19.50 -32.99
C GLU C 419 25.07 19.22 -31.84
N LYS C 420 24.92 19.95 -30.73
CA LYS C 420 25.60 19.59 -29.48
C LYS C 420 25.00 18.29 -28.95
N ASP C 424 26.77 16.04 -27.14
CA ASP C 424 27.62 15.02 -26.55
C ASP C 424 26.83 14.22 -25.53
N VAL C 425 26.61 12.95 -25.87
CA VAL C 425 26.34 11.88 -24.88
C VAL C 425 24.98 11.91 -24.17
N LEU C 426 23.97 11.41 -24.88
CA LEU C 426 22.70 10.97 -24.29
C LEU C 426 22.34 11.55 -22.93
N GLN C 427 22.42 12.88 -22.79
CA GLN C 427 22.11 13.54 -21.50
C GLN C 427 21.28 14.84 -21.69
N ARG C 428 20.22 14.74 -22.50
CA ARG C 428 19.27 15.84 -22.73
C ARG C 428 17.80 15.36 -22.81
N PRO C 429 17.00 15.65 -21.77
CA PRO C 429 15.53 15.55 -21.88
C PRO C 429 14.89 16.85 -22.39
N LEU C 438 5.83 11.50 -16.88
CA LEU C 438 6.91 11.01 -17.71
C LEU C 438 7.55 12.12 -18.58
N GLU C 439 8.71 11.80 -19.17
CA GLU C 439 9.47 12.69 -20.07
C GLU C 439 10.20 11.80 -21.08
N GLY C 440 10.89 12.40 -22.04
CA GLY C 440 11.67 11.65 -23.04
C GLY C 440 13.16 11.68 -22.76
N GLY C 441 13.85 10.56 -22.97
CA GLY C 441 15.30 10.49 -22.73
C GLY C 441 15.95 9.16 -23.08
N GLY C 442 17.08 9.22 -23.79
CA GLY C 442 17.90 8.03 -24.07
C GLY C 442 17.77 7.47 -25.47
N ASN C 443 16.91 6.45 -25.64
CA ASN C 443 16.66 5.80 -26.93
C ASN C 443 15.37 6.28 -27.60
N LEU C 444 14.47 6.86 -26.80
CA LEU C 444 13.15 7.31 -27.26
C LEU C 444 13.26 8.76 -27.71
N LEU C 445 13.88 9.58 -26.86
CA LEU C 445 14.25 10.98 -27.19
C LEU C 445 15.12 11.00 -28.46
N SER C 446 16.00 10.01 -28.59
CA SER C 446 16.95 9.90 -29.70
C SER C 446 16.28 9.81 -31.06
N GLY C 447 15.17 9.06 -31.12
CA GLY C 447 14.42 8.87 -32.38
C GLY C 447 14.09 10.15 -33.12
N GLU C 448 13.96 11.25 -32.38
CA GLU C 448 13.71 12.56 -32.97
C GLU C 448 14.97 13.08 -33.65
N TYR C 472 7.53 21.44 -25.68
CA TYR C 472 8.72 20.64 -25.99
C TYR C 472 10.00 21.50 -26.08
N VAL C 473 11.02 21.09 -25.32
CA VAL C 473 12.25 21.86 -25.16
C VAL C 473 13.44 21.02 -24.64
N VAL C 474 14.65 21.31 -25.12
CA VAL C 474 15.89 20.71 -24.62
C VAL C 474 16.17 21.13 -23.16
N MET C 475 16.87 20.28 -22.41
CA MET C 475 17.25 20.55 -21.01
C MET C 475 18.51 19.74 -20.63
N SER C 476 19.36 20.31 -19.77
CA SER C 476 20.53 19.56 -19.29
C SER C 476 20.08 18.45 -18.34
N ARG C 477 20.56 17.24 -18.58
CA ARG C 477 20.17 16.09 -17.79
C ARG C 477 20.94 16.05 -16.47
N ILE C 478 20.21 15.95 -15.36
CA ILE C 478 20.82 15.80 -14.05
C ILE C 478 20.21 14.59 -13.38
N GLN C 479 21.07 13.65 -12.96
CA GLN C 479 20.64 12.55 -12.12
C GLN C 479 20.42 13.11 -10.74
N PHE C 480 19.18 13.10 -10.28
CA PHE C 480 18.87 13.62 -8.95
C PHE C 480 19.01 12.54 -7.92
N HIS C 481 19.32 12.91 -6.69
CA HIS C 481 19.53 11.94 -5.65
C HIS C 481 18.24 11.26 -5.31
N VAL C 482 18.28 9.94 -5.29
CA VAL C 482 17.13 9.08 -5.01
C VAL C 482 17.47 8.19 -3.80
N SER C 483 16.45 7.76 -3.08
CA SER C 483 16.60 6.82 -1.94
C SER C 483 15.30 6.02 -1.82
N THR C 484 15.34 4.95 -1.02
CA THR C 484 14.11 4.20 -0.68
C THR C 484 13.65 4.66 0.70
N GLY C 485 12.34 4.78 0.88
CA GLY C 485 11.80 5.42 2.08
C GLY C 485 10.54 4.84 2.66
N SER C 486 10.57 4.62 3.97
CA SER C 486 9.37 4.32 4.73
C SER C 486 8.39 5.46 4.54
N LEU C 487 7.13 5.13 4.27
CA LEU C 487 6.06 6.08 4.01
C LEU C 487 4.76 5.46 4.51
N LEU C 488 3.85 6.25 5.09
CA LEU C 488 2.60 5.71 5.67
C LEU C 488 1.36 6.35 5.06
N ALA C 489 0.57 5.53 4.36
CA ALA C 489 -0.57 5.99 3.57
C ALA C 489 -1.92 5.58 4.18
N ARG C 490 -2.84 6.57 4.31
CA ARG C 490 -4.17 6.37 4.90
C ARG C 490 -4.10 5.98 6.38
N GLY C 491 -2.95 6.17 7.00
CA GLY C 491 -2.73 5.74 8.37
C GLY C 491 -2.57 4.24 8.63
N ASP C 492 -2.76 3.38 7.63
CA ASP C 492 -2.68 1.92 7.89
C ASP C 492 -1.97 1.04 6.86
N VAL C 493 -1.43 1.64 5.80
CA VAL C 493 -0.60 0.93 4.85
C VAL C 493 0.78 1.55 4.96
N VAL C 494 1.77 0.75 5.34
CA VAL C 494 3.17 1.20 5.26
C VAL C 494 3.71 0.74 3.93
N GLN C 495 4.06 1.69 3.08
CA GLN C 495 4.61 1.40 1.76
C GLN C 495 6.09 1.67 1.77
N LEU C 496 6.88 0.72 1.27
CA LEU C 496 8.29 0.93 1.08
C LEU C 496 8.48 1.37 -0.34
N GLU C 497 8.58 2.67 -0.56
CA GLU C 497 8.78 3.22 -1.90
C GLU C 497 10.23 3.03 -2.31
N ARG C 498 10.47 3.14 -3.61
CA ARG C 498 11.75 2.80 -4.20
C ARG C 498 12.05 3.87 -5.23
N ASN C 499 13.31 4.31 -5.29
CA ASN C 499 13.67 5.47 -6.10
C ASN C 499 12.76 6.63 -5.72
N MET C 500 12.69 6.89 -4.41
CA MET C 500 11.99 8.05 -3.85
C MET C 500 12.91 9.25 -4.00
N CYS C 501 12.48 10.27 -4.74
CA CYS C 501 13.17 11.55 -4.70
C CYS C 501 12.56 12.37 -3.58
N SER C 502 13.28 13.38 -3.10
CA SER C 502 12.71 14.37 -2.20
C SER C 502 12.77 15.74 -2.84
N GLU C 503 11.67 16.45 -2.80
CA GLU C 503 11.56 17.77 -3.39
C GLU C 503 11.35 18.75 -2.25
N VAL C 504 12.38 19.55 -1.97
CA VAL C 504 12.26 20.62 -0.95
C VAL C 504 11.72 21.86 -1.60
N GLY C 505 10.66 22.41 -1.02
CA GLY C 505 10.03 23.62 -1.55
C GLY C 505 10.12 24.74 -0.52
N ILE C 506 10.81 25.80 -0.90
CA ILE C 506 11.04 26.92 0.00
C ILE C 506 10.08 28.02 -0.41
N PHE C 507 9.19 28.41 0.52
CA PHE C 507 8.10 29.38 0.29
C PHE C 507 8.60 30.82 0.40
N GLY C 508 7.94 31.72 -0.31
CA GLY C 508 8.25 33.14 -0.22
C GLY C 508 6.97 33.95 -0.20
N VAL C 509 6.97 35.03 0.56
CA VAL C 509 5.89 36.00 0.50
C VAL C 509 6.47 37.34 0.11
N ILE C 510 5.81 38.01 -0.82
CA ILE C 510 6.25 39.30 -1.24
C ILE C 510 5.00 40.14 -1.37
N LEU C 511 5.11 41.43 -1.02
CA LEU C 511 4.08 42.44 -1.33
C LEU C 511 4.79 43.67 -1.88
N SER C 512 4.51 44.03 -3.12
CA SER C 512 5.26 45.08 -3.80
C SER C 512 4.37 46.06 -4.50
N ALA C 513 4.90 47.26 -4.69
CA ALA C 513 4.23 48.29 -5.45
C ALA C 513 4.74 48.40 -6.89
N ALA C 514 4.35 49.48 -7.55
CA ALA C 514 4.83 49.77 -8.87
C ALA C 514 6.35 49.84 -8.88
N LYS C 515 6.93 49.47 -10.02
CA LYS C 515 8.33 49.75 -10.27
C LYS C 515 8.53 51.27 -10.12
N GLY C 516 9.41 51.68 -9.22
CA GLY C 516 9.77 53.10 -9.11
C GLY C 516 8.99 53.96 -8.11
N SER C 517 8.03 53.34 -7.43
CA SER C 517 7.24 54.04 -6.42
C SER C 517 8.01 54.16 -5.11
N SER C 518 7.43 54.91 -4.16
CA SER C 518 7.94 55.05 -2.78
C SER C 518 7.23 54.11 -1.80
N VAL C 519 5.96 53.82 -2.10
CA VAL C 519 5.10 52.84 -1.41
C VAL C 519 5.61 52.02 -0.20
N GLY C 520 6.74 51.34 -0.37
CA GLY C 520 7.37 50.54 0.70
C GLY C 520 8.73 51.10 1.13
N THR C 521 8.93 51.18 2.46
CA THR C 521 9.98 52.03 3.06
C THR C 521 11.45 51.72 2.67
N ASN C 522 12.24 52.79 2.75
CA ASN C 522 13.53 52.96 2.08
C ASN C 522 13.25 53.01 0.58
N GLY C 523 12.39 53.97 0.20
CA GLY C 523 12.02 54.24 -1.20
C GLY C 523 12.06 52.99 -2.05
N SER C 524 11.55 51.89 -1.49
CA SER C 524 11.77 50.57 -2.03
C SER C 524 10.78 50.30 -3.12
N SER C 525 9.51 50.37 -2.75
CA SER C 525 8.43 49.83 -3.55
C SER C 525 8.09 48.42 -3.09
N VAL C 526 9.06 47.70 -2.56
CA VAL C 526 8.75 46.44 -1.87
C VAL C 526 8.38 46.73 -0.43
N LEU C 527 7.14 46.44 -0.06
CA LEU C 527 6.67 46.57 1.32
C LEU C 527 7.27 45.47 2.21
N PHE C 528 7.25 44.23 1.73
CA PHE C 528 8.02 43.17 2.35
C PHE C 528 8.38 42.05 1.36
N ASN C 529 9.51 41.39 1.62
CA ASN C 529 9.99 40.31 0.76
C ASN C 529 10.79 39.37 1.60
N THR C 530 10.27 38.18 1.87
CA THR C 530 10.97 37.31 2.83
C THR C 530 10.77 35.82 2.57
N PHE C 531 11.79 35.04 2.93
CA PHE C 531 11.63 33.60 3.15
C PHE C 531 10.37 33.39 3.98
N ALA C 532 9.67 32.28 3.70
CA ALA C 532 8.33 32.02 4.23
C ALA C 532 8.17 30.60 4.67
N GLY C 533 9.23 30.00 5.19
CA GLY C 533 9.23 28.57 5.56
C GLY C 533 9.43 27.65 4.37
N TYR C 534 8.99 26.39 4.52
CA TYR C 534 9.21 25.34 3.52
C TYR C 534 8.31 24.13 3.71
N THR C 535 8.15 23.35 2.64
CA THR C 535 7.61 22.00 2.74
C THR C 535 8.50 21.04 2.00
N VAL C 536 8.35 19.74 2.25
CA VAL C 536 9.07 18.70 1.50
C VAL C 536 8.09 17.65 1.01
N ARG C 537 8.19 17.33 -0.28
CA ARG C 537 7.38 16.28 -0.88
C ARG C 537 8.28 15.15 -1.34
N SER C 538 7.85 13.92 -1.07
CA SER C 538 8.60 12.74 -1.48
C SER C 538 7.76 12.03 -2.50
N LYS C 539 8.20 12.07 -3.74
CA LYS C 539 7.44 11.53 -4.86
C LYS C 539 8.40 10.67 -5.68
N PRO C 540 7.89 9.57 -6.27
CA PRO C 540 8.82 8.68 -6.97
C PRO C 540 9.27 9.33 -8.26
N ALA C 541 10.51 9.02 -8.66
CA ALA C 541 11.08 9.51 -9.91
C ALA C 541 10.23 9.01 -11.06
N ASP C 542 9.93 7.70 -11.03
CA ASP C 542 8.85 7.05 -11.83
C ASP C 542 8.70 5.58 -11.44
N GLY C 551 0.54 7.08 -8.25
CA GLY C 551 1.74 7.87 -8.07
C GLY C 551 1.51 9.20 -7.35
N VAL C 552 1.54 9.16 -6.01
CA VAL C 552 1.24 10.34 -5.18
C VAL C 552 2.26 10.54 -4.03
N ALA C 553 2.66 11.79 -3.82
CA ALA C 553 3.71 12.10 -2.85
C ALA C 553 3.22 11.89 -1.42
N ALA C 554 4.17 11.74 -0.50
CA ALA C 554 3.90 11.84 0.93
C ALA C 554 4.44 13.19 1.35
N LEU C 555 3.92 13.78 2.42
CA LEU C 555 4.53 14.99 2.98
C LEU C 555 5.65 14.50 3.87
N ASP C 556 6.78 15.21 3.84
CA ASP C 556 8.02 14.84 4.53
C ASP C 556 8.45 16.07 5.30
N SER C 557 9.68 16.13 5.80
CA SER C 557 10.18 17.34 6.48
C SER C 557 11.67 17.31 6.65
N LEU C 558 12.27 18.46 6.93
CA LEU C 558 13.73 18.57 7.05
C LEU C 558 14.26 18.41 8.48
N ALA C 559 15.31 17.59 8.61
CA ALA C 559 16.18 17.58 9.79
C ALA C 559 17.48 18.17 9.33
N VAL C 560 17.94 19.30 9.88
CA VAL C 560 19.19 19.87 9.38
C VAL C 560 20.38 19.51 10.27
N VAL C 561 21.45 19.04 9.63
CA VAL C 561 22.71 18.71 10.26
C VAL C 561 23.73 19.77 9.87
N PRO C 562 24.73 20.06 10.71
CA PRO C 562 25.92 20.78 10.23
C PRO C 562 27.18 19.90 10.27
N GLY D 6 -29.32 33.08 25.58
CA GLY D 6 -29.01 31.61 25.52
C GLY D 6 -29.11 31.09 24.09
N HIS D 7 -30.28 31.36 23.49
CA HIS D 7 -30.48 31.34 22.02
C HIS D 7 -29.29 31.93 21.24
N MET D 8 -28.70 32.99 21.79
CA MET D 8 -27.96 33.92 20.95
C MET D 8 -27.09 33.30 19.80
N VAL D 9 -26.10 32.45 20.09
CA VAL D 9 -25.11 32.11 19.05
C VAL D 9 -25.73 31.93 17.66
N LEU D 10 -26.49 30.87 17.44
CA LEU D 10 -27.12 30.63 16.13
C LEU D 10 -27.95 31.80 15.59
N LYS D 11 -28.48 32.64 16.48
CA LYS D 11 -29.17 33.85 16.02
C LYS D 11 -28.17 34.92 15.55
N LEU D 12 -27.13 35.15 16.34
CA LEU D 12 -26.03 36.03 15.97
C LEU D 12 -25.38 35.63 14.64
N LEU D 13 -25.25 34.33 14.38
CA LEU D 13 -24.64 33.89 13.12
C LEU D 13 -25.57 34.21 11.95
N LEU D 14 -26.77 33.63 11.97
CA LEU D 14 -27.75 33.91 10.94
C LEU D 14 -27.86 35.41 10.66
N GLU D 15 -27.91 36.18 11.75
CA GLU D 15 -28.08 37.63 11.70
C GLU D 15 -26.90 38.38 11.09
N LEU D 16 -25.69 38.05 11.56
CA LEU D 16 -24.45 38.72 11.15
C LEU D 16 -23.98 38.28 9.76
N GLY D 17 -24.74 37.41 9.12
CA GLY D 17 -24.43 36.97 7.76
C GLY D 17 -23.35 35.91 7.70
N ALA D 18 -23.14 35.17 8.81
CA ALA D 18 -22.26 34.00 8.83
C ALA D 18 -22.70 32.92 7.85
N GLU D 19 -21.72 32.19 7.37
CA GLU D 19 -21.73 31.59 6.07
C GLU D 19 -20.73 30.41 6.06
N ARG D 20 -21.21 29.21 5.73
CA ARG D 20 -20.41 27.97 5.84
C ARG D 20 -19.92 27.68 7.25
N TYR D 21 -20.65 28.14 8.25
CA TYR D 21 -20.18 28.01 9.63
C TYR D 21 -20.10 26.55 10.11
N ALA D 22 -21.00 25.68 9.64
CA ALA D 22 -20.88 24.27 10.00
C ALA D 22 -19.55 23.66 9.53
N GLU D 23 -18.98 24.19 8.45
CA GLU D 23 -17.82 23.56 7.84
C GLU D 23 -16.57 24.10 8.50
N GLN D 24 -16.58 25.39 8.74
CA GLN D 24 -15.58 26.01 9.55
C GLN D 24 -15.57 25.28 10.87
N PHE D 25 -16.73 25.05 11.46
CA PHE D 25 -16.70 24.47 12.77
C PHE D 25 -16.22 23.01 12.75
N ALA D 26 -16.46 22.31 11.65
CA ALA D 26 -15.99 20.94 11.49
C ALA D 26 -14.53 21.02 11.25
N ALA D 27 -14.12 22.02 10.49
CA ALA D 27 -12.70 22.25 10.28
C ALA D 27 -11.98 22.40 11.62
N LYS D 28 -12.51 23.24 12.51
CA LYS D 28 -11.81 23.48 13.76
C LYS D 28 -11.69 22.21 14.58
N CYS D 29 -12.73 21.37 14.55
CA CYS D 29 -12.67 20.12 15.27
C CYS D 29 -11.52 19.31 14.76
N HIS D 30 -11.44 19.08 13.46
CA HIS D 30 -10.41 18.18 12.96
C HIS D 30 -9.04 18.70 13.26
N GLU D 31 -8.97 20.01 13.31
CA GLU D 31 -7.75 20.72 13.52
C GLU D 31 -7.37 20.63 14.99
N LEU D 32 -8.37 20.63 15.85
CA LEU D 32 -8.12 20.53 17.27
C LEU D 32 -8.01 19.10 17.71
N GLY D 33 -8.32 18.16 16.81
CA GLY D 33 -8.31 16.74 17.14
C GLY D 33 -9.45 16.26 18.02
N MET D 34 -10.56 17.00 18.01
CA MET D 34 -11.80 16.62 18.66
C MET D 34 -12.60 15.74 17.72
N VAL D 35 -12.42 14.42 17.80
CA VAL D 35 -13.00 13.54 16.78
C VAL D 35 -13.42 12.18 17.32
N MET D 36 -14.12 11.44 16.48
CA MET D 36 -14.69 10.17 16.85
C MET D 36 -14.70 9.33 15.60
N LYS D 37 -14.35 8.06 15.80
CA LYS D 37 -14.30 7.12 14.68
C LYS D 37 -15.69 6.83 14.18
N GLU D 38 -15.84 6.71 12.88
CA GLU D 38 -17.10 6.19 12.37
C GLU D 38 -17.30 4.73 12.82
N SER D 39 -18.56 4.30 12.85
CA SER D 39 -18.91 2.89 12.89
C SER D 39 -18.25 2.07 11.75
N ALA D 40 -18.08 2.66 10.55
CA ALA D 40 -17.36 2.00 9.41
C ALA D 40 -15.86 2.39 9.34
N GLY D 41 -15.05 1.66 10.10
CA GLY D 41 -13.63 1.64 9.90
C GLY D 41 -12.99 2.99 10.11
N PRO D 42 -11.89 3.26 9.40
CA PRO D 42 -10.89 4.26 9.77
C PRO D 42 -11.36 5.68 9.89
N GLY D 43 -12.29 6.12 9.06
CA GLY D 43 -12.66 7.53 9.00
C GLY D 43 -13.00 8.09 10.38
N ARG D 44 -12.75 9.38 10.57
CA ARG D 44 -13.04 10.05 11.83
C ARG D 44 -13.82 11.34 11.58
N VAL D 45 -14.81 11.61 12.42
CA VAL D 45 -15.70 12.76 12.26
C VAL D 45 -15.75 13.56 13.56
N PRO D 46 -16.15 14.83 13.52
CA PRO D 46 -16.08 15.56 14.75
C PRO D 46 -16.98 14.99 15.82
N VAL D 47 -16.57 15.12 17.08
CA VAL D 47 -17.47 14.84 18.21
C VAL D 47 -18.65 15.79 18.17
N PRO D 48 -19.74 15.42 18.85
CA PRO D 48 -20.78 16.39 19.04
C PRO D 48 -20.33 17.42 20.05
N VAL D 49 -20.39 18.69 19.68
CA VAL D 49 -20.02 19.78 20.56
C VAL D 49 -21.11 20.85 20.54
N THR D 50 -21.18 21.62 21.61
CA THR D 50 -22.14 22.73 21.74
C THR D 50 -21.52 23.97 21.12
N LEU D 51 -22.33 24.83 20.50
CA LEU D 51 -21.85 26.11 19.95
C LEU D 51 -21.79 27.24 21.00
N GLN D 52 -21.94 26.88 22.28
CA GLN D 52 -21.71 27.83 23.35
C GLN D 52 -21.42 27.10 24.67
N PRO D 53 -20.70 27.75 25.60
CA PRO D 53 -20.30 27.14 26.84
C PRO D 53 -21.46 27.07 27.79
N SER D 54 -21.27 26.35 28.89
CA SER D 54 -22.23 26.32 29.95
C SER D 54 -21.76 27.27 31.06
N MET D 55 -22.68 28.01 31.68
CA MET D 55 -22.32 29.05 32.64
C MET D 55 -22.35 28.53 34.04
N ILE D 56 -21.39 28.94 34.87
CA ILE D 56 -21.40 28.58 36.31
C ILE D 56 -20.81 29.71 37.15
N SER D 57 -21.31 29.92 38.36
CA SER D 57 -20.70 30.91 39.24
C SER D 57 -19.36 30.40 39.74
N ARG D 58 -18.38 31.28 39.89
CA ARG D 58 -17.08 30.88 40.49
C ARG D 58 -17.24 30.17 41.84
N GLY D 59 -18.17 30.61 42.67
CA GLY D 59 -18.34 30.02 43.98
C GLY D 59 -18.91 28.61 43.98
N GLU D 60 -19.82 28.34 43.05
CA GLU D 60 -20.40 27.01 42.96
C GLU D 60 -19.37 26.14 42.29
N PHE D 61 -18.76 26.65 41.23
CA PHE D 61 -17.71 25.90 40.54
C PHE D 61 -16.60 25.59 41.53
N GLY D 62 -16.33 26.53 42.45
CA GLY D 62 -15.31 26.35 43.48
C GLY D 62 -15.59 25.15 44.33
N THR D 63 -16.79 25.15 44.91
CA THR D 63 -17.21 24.08 45.84
C THR D 63 -17.15 22.73 45.16
N LEU D 64 -17.58 22.68 43.89
CA LEU D 64 -17.54 21.45 43.12
C LEU D 64 -16.13 20.90 42.96
N CYS D 65 -15.16 21.78 42.76
CA CYS D 65 -13.78 21.38 42.61
C CYS D 65 -13.28 20.85 43.93
N CYS D 66 -13.53 21.61 44.98
CA CYS D 66 -13.10 21.24 46.30
C CYS D 66 -13.78 20.02 46.87
N MET D 67 -14.92 19.63 46.34
CA MET D 67 -15.56 18.42 46.84
C MET D 67 -14.84 17.20 46.29
N GLN D 68 -14.13 17.35 45.18
CA GLN D 68 -13.66 16.16 44.49
C GLN D 68 -12.69 15.30 45.32
N PRO D 69 -11.84 15.92 46.15
CA PRO D 69 -10.98 15.12 47.01
C PRO D 69 -11.71 14.35 48.10
N LEU D 70 -12.87 14.85 48.55
CA LEU D 70 -13.69 14.10 49.48
C LEU D 70 -14.35 12.95 48.73
N TRP D 71 -14.59 13.14 47.44
CA TRP D 71 -15.27 12.13 46.65
C TRP D 71 -14.33 10.99 46.42
N ASN D 72 -13.08 11.34 46.11
CA ASN D 72 -12.03 10.36 45.90
C ASN D 72 -11.82 9.62 47.21
N GLU D 73 -11.77 10.36 48.29
CA GLU D 73 -11.56 9.75 49.57
C GLU D 73 -12.67 8.77 49.93
N ALA D 74 -13.93 9.21 49.78
CA ALA D 74 -15.07 8.36 50.09
C ALA D 74 -15.06 7.10 49.25
N VAL D 75 -14.68 7.21 47.98
CA VAL D 75 -14.58 6.05 47.12
C VAL D 75 -13.41 5.15 47.53
N ASP D 76 -12.28 5.75 47.89
CA ASP D 76 -11.10 4.98 48.28
C ASP D 76 -11.42 4.09 49.46
N ASN D 77 -12.13 4.63 50.44
CA ASN D 77 -12.37 3.90 51.71
C ASN D 77 -13.37 2.76 51.60
N THR D 78 -14.58 3.09 51.14
CA THR D 78 -15.61 2.10 50.87
C THR D 78 -15.03 0.96 50.04
N ALA D 79 -14.25 1.31 49.01
CA ALA D 79 -13.69 0.29 48.13
C ALA D 79 -12.79 -0.65 48.89
N ARG D 80 -12.02 -0.11 49.82
CA ARG D 80 -11.04 -0.88 50.57
C ARG D 80 -11.63 -1.65 51.76
N ASN D 81 -12.92 -1.48 52.00
CA ASN D 81 -13.64 -2.17 53.07
C ASN D 81 -14.28 -3.37 52.42
N PHE D 82 -13.42 -4.31 52.05
CA PHE D 82 -13.78 -5.38 51.12
C PHE D 82 -15.01 -6.14 51.57
N THR D 83 -15.13 -6.43 52.87
CA THR D 83 -16.21 -7.29 53.36
C THR D 83 -17.51 -6.52 53.30
N PHE D 84 -17.43 -5.20 53.49
CA PHE D 84 -18.62 -4.35 53.38
C PHE D 84 -19.07 -4.36 51.95
N LEU D 85 -18.13 -4.13 51.06
CA LEU D 85 -18.39 -4.07 49.62
C LEU D 85 -19.06 -5.36 49.11
N ARG D 86 -18.59 -6.50 49.60
CA ARG D 86 -19.18 -7.78 49.23
C ARG D 86 -20.64 -7.87 49.68
N ASP D 87 -20.86 -7.73 50.99
CA ASP D 87 -22.21 -7.84 51.57
C ASP D 87 -23.23 -6.94 50.84
N ALA D 88 -22.77 -5.76 50.43
CA ALA D 88 -23.60 -4.74 49.78
C ALA D 88 -24.17 -5.19 48.45
N LEU D 89 -23.40 -5.96 47.69
CA LEU D 89 -23.73 -6.30 46.31
C LEU D 89 -24.28 -7.72 46.11
N GLN D 90 -24.55 -8.46 47.17
CA GLN D 90 -24.87 -9.89 47.03
C GLN D 90 -26.24 -10.15 46.38
N GLU D 91 -27.26 -9.43 46.84
CA GLU D 91 -28.58 -9.48 46.18
C GLU D 91 -28.38 -8.99 44.73
N THR D 92 -27.62 -7.91 44.53
CA THR D 92 -27.40 -7.40 43.18
C THR D 92 -26.54 -8.32 42.31
N ALA D 93 -25.89 -9.32 42.92
CA ALA D 93 -25.12 -10.32 42.15
C ALA D 93 -25.96 -11.59 41.84
N ALA D 94 -26.78 -11.97 42.82
CA ALA D 94 -27.80 -12.98 42.65
C ALA D 94 -28.71 -12.68 41.47
N SER D 95 -29.02 -11.40 41.25
CA SER D 95 -29.91 -10.99 40.16
C SER D 95 -29.22 -11.14 38.81
N ASP D 96 -27.93 -10.80 38.77
CA ASP D 96 -27.17 -10.81 37.53
C ASP D 96 -25.82 -11.51 37.76
N VAL D 97 -25.81 -12.82 37.59
CA VAL D 97 -24.65 -13.63 37.93
C VAL D 97 -23.52 -13.59 36.88
N ASN D 98 -23.86 -13.38 35.61
CA ASN D 98 -22.86 -13.47 34.52
C ASN D 98 -22.04 -12.19 34.28
N PHE D 99 -22.32 -11.15 35.06
CA PHE D 99 -21.47 -9.97 35.11
C PHE D 99 -21.16 -9.64 36.56
N THR D 100 -22.04 -8.92 37.25
CA THR D 100 -21.83 -8.60 38.66
C THR D 100 -21.33 -9.80 39.50
N GLY D 101 -21.79 -10.99 39.17
CA GLY D 101 -21.39 -12.16 39.92
C GLY D 101 -19.92 -12.45 39.78
N LYS D 102 -19.45 -12.47 38.53
CA LYS D 102 -18.05 -12.81 38.24
C LYS D 102 -17.15 -11.73 38.82
N LEU D 103 -17.61 -10.49 38.82
CA LEU D 103 -16.83 -9.38 39.34
C LEU D 103 -16.70 -9.51 40.83
N LEU D 104 -17.85 -9.68 41.48
CA LEU D 104 -17.91 -9.87 42.92
C LEU D 104 -17.05 -11.06 43.31
N ASN D 105 -16.98 -12.05 42.42
CA ASN D 105 -16.14 -13.23 42.65
C ASN D 105 -14.64 -12.92 42.64
N MET D 106 -14.21 -11.95 41.81
CA MET D 106 -12.82 -11.51 41.81
C MET D 106 -12.47 -10.87 43.13
N LEU D 107 -13.41 -10.09 43.66
CA LEU D 107 -13.22 -9.45 44.95
C LEU D 107 -12.97 -10.53 45.98
N GLN D 108 -13.90 -11.48 46.02
CA GLN D 108 -13.79 -12.58 46.91
C GLN D 108 -12.43 -13.21 46.72
N GLU D 109 -12.06 -13.57 45.48
CA GLU D 109 -10.85 -14.37 45.24
C GLU D 109 -9.59 -13.60 45.59
N VAL D 110 -9.35 -12.52 44.85
CA VAL D 110 -8.11 -11.77 45.01
C VAL D 110 -7.97 -11.20 46.41
N TYR D 111 -8.99 -10.47 46.85
CA TYR D 111 -8.87 -9.62 48.02
C TYR D 111 -9.31 -10.26 49.34
N LEU D 112 -10.26 -11.18 49.31
CA LEU D 112 -10.75 -11.73 50.58
C LEU D 112 -10.07 -13.06 50.95
N SER D 113 -10.38 -14.16 50.26
CA SER D 113 -9.61 -15.39 50.42
C SER D 113 -8.11 -15.03 50.40
N GLY D 114 -7.38 -15.49 51.43
CA GLY D 114 -6.12 -14.85 51.86
C GLY D 114 -4.88 -14.83 50.97
N GLY D 115 -5.04 -14.53 49.68
CA GLY D 115 -3.90 -14.37 48.78
C GLY D 115 -3.25 -13.01 48.98
N PRO D 116 -2.10 -12.79 48.32
CA PRO D 116 -1.56 -11.45 48.26
C PRO D 116 -2.24 -10.68 47.15
N PHE D 117 -2.21 -9.35 47.26
CA PHE D 117 -2.71 -8.46 46.20
C PHE D 117 -1.98 -7.14 46.22
N GLN D 118 -1.96 -6.47 45.06
CA GLN D 118 -1.29 -5.17 44.97
C GLN D 118 -2.17 -4.21 45.68
N GLN D 119 -1.60 -3.58 46.68
CA GLN D 119 -2.37 -2.79 47.61
C GLN D 119 -2.46 -1.34 47.12
N LEU D 120 -1.57 -0.91 46.23
CA LEU D 120 -1.62 0.45 45.72
C LEU D 120 -2.67 0.61 44.64
N MET D 121 -3.53 1.62 44.76
CA MET D 121 -4.63 1.74 43.83
C MET D 121 -4.68 3.15 43.23
N LEU D 122 -4.94 3.24 41.93
CA LEU D 122 -4.97 4.50 41.17
C LEU D 122 -6.37 4.73 40.70
N GLY D 123 -7.02 5.80 41.16
CA GLY D 123 -8.39 6.10 40.71
C GLY D 123 -8.40 7.28 39.77
N ILE D 124 -8.94 7.13 38.55
CA ILE D 124 -9.23 8.29 37.71
C ILE D 124 -10.74 8.37 37.62
N PHE D 125 -11.34 9.20 38.49
CA PHE D 125 -12.77 9.27 38.67
C PHE D 125 -13.39 10.46 38.00
N ARG D 126 -14.72 10.46 37.92
CA ARG D 126 -15.48 11.63 37.55
C ARG D 126 -16.87 11.65 38.19
N THR D 127 -17.06 12.53 39.18
CA THR D 127 -18.34 12.79 39.81
C THR D 127 -19.04 13.76 38.91
N ASP D 128 -20.22 13.40 38.40
CA ASP D 128 -21.05 14.34 37.62
C ASP D 128 -22.15 14.97 38.50
N TYR D 129 -22.44 16.23 38.26
CA TYR D 129 -23.51 16.94 38.96
C TYR D 129 -24.48 17.54 37.98
N MET D 130 -25.64 17.95 38.50
CA MET D 130 -26.62 18.67 37.70
C MET D 130 -27.32 19.70 38.57
N ARG D 131 -27.43 20.92 38.07
CA ARG D 131 -27.97 21.99 38.89
C ARG D 131 -29.49 21.90 38.92
N GLU D 132 -30.10 21.99 40.09
CA GLU D 132 -31.56 22.08 40.12
C GLU D 132 -32.02 23.47 39.74
N GLY D 133 -33.23 23.56 39.20
CA GLY D 133 -33.73 24.80 38.62
C GLY D 133 -34.69 25.62 39.46
N VAL D 134 -34.94 25.20 40.70
CA VAL D 134 -36.05 25.76 41.52
C VAL D 134 -36.45 27.18 41.09
N SER D 140 -32.28 26.69 52.28
CA SER D 140 -31.48 27.73 51.64
C SER D 140 -30.14 27.09 51.34
N THR D 141 -29.02 27.83 51.47
CA THR D 141 -27.67 27.23 51.22
C THR D 141 -27.31 26.10 52.22
N THR D 142 -28.23 25.79 53.12
CA THR D 142 -28.26 24.48 53.80
C THR D 142 -27.89 23.34 52.81
N ALA D 143 -28.19 23.56 51.52
CA ALA D 143 -27.76 22.67 50.43
C ALA D 143 -27.13 23.45 49.27
N SER D 144 -26.31 22.75 48.48
CA SER D 144 -25.84 23.29 47.22
C SER D 144 -26.97 23.15 46.25
N ARG D 145 -26.90 23.97 45.22
CA ARG D 145 -27.89 23.96 44.18
C ARG D 145 -27.51 22.90 43.16
N TRP D 146 -26.26 22.45 43.21
CA TRP D 146 -25.76 21.40 42.32
C TRP D 146 -25.89 20.06 43.01
N LYS D 147 -26.58 19.14 42.36
CA LYS D 147 -26.81 17.82 42.88
C LYS D 147 -26.02 16.82 42.07
N ASN D 148 -25.48 15.82 42.76
CA ASN D 148 -24.66 14.74 42.19
C ASN D 148 -25.54 13.68 41.55
N VAL D 149 -25.26 13.31 40.31
CA VAL D 149 -26.17 12.41 39.58
C VAL D 149 -25.57 11.03 39.36
N GLU D 150 -24.29 10.96 38.96
CA GLU D 150 -23.59 9.66 38.84
C GLU D 150 -22.16 9.77 39.42
N ILE D 151 -21.67 8.71 40.06
CA ILE D 151 -20.24 8.58 40.42
C ILE D 151 -19.59 7.63 39.41
N ASN D 152 -18.44 7.99 38.85
CA ASN D 152 -17.82 7.18 37.82
C ASN D 152 -16.39 6.82 38.12
N THR D 153 -16.09 5.53 38.27
CA THR D 153 -14.71 5.09 38.62
C THR D 153 -14.02 4.12 37.64
N ILE D 154 -14.71 3.68 36.58
CA ILE D 154 -14.15 2.76 35.61
C ILE D 154 -14.28 3.37 34.23
N SER D 155 -13.13 3.60 33.60
CA SER D 155 -13.06 4.16 32.26
C SER D 155 -13.75 5.52 32.01
N CYS D 156 -13.64 6.44 32.96
CA CYS D 156 -14.17 7.80 32.80
C CYS D 156 -13.72 8.40 31.50
N SER D 157 -14.65 8.96 30.72
CA SER D 157 -14.31 9.56 29.41
C SER D 157 -14.14 11.10 29.45
N PHE D 158 -13.52 11.62 28.39
CA PHE D 158 -13.41 13.06 28.13
C PHE D 158 -12.35 13.90 28.89
N ALA D 159 -11.51 13.22 29.70
CA ALA D 159 -10.44 13.89 30.43
C ALA D 159 -9.43 14.40 29.45
N GLY D 160 -9.30 13.71 28.31
CA GLY D 160 -8.41 14.13 27.24
C GLY D 160 -8.93 15.21 26.32
N LEU D 161 -10.19 15.06 25.90
CA LEU D 161 -10.83 15.95 24.94
C LEU D 161 -11.43 17.22 25.55
N SER D 162 -11.80 17.18 26.83
CA SER D 162 -12.46 18.33 27.42
C SER D 162 -11.76 19.67 27.19
N PRO D 163 -10.43 19.73 27.28
CA PRO D 163 -9.80 21.05 27.16
C PRO D 163 -9.82 21.57 25.74
N LEU D 164 -9.98 20.66 24.80
CA LEU D 164 -10.14 21.06 23.41
C LEU D 164 -11.47 21.75 23.23
N ILE D 165 -12.46 21.37 24.04
CA ILE D 165 -13.76 21.97 23.89
C ILE D 165 -13.68 23.44 24.21
N THR D 166 -12.86 23.83 25.17
CA THR D 166 -12.73 25.25 25.45
C THR D 166 -12.10 25.97 24.26
N GLU D 167 -11.20 25.32 23.55
CA GLU D 167 -10.48 25.95 22.44
C GLU D 167 -11.37 26.13 21.25
N PHE D 168 -12.23 25.14 21.06
CA PHE D 168 -13.30 25.22 20.06
C PHE D 168 -14.20 26.41 20.36
N HIS D 169 -14.74 26.45 21.56
CA HIS D 169 -15.58 27.57 21.96
C HIS D 169 -14.85 28.88 21.85
N GLN D 170 -13.57 28.88 22.19
CA GLN D 170 -12.77 30.08 22.02
C GLN D 170 -12.72 30.55 20.57
N HIS D 171 -12.72 29.59 19.62
CA HIS D 171 -12.79 29.91 18.18
C HIS D 171 -14.08 30.60 17.83
N ILE D 172 -15.19 30.02 18.26
CA ILE D 172 -16.50 30.63 18.05
C ILE D 172 -16.56 32.05 18.59
N ALA D 173 -15.95 32.30 19.75
CA ALA D 173 -16.03 33.63 20.37
C ALA D 173 -15.24 34.64 19.58
N ALA D 174 -14.11 34.19 19.03
CA ALA D 174 -13.24 34.99 18.18
C ALA D 174 -13.96 35.33 16.91
N TYR D 175 -14.61 34.32 16.37
CA TYR D 175 -15.35 34.44 15.13
C TYR D 175 -16.52 35.41 15.26
N LEU D 176 -17.15 35.42 16.43
CA LEU D 176 -18.34 36.21 16.62
C LEU D 176 -17.96 37.65 16.91
N GLN D 177 -16.82 37.87 17.55
CA GLN D 177 -16.37 39.25 17.70
C GLN D 177 -16.11 39.90 16.35
N VAL D 178 -15.43 39.16 15.49
CA VAL D 178 -14.99 39.66 14.19
C VAL D 178 -16.19 39.95 13.31
N LEU D 179 -17.17 39.06 13.37
CA LEU D 179 -18.43 39.21 12.67
C LEU D 179 -19.25 40.39 13.17
N GLN D 180 -19.29 40.61 14.48
CA GLN D 180 -19.99 41.77 15.02
C GLN D 180 -19.26 43.02 14.61
N LYS D 181 -17.95 43.04 14.74
CA LYS D 181 -17.20 44.26 14.41
C LYS D 181 -17.44 44.70 13.00
N ALA D 182 -17.50 43.73 12.08
CA ALA D 182 -17.57 44.00 10.67
C ALA D 182 -18.84 44.73 10.27
N ARG D 183 -19.83 44.80 11.15
CA ARG D 183 -21.03 45.59 10.89
C ARG D 183 -21.57 46.23 12.16
N GLY D 184 -21.26 47.53 12.33
CA GLY D 184 -21.62 48.24 13.58
C GLY D 184 -20.89 47.64 14.77
N LYS D 185 -21.57 47.55 15.91
CA LYS D 185 -21.02 46.91 17.14
C LYS D 185 -19.65 47.47 17.58
N SER D 195 -21.65 38.90 28.78
CA SER D 195 -21.48 37.95 27.67
C SER D 195 -20.02 37.45 27.55
N TRP D 196 -19.87 36.11 27.53
CA TRP D 196 -18.59 35.35 27.37
C TRP D 196 -17.83 35.51 26.05
N ILE D 197 -18.50 35.95 24.99
CA ILE D 197 -17.84 36.12 23.70
C ILE D 197 -16.58 36.99 23.86
N TRP D 198 -16.74 38.05 24.64
CA TRP D 198 -15.66 38.94 25.01
C TRP D 198 -15.01 38.49 26.34
N GLY D 199 -13.69 38.30 26.35
CA GLY D 199 -13.01 37.80 27.56
C GLY D 199 -13.10 38.68 28.79
N LYS D 200 -13.89 39.78 28.69
CA LYS D 200 -14.13 40.83 29.73
C LYS D 200 -13.62 40.59 31.17
N GLY D 201 -13.58 39.33 31.61
CA GLY D 201 -12.99 38.97 32.90
C GLY D 201 -14.04 38.67 33.94
N ASN D 202 -15.20 39.35 33.86
CA ASN D 202 -16.38 38.95 34.65
C ASN D 202 -17.18 37.75 34.05
N CYS D 203 -16.65 37.15 32.98
CA CYS D 203 -17.13 35.89 32.45
C CYS D 203 -16.10 35.35 31.49
N ARG D 204 -15.45 34.25 31.91
CA ARG D 204 -14.19 33.78 31.32
C ARG D 204 -14.24 32.28 31.10
N LEU D 205 -13.92 31.84 29.89
CA LEU D 205 -13.96 30.45 29.54
C LEU D 205 -12.76 29.82 30.19
N GLU D 206 -12.95 28.89 31.10
CA GLU D 206 -11.83 28.25 31.78
C GLU D 206 -11.60 26.88 31.17
N ARG D 207 -10.41 26.70 30.61
CA ARG D 207 -10.05 25.45 29.98
C ARG D 207 -9.73 24.39 31.02
N SER D 208 -10.32 23.21 30.89
CA SER D 208 -9.99 22.10 31.81
C SER D 208 -8.50 21.86 31.90
N VAL D 209 -8.08 21.37 33.07
CA VAL D 209 -6.70 20.91 33.29
C VAL D 209 -6.64 19.38 33.32
N SER D 210 -7.75 18.71 33.04
CA SER D 210 -7.81 17.26 33.04
C SER D 210 -6.83 16.68 32.05
N GLY D 211 -6.62 17.34 30.92
CA GLY D 211 -5.66 16.81 29.95
C GLY D 211 -4.22 16.72 30.46
N ASP D 212 -3.94 17.44 31.54
CA ASP D 212 -2.61 17.52 32.12
C ASP D 212 -2.49 16.75 33.41
N VAL D 213 -3.47 16.93 34.28
CA VAL D 213 -3.36 16.34 35.59
C VAL D 213 -3.54 14.83 35.55
N VAL D 214 -4.24 14.31 34.56
CA VAL D 214 -4.47 12.88 34.48
C VAL D 214 -3.22 12.18 33.98
N PRO D 215 -2.73 12.48 32.78
CA PRO D 215 -1.45 11.88 32.44
C PRO D 215 -0.42 11.92 33.59
N LYS D 216 -0.24 13.08 34.23
CA LYS D 216 0.72 13.16 35.33
C LYS D 216 0.38 12.11 36.40
N ALA D 217 -0.92 11.85 36.59
CA ALA D 217 -1.37 10.89 37.57
C ALA D 217 -0.93 9.50 37.16
N ILE D 218 -1.03 9.19 35.87
CA ILE D 218 -0.64 7.85 35.41
C ILE D 218 0.88 7.76 35.53
N ALA D 219 1.56 8.81 35.13
CA ALA D 219 3.02 8.89 35.30
C ALA D 219 3.46 8.57 36.73
N ASP D 220 2.80 9.19 37.71
CA ASP D 220 3.21 9.08 39.09
C ASP D 220 2.90 7.69 39.62
N ALA D 221 1.79 7.14 39.16
CA ALA D 221 1.44 5.76 39.50
C ALA D 221 2.53 4.78 39.06
N VAL D 222 2.98 4.88 37.81
CA VAL D 222 4.10 4.05 37.33
C VAL D 222 5.30 4.25 38.21
N ARG D 223 5.65 5.51 38.43
CA ARG D 223 6.74 5.87 39.33
C ARG D 223 6.60 5.21 40.71
N ALA D 224 5.39 5.16 41.25
CA ALA D 224 5.19 4.61 42.57
C ALA D 224 5.41 3.09 42.56
N TRP D 225 4.90 2.44 41.51
CA TRP D 225 5.12 1.02 41.26
C TRP D 225 6.58 0.72 41.07
N VAL D 226 7.23 1.48 40.20
CA VAL D 226 8.69 1.35 40.01
C VAL D 226 9.45 1.45 41.31
N GLU D 227 8.99 2.28 42.25
CA GLU D 227 9.73 2.36 43.50
C GLU D 227 9.42 1.18 44.41
N GLN D 228 8.13 0.86 44.58
CA GLN D 228 7.74 -0.22 45.49
C GLN D 228 8.46 -1.54 45.18
N GLN D 229 8.53 -1.87 43.89
CA GLN D 229 9.13 -3.11 43.45
C GLN D 229 10.65 -3.01 43.46
N LYS D 230 11.15 -1.78 43.48
CA LYS D 230 12.59 -1.54 43.45
C LYS D 230 13.11 -2.24 42.18
N PHE D 231 12.72 -1.68 41.05
CA PHE D 231 12.75 -2.42 39.80
C PHE D 231 14.17 -2.79 39.36
N ALA D 232 15.09 -1.84 39.23
CA ALA D 232 16.46 -2.20 38.85
C ALA D 232 16.96 -3.40 39.68
N SER D 233 16.73 -3.38 41.00
CA SER D 233 17.00 -4.54 41.87
C SER D 233 16.33 -5.82 41.36
N LEU D 234 15.10 -5.68 40.91
CA LEU D 234 14.31 -6.79 40.40
C LEU D 234 14.85 -7.24 39.04
N ARG D 235 15.11 -6.29 38.14
CA ARG D 235 15.64 -6.59 36.80
C ARG D 235 16.96 -7.34 36.90
N ALA D 236 17.77 -6.97 37.89
CA ALA D 236 19.02 -7.65 38.16
C ALA D 236 18.76 -9.12 38.47
N SER D 237 17.88 -9.39 39.43
CA SER D 237 17.58 -10.75 39.87
C SER D 237 17.17 -11.66 38.71
N TRP D 238 16.42 -11.08 37.78
CA TRP D 238 15.88 -11.80 36.63
C TRP D 238 16.97 -12.44 35.79
N GLU D 239 18.03 -11.66 35.53
CA GLU D 239 19.18 -12.11 34.73
C GLU D 239 19.85 -13.31 35.42
N GLN D 240 19.85 -13.30 36.76
CA GLN D 240 20.37 -14.42 37.58
C GLN D 240 19.56 -15.71 37.40
N PHE D 241 18.24 -15.60 37.57
CA PHE D 241 17.30 -16.70 37.36
C PHE D 241 16.77 -16.67 35.92
N GLN D 253 12.95 -20.07 27.06
CA GLN D 253 13.25 -19.67 28.45
C GLN D 253 13.20 -18.14 28.68
N LEU D 254 12.89 -17.78 29.94
CA LEU D 254 13.12 -16.44 30.54
C LEU D 254 14.18 -15.60 29.79
N GLY D 255 13.74 -14.46 29.25
CA GLY D 255 14.60 -13.62 28.41
C GLY D 255 14.59 -12.15 28.77
N VAL D 256 15.65 -11.46 28.31
CA VAL D 256 15.88 -10.03 28.52
C VAL D 256 14.61 -9.20 28.80
N LEU D 257 14.52 -8.66 30.01
CA LEU D 257 13.33 -7.96 30.52
C LEU D 257 13.50 -6.44 30.43
N ASP D 258 12.58 -5.76 29.75
CA ASP D 258 12.66 -4.30 29.51
C ASP D 258 13.19 -3.46 30.66
N THR D 259 13.82 -2.35 30.33
CA THR D 259 14.51 -1.52 31.33
C THR D 259 13.56 -0.72 32.16
N ALA D 260 12.31 -0.64 31.72
CA ALA D 260 11.28 0.16 32.38
C ALA D 260 9.91 -0.41 32.10
N PRO D 261 8.99 -0.29 33.06
CA PRO D 261 7.68 -0.89 32.90
C PRO D 261 6.81 -0.05 31.98
N VAL D 262 5.60 -0.51 31.68
CA VAL D 262 4.71 0.20 30.77
C VAL D 262 3.36 0.43 31.41
N VAL D 263 2.60 1.41 30.92
CA VAL D 263 1.19 1.49 31.25
C VAL D 263 0.51 0.61 30.23
N LEU D 264 -0.27 -0.34 30.70
CA LEU D 264 -1.03 -1.19 29.80
C LEU D 264 -2.39 -0.60 29.81
N VAL D 265 -2.89 -0.25 28.62
CA VAL D 265 -4.26 0.19 28.43
C VAL D 265 -5.11 -0.95 27.92
N VAL D 266 -6.02 -1.41 28.76
CA VAL D 266 -6.95 -2.46 28.37
C VAL D 266 -8.15 -1.87 27.61
N VAL D 267 -8.21 -2.16 26.30
CA VAL D 267 -9.08 -1.43 25.38
C VAL D 267 -10.25 -2.26 24.83
N GLN D 268 -11.38 -1.59 24.62
CA GLN D 268 -12.57 -2.25 24.12
C GLN D 268 -12.31 -2.79 22.72
N GLU D 269 -13.05 -3.83 22.39
CA GLU D 269 -12.78 -4.58 21.18
C GLU D 269 -12.91 -3.71 19.93
N ASN D 270 -13.73 -2.66 19.97
CA ASN D 270 -13.97 -1.91 18.74
C ASN D 270 -14.09 -0.41 18.96
N GLU D 271 -13.11 0.13 19.69
CA GLU D 271 -13.09 1.51 20.17
C GLU D 271 -13.33 2.58 19.10
N ARG D 272 -14.17 3.54 19.47
CA ARG D 272 -14.44 4.73 18.67
C ARG D 272 -13.82 5.97 19.32
N ASN D 273 -13.82 6.00 20.64
CA ASN D 273 -13.35 7.16 21.34
C ASN D 273 -11.84 7.12 21.50
N THR D 274 -11.10 6.85 20.44
CA THR D 274 -9.65 6.73 20.58
C THR D 274 -8.98 8.09 20.82
N ALA D 275 -9.65 9.18 20.48
CA ALA D 275 -9.12 10.54 20.66
C ALA D 275 -8.81 10.85 22.11
N ASP D 276 -9.84 10.77 22.96
CA ASP D 276 -9.68 10.88 24.44
C ASP D 276 -8.52 10.05 24.92
N GLN D 277 -8.53 8.76 24.59
CA GLN D 277 -7.51 7.81 25.03
C GLN D 277 -6.16 8.32 24.64
N TYR D 278 -5.95 8.58 23.36
CA TYR D 278 -4.64 9.00 22.95
C TYR D 278 -4.34 10.40 23.47
N ALA D 279 -5.32 11.30 23.45
CA ALA D 279 -5.03 12.66 23.92
C ALA D 279 -4.24 12.55 25.24
N LEU D 280 -4.69 11.67 26.14
CA LEU D 280 -4.06 11.48 27.43
C LEU D 280 -2.76 10.73 27.25
N LEU D 281 -2.85 9.56 26.63
CA LEU D 281 -1.73 8.65 26.61
C LEU D 281 -0.54 9.24 25.90
N MET D 282 -0.75 10.06 24.90
CA MET D 282 0.39 10.60 24.19
C MET D 282 1.16 11.52 25.10
N ARG D 283 0.51 12.12 26.10
CA ARG D 283 1.25 13.01 26.99
C ARG D 283 2.11 12.16 27.91
N VAL D 284 1.57 11.01 28.35
CA VAL D 284 2.35 10.02 29.10
C VAL D 284 3.62 9.65 28.37
N LEU D 285 3.54 9.43 27.06
CA LEU D 285 4.72 9.09 26.28
C LEU D 285 5.65 10.27 26.10
N GLU D 286 5.10 11.34 25.55
CA GLU D 286 5.90 12.47 25.09
C GLU D 286 6.37 13.32 26.23
N GLU D 287 5.53 13.56 27.21
CA GLU D 287 5.94 14.40 28.30
C GLU D 287 6.62 13.57 29.38
N HIS D 288 5.97 12.50 29.83
CA HIS D 288 6.43 11.76 30.99
C HIS D 288 7.30 10.57 30.68
N ARG D 289 7.72 10.46 29.42
CA ARG D 289 8.68 9.45 28.97
C ARG D 289 8.36 8.03 29.43
N ILE D 290 7.08 7.66 29.45
CA ILE D 290 6.63 6.32 29.83
C ILE D 290 5.82 5.69 28.70
N ARG D 291 6.04 4.40 28.45
CA ARG D 291 5.45 3.74 27.28
C ARG D 291 4.10 3.16 27.61
N PHE D 292 3.12 3.36 26.72
CA PHE D 292 1.83 2.68 26.85
C PHE D 292 1.76 1.62 25.77
N ILE D 293 1.00 0.56 26.03
CA ILE D 293 0.71 -0.41 25.00
C ILE D 293 -0.75 -0.77 25.07
N PHE D 294 -1.42 -0.89 23.92
CA PHE D 294 -2.85 -1.20 23.90
C PHE D 294 -3.10 -2.68 23.71
N ARG D 295 -3.96 -3.27 24.54
CA ARG D 295 -4.41 -4.66 24.33
C ARG D 295 -5.86 -4.84 24.72
N THR D 296 -6.53 -5.73 24.01
CA THR D 296 -7.86 -6.16 24.43
C THR D 296 -7.62 -7.21 25.52
N LEU D 297 -8.68 -7.67 26.17
CA LEU D 297 -8.53 -8.78 27.11
C LEU D 297 -8.21 -10.04 26.31
N GLN D 298 -9.01 -10.30 25.29
CA GLN D 298 -8.78 -11.43 24.39
C GLN D 298 -7.32 -11.55 24.01
N GLU D 299 -6.70 -10.41 23.70
CA GLU D 299 -5.30 -10.39 23.31
C GLU D 299 -4.45 -10.77 24.48
N LEU D 300 -4.76 -10.20 25.65
CA LEU D 300 -3.95 -10.42 26.85
C LEU D 300 -3.92 -11.86 27.30
N HIS D 301 -5.01 -12.59 27.11
CA HIS D 301 -5.04 -14.03 27.41
C HIS D 301 -3.86 -14.79 26.76
N LEU D 302 -3.44 -14.36 25.57
CA LEU D 302 -2.24 -14.91 24.93
C LEU D 302 -0.99 -14.12 25.31
N SER D 303 -1.10 -12.80 25.38
CA SER D 303 0.08 -11.95 25.53
C SER D 303 0.62 -11.88 26.97
N LEU D 304 -0.14 -12.34 27.95
CA LEU D 304 0.15 -12.03 29.36
C LEU D 304 0.24 -13.26 30.24
N LYS D 305 1.41 -13.47 30.85
CA LYS D 305 1.56 -14.50 31.88
C LYS D 305 2.10 -13.86 33.16
N LEU D 306 1.92 -14.54 34.29
CA LEU D 306 2.36 -14.03 35.60
C LEU D 306 3.57 -14.76 36.10
N HIS D 307 4.47 -14.06 36.79
CA HIS D 307 5.69 -14.67 37.26
C HIS D 307 5.94 -14.34 38.73
N SER D 308 5.65 -15.32 39.59
CA SER D 308 5.79 -15.17 41.04
C SER D 308 7.24 -15.15 41.46
N ILE D 309 7.63 -14.18 42.29
CA ILE D 309 8.97 -14.10 42.85
C ILE D 309 9.01 -14.59 44.31
N SER D 310 8.32 -13.87 45.20
CA SER D 310 7.99 -14.36 46.54
C SER D 310 6.51 -14.70 46.57
N PRO D 311 6.15 -15.81 47.22
CA PRO D 311 4.74 -16.13 47.31
C PRO D 311 3.96 -15.16 48.21
N GLU D 312 4.67 -14.34 48.99
CA GLU D 312 4.01 -13.30 49.80
C GLU D 312 3.72 -11.97 49.04
N GLN D 313 4.29 -11.79 47.85
CA GLN D 313 3.97 -10.62 47.02
C GLN D 313 3.23 -11.05 45.76
N PRO D 314 2.32 -10.20 45.26
CA PRO D 314 1.62 -10.55 44.04
C PRO D 314 2.62 -10.68 42.92
N PRO D 315 2.35 -11.57 41.93
CA PRO D 315 3.32 -11.89 40.87
C PRO D 315 3.48 -10.77 39.84
N LEU D 316 4.69 -10.59 39.34
CA LEU D 316 4.93 -9.73 38.20
C LEU D 316 4.09 -10.20 36.99
N ALA D 317 3.60 -9.25 36.19
CA ALA D 317 2.94 -9.51 34.91
C ALA D 317 3.80 -8.95 33.79
N VAL D 318 4.40 -9.85 33.00
CA VAL D 318 5.03 -9.50 31.74
C VAL D 318 4.05 -9.82 30.59
N VAL D 319 4.07 -8.97 29.58
CA VAL D 319 3.38 -9.22 28.32
C VAL D 319 4.44 -9.39 27.22
N ASP D 320 4.11 -10.21 26.22
CA ASP D 320 5.02 -10.52 25.11
C ASP D 320 6.40 -10.79 25.66
N GLY D 321 6.46 -11.50 26.77
CA GLY D 321 7.73 -11.82 27.37
C GLY D 321 8.51 -10.68 28.02
N HIS D 322 8.32 -9.44 27.54
CA HIS D 322 9.22 -8.34 27.94
C HIS D 322 8.57 -7.12 28.58
N TYR D 323 7.29 -6.88 28.31
CA TYR D 323 6.65 -5.69 28.84
C TYR D 323 6.30 -5.90 30.32
N PRO D 324 6.89 -5.14 31.24
CA PRO D 324 6.44 -5.29 32.60
C PRO D 324 5.25 -4.42 32.83
N ILE D 325 4.16 -4.95 33.35
CA ILE D 325 2.98 -4.14 33.54
C ILE D 325 2.99 -3.51 34.92
N ALA D 326 3.06 -2.18 34.96
CA ALA D 326 3.04 -1.40 36.22
C ALA D 326 1.65 -0.81 36.50
N VAL D 327 0.95 -0.45 35.43
CA VAL D 327 -0.39 0.07 35.56
C VAL D 327 -1.34 -0.53 34.52
N ALA D 328 -2.46 -1.02 35.02
CA ALA D 328 -3.49 -1.55 34.17
C ALA D 328 -4.66 -0.56 34.06
N TYR D 329 -4.51 0.47 33.24
CA TYR D 329 -5.61 1.40 32.94
C TYR D 329 -6.67 0.70 32.08
N PHE D 330 -7.92 0.79 32.51
CA PHE D 330 -9.03 0.15 31.79
C PHE D 330 -9.86 1.21 31.12
N ARG D 331 -9.95 1.09 29.80
CA ARG D 331 -10.88 1.86 28.98
C ARG D 331 -11.90 0.91 28.37
N SER D 332 -12.34 -0.03 29.19
CA SER D 332 -13.18 -1.17 28.81
C SER D 332 -13.43 -1.98 30.09
N THR D 333 -14.47 -2.82 30.10
CA THR D 333 -14.75 -3.67 31.28
C THR D 333 -15.98 -3.25 32.09
N TYR D 334 -16.42 -2.01 31.89
CA TYR D 334 -17.61 -1.45 32.57
C TYR D 334 -18.91 -2.11 32.16
N VAL D 335 -18.93 -2.74 30.98
CA VAL D 335 -20.13 -3.41 30.45
C VAL D 335 -19.84 -4.86 30.09
N PRO D 336 -20.83 -5.75 30.23
CA PRO D 336 -20.70 -7.21 30.00
C PRO D 336 -20.13 -7.61 28.66
N GLU D 337 -20.42 -6.79 27.65
CA GLU D 337 -20.10 -7.09 26.26
C GLU D 337 -18.60 -7.21 26.02
N ASP D 338 -17.81 -6.61 26.92
CA ASP D 338 -16.36 -6.74 26.90
C ASP D 338 -15.83 -8.01 27.54
N PHE D 339 -16.71 -8.90 28.01
CA PHE D 339 -16.31 -10.19 28.53
C PHE D 339 -17.02 -11.33 27.79
N PRO D 340 -16.80 -11.44 26.47
CA PRO D 340 -17.52 -12.47 25.72
C PRO D 340 -17.13 -13.88 26.15
N THR D 341 -15.84 -14.07 26.41
CA THR D 341 -15.27 -15.37 26.73
C THR D 341 -14.74 -15.49 28.17
N ASP D 342 -14.83 -16.69 28.73
CA ASP D 342 -14.17 -17.05 29.99
C ASP D 342 -12.69 -16.75 29.93
N ALA D 343 -12.09 -16.86 28.74
CA ALA D 343 -10.73 -16.39 28.49
C ALA D 343 -10.57 -15.00 29.01
N THR D 344 -11.59 -14.19 28.75
CA THR D 344 -11.59 -12.78 29.05
C THR D 344 -11.61 -12.50 30.55
N TRP D 345 -12.47 -13.22 31.28
CA TRP D 345 -12.50 -13.11 32.73
C TRP D 345 -11.18 -13.61 33.33
N ALA D 346 -10.64 -14.66 32.73
CA ALA D 346 -9.33 -15.17 33.13
C ALA D 346 -8.31 -14.06 33.06
N ALA D 347 -8.04 -13.57 31.85
CA ALA D 347 -7.20 -12.39 31.63
C ALA D 347 -7.43 -11.28 32.64
N ARG D 348 -8.69 -10.98 32.94
CA ARG D 348 -8.97 -9.89 33.87
C ARG D 348 -8.50 -10.20 35.28
N LEU D 349 -8.65 -11.45 35.69
CA LEU D 349 -8.15 -11.87 36.98
C LEU D 349 -6.61 -11.78 37.01
N SER D 350 -5.97 -12.20 35.93
CA SER D 350 -4.52 -12.24 35.87
C SER D 350 -3.98 -10.87 36.18
N LEU D 351 -4.59 -9.88 35.52
CA LEU D 351 -4.27 -8.48 35.74
C LEU D 351 -4.49 -8.20 37.21
N GLU D 352 -5.69 -8.52 37.71
CA GLU D 352 -6.03 -8.20 39.09
C GLU D 352 -5.04 -8.80 40.08
N ARG D 353 -4.75 -10.07 39.93
CA ARG D 353 -3.79 -10.75 40.82
C ARG D 353 -2.43 -10.10 40.78
N SER D 354 -2.08 -9.55 39.64
CA SER D 354 -0.76 -9.01 39.44
C SER D 354 -0.39 -7.84 40.36
N SER D 355 0.87 -7.45 40.21
CA SER D 355 1.48 -6.29 40.83
C SER D 355 0.93 -4.98 40.32
N ALA D 356 0.48 -4.97 39.07
CA ALA D 356 0.12 -3.73 38.42
C ALA D 356 -0.92 -2.96 39.24
N ILE D 357 -0.66 -1.66 39.37
CA ILE D 357 -1.65 -0.75 39.93
C ILE D 357 -2.83 -0.65 38.94
N LYS D 358 -4.04 -0.90 39.45
CA LYS D 358 -5.20 -1.01 38.57
C LYS D 358 -6.12 0.20 38.61
N CYS D 359 -6.63 0.55 37.42
CA CYS D 359 -7.41 1.78 37.22
C CYS D 359 -8.65 1.55 36.38
N PRO D 360 -9.70 0.97 37.00
CA PRO D 360 -9.78 0.72 38.42
C PRO D 360 -9.35 -0.66 38.86
N SER D 361 -9.07 -0.82 40.14
CA SER D 361 -9.09 -2.14 40.76
C SER D 361 -10.56 -2.57 40.91
N ILE D 362 -10.81 -3.86 41.06
CA ILE D 362 -12.19 -4.33 41.27
C ILE D 362 -12.89 -3.58 42.43
N PRO D 363 -12.24 -3.46 43.57
CA PRO D 363 -12.91 -2.71 44.62
C PRO D 363 -13.18 -1.24 44.27
N TYR D 364 -12.45 -0.66 43.33
CA TYR D 364 -12.83 0.67 42.84
C TYR D 364 -13.96 0.55 41.86
N HIS D 365 -13.84 -0.38 40.92
CA HIS D 365 -14.87 -0.69 39.93
C HIS D 365 -16.24 -0.73 40.58
N LEU D 366 -16.33 -1.40 41.70
CA LEU D 366 -17.63 -1.66 42.28
C LEU D 366 -18.26 -0.45 42.91
N LEU D 367 -17.58 0.69 42.97
CA LEU D 367 -18.26 1.89 43.47
C LEU D 367 -18.97 2.64 42.36
N THR D 368 -18.64 2.31 41.11
CA THR D 368 -19.41 2.80 39.98
C THR D 368 -20.85 2.31 40.05
N PHE D 369 -21.04 1.14 40.66
CA PHE D 369 -22.36 0.50 40.68
C PHE D 369 -23.39 1.40 41.32
N LYS D 370 -24.62 1.31 40.80
CA LYS D 370 -25.72 2.15 41.27
C LYS D 370 -26.05 1.88 42.73
N LYS D 371 -25.87 0.63 43.18
CA LYS D 371 -26.14 0.29 44.59
C LYS D 371 -25.25 1.05 45.57
N LEU D 372 -23.95 1.12 45.31
CA LEU D 372 -23.07 1.83 46.24
C LEU D 372 -23.42 3.30 46.28
N GLN D 373 -23.81 3.87 45.14
CA GLN D 373 -24.22 5.28 45.05
C GLN D 373 -25.44 5.52 45.93
N GLN D 374 -26.33 4.53 45.93
CA GLN D 374 -27.57 4.53 46.72
C GLN D 374 -27.32 4.33 48.22
N LEU D 375 -26.25 3.61 48.56
CA LEU D 375 -25.91 3.32 49.95
C LEU D 375 -25.15 4.48 50.55
N LEU D 376 -24.29 5.10 49.74
CA LEU D 376 -23.57 6.28 50.18
C LEU D 376 -24.52 7.38 50.60
N CYS D 377 -25.83 7.19 50.37
CA CYS D 377 -26.83 8.24 50.66
C CYS D 377 -27.15 8.36 52.12
N ASP D 378 -27.51 7.26 52.76
CA ASP D 378 -27.79 7.38 54.17
C ASP D 378 -26.49 7.43 55.00
N VAL D 379 -26.47 8.44 55.87
CA VAL D 379 -25.26 9.07 56.40
C VAL D 379 -24.75 8.37 57.64
N ASP D 380 -25.62 8.29 58.65
CA ASP D 380 -25.26 7.68 59.92
C ASP D 380 -24.81 6.23 59.68
N ARG D 381 -25.44 5.56 58.71
CA ARG D 381 -25.26 4.11 58.52
C ARG D 381 -24.03 3.77 57.65
N VAL D 382 -23.83 4.48 56.54
CA VAL D 382 -22.75 4.16 55.59
C VAL D 382 -21.78 5.31 55.30
N LEU D 383 -22.27 6.52 55.07
CA LEU D 383 -21.37 7.60 54.66
C LEU D 383 -20.35 7.98 55.73
N VAL D 384 -20.79 8.15 56.97
CA VAL D 384 -19.87 8.55 58.04
C VAL D 384 -18.95 7.41 58.52
N PRO D 385 -19.52 6.27 58.95
CA PRO D 385 -18.68 5.22 59.49
C PRO D 385 -17.90 4.44 58.44
N VAL D 386 -18.48 4.16 57.27
CA VAL D 386 -17.74 3.42 56.24
C VAL D 386 -16.79 4.34 55.48
N ALA D 387 -17.36 5.21 54.66
CA ALA D 387 -16.59 6.01 53.71
C ALA D 387 -15.71 7.15 54.28
N PHE D 388 -16.04 7.70 55.45
CA PHE D 388 -15.12 8.69 56.06
C PHE D 388 -14.64 8.34 57.47
N CYS D 389 -14.92 7.11 57.91
CA CYS D 389 -14.32 6.57 59.12
C CYS D 389 -14.63 7.46 60.32
N GLY D 390 -15.87 7.88 60.43
CA GLY D 390 -16.33 8.65 61.58
C GLY D 390 -16.08 10.15 61.54
N ASP D 391 -15.53 10.64 60.43
CA ASP D 391 -15.52 12.07 60.19
C ASP D 391 -16.91 12.46 59.68
N SER D 392 -17.76 12.91 60.58
CA SER D 392 -19.10 13.35 60.21
C SER D 392 -19.00 14.67 59.46
N ASP D 393 -17.95 15.45 59.74
CA ASP D 393 -17.78 16.78 59.16
C ASP D 393 -17.65 16.70 57.65
N LYS D 394 -16.73 15.85 57.18
CA LYS D 394 -16.52 15.62 55.74
C LYS D 394 -17.78 15.12 55.07
N ALA D 395 -18.44 14.14 55.70
CA ALA D 395 -19.65 13.55 55.14
C ALA D 395 -20.64 14.68 54.95
N GLY D 396 -20.75 15.57 55.94
CA GLY D 396 -21.66 16.71 55.85
C GLY D 396 -21.41 17.70 54.72
N LEU D 397 -20.23 17.64 54.10
CA LEU D 397 -19.94 18.49 52.96
C LEU D 397 -20.51 17.82 51.72
N LEU D 398 -19.99 16.67 51.34
CA LEU D 398 -20.63 15.88 50.27
C LEU D 398 -22.16 15.81 50.43
N GLN D 399 -22.65 15.69 51.66
CA GLN D 399 -24.08 15.53 51.94
C GLN D 399 -24.93 16.72 51.45
N ARG D 400 -24.30 17.87 51.17
CA ARG D 400 -25.01 19.01 50.56
C ARG D 400 -25.44 18.83 49.07
N HIS D 401 -24.94 17.81 48.37
CA HIS D 401 -25.20 17.64 46.94
C HIS D 401 -25.97 16.37 46.62
N PHE D 402 -26.66 15.85 47.61
CA PHE D 402 -27.36 14.58 47.48
C PHE D 402 -28.80 14.78 47.09
N VAL D 403 -29.27 13.90 46.21
CA VAL D 403 -30.69 13.72 46.02
C VAL D 403 -31.04 12.59 46.97
N PRO D 404 -31.85 12.87 48.00
CA PRO D 404 -32.16 11.81 48.95
C PRO D 404 -32.66 10.52 48.28
N GLN D 405 -31.92 9.44 48.43
CA GLN D 405 -32.44 8.11 48.13
C GLN D 405 -32.77 7.40 49.45
N TYR D 406 -33.98 6.83 49.53
CA TYR D 406 -34.37 5.98 50.66
C TYR D 406 -34.50 4.55 50.16
N SER D 407 -34.82 3.63 51.06
CA SER D 407 -34.85 2.20 50.71
C SER D 407 -36.22 1.58 50.92
N LEU D 408 -36.95 1.40 49.83
CA LEU D 408 -38.17 0.57 49.78
C LEU D 408 -37.72 -0.84 49.37
N ASN D 409 -38.51 -1.84 49.75
CA ASN D 409 -38.07 -3.24 49.70
C ASN D 409 -36.86 -3.32 50.66
N PRO D 410 -37.17 -3.30 51.99
CA PRO D 410 -36.19 -2.95 53.01
C PRO D 410 -35.69 -4.10 53.88
N LYS D 411 -34.43 -3.97 54.30
CA LYS D 411 -33.89 -4.81 55.37
C LYS D 411 -34.42 -4.32 56.74
N GLU D 412 -34.80 -3.04 56.81
CA GLU D 412 -35.41 -2.42 58.01
C GLU D 412 -36.94 -2.58 57.96
N VAL D 413 -37.68 -1.85 58.82
CA VAL D 413 -39.14 -1.76 58.71
C VAL D 413 -39.54 -0.99 57.45
N GLY D 414 -38.80 0.09 57.14
CA GLY D 414 -38.93 0.86 55.89
C GLY D 414 -40.33 1.39 55.58
N GLU D 415 -41.04 1.79 56.63
CA GLU D 415 -42.45 2.22 56.51
C GLU D 415 -42.62 3.73 56.75
N GLU D 416 -41.72 4.33 57.51
CA GLU D 416 -41.87 5.72 57.96
C GLU D 416 -41.41 6.75 56.91
N ALA D 417 -40.81 6.26 55.81
CA ALA D 417 -40.67 7.05 54.59
C ALA D 417 -41.97 6.91 53.76
N VAL D 418 -42.48 5.68 53.66
CA VAL D 418 -43.72 5.40 52.91
C VAL D 418 -44.95 6.07 53.58
N GLU D 419 -44.91 6.21 54.91
CA GLU D 419 -45.91 6.99 55.66
C GLU D 419 -45.69 8.49 55.50
N LYS D 420 -44.42 8.90 55.46
CA LYS D 420 -44.04 10.30 55.19
C LYS D 420 -44.63 10.74 53.85
N VAL D 421 -44.28 10.01 52.80
CA VAL D 421 -44.56 10.41 51.41
C VAL D 421 -45.98 10.94 51.20
N ILE D 422 -46.99 10.15 51.56
CA ILE D 422 -48.38 10.52 51.27
C ILE D 422 -48.95 11.55 52.27
N HIS D 423 -48.06 12.42 52.77
CA HIS D 423 -48.43 13.76 53.24
C HIS D 423 -48.26 14.69 52.04
N ASP D 424 -47.02 14.75 51.54
CA ASP D 424 -46.61 15.55 50.38
C ASP D 424 -46.17 14.60 49.26
N VAL D 425 -47.17 14.00 48.62
CA VAL D 425 -47.01 12.81 47.79
C VAL D 425 -46.49 13.09 46.38
N LEU D 426 -46.51 14.35 45.97
CA LEU D 426 -46.35 14.65 44.56
C LEU D 426 -44.91 14.84 44.10
N GLN D 427 -43.89 14.33 44.82
CA GLN D 427 -42.49 14.50 44.33
C GLN D 427 -41.43 13.42 44.69
N ARG D 428 -41.76 12.16 44.44
CA ARG D 428 -40.83 11.04 44.69
C ARG D 428 -40.96 9.90 43.67
N PRO D 429 -40.02 9.80 42.73
CA PRO D 429 -39.94 8.62 41.87
C PRO D 429 -39.28 7.40 42.55
N ASP D 430 -38.82 6.47 41.71
CA ASP D 430 -37.94 5.35 42.10
C ASP D 430 -37.18 4.80 40.87
N GLN D 431 -35.91 4.40 41.02
CA GLN D 431 -35.16 3.78 39.91
C GLN D 431 -35.75 2.40 39.60
N TYR D 472 -36.85 0.66 42.06
CA TYR D 472 -36.86 -0.17 43.26
C TYR D 472 -36.71 0.65 44.56
N VAL D 473 -36.10 1.82 44.44
CA VAL D 473 -35.63 2.60 45.58
C VAL D 473 -36.19 4.04 45.56
N VAL D 474 -36.93 4.42 46.61
CA VAL D 474 -37.53 5.76 46.69
C VAL D 474 -36.51 6.90 46.61
N MET D 475 -36.68 7.77 45.62
CA MET D 475 -35.79 8.92 45.39
C MET D 475 -36.56 10.23 45.61
N SER D 476 -35.85 11.34 45.76
CA SER D 476 -36.51 12.64 45.83
C SER D 476 -36.47 13.27 44.45
N ARG D 477 -37.54 14.01 44.11
CA ARG D 477 -37.77 14.45 42.73
C ARG D 477 -37.29 15.87 42.44
N ILE D 478 -36.07 15.97 41.97
CA ILE D 478 -35.49 17.25 41.70
C ILE D 478 -35.91 17.66 40.30
N GLN D 479 -36.40 18.88 40.13
CA GLN D 479 -36.59 19.42 38.79
C GLN D 479 -35.29 20.09 38.34
N PHE D 480 -34.57 19.42 37.42
CA PHE D 480 -33.24 19.87 37.04
C PHE D 480 -33.28 20.93 35.97
N HIS D 481 -32.36 21.88 36.05
CA HIS D 481 -32.37 23.09 35.24
C HIS D 481 -32.30 22.83 33.74
N VAL D 482 -33.28 23.39 33.02
CA VAL D 482 -33.35 23.38 31.55
C VAL D 482 -32.93 24.75 31.01
N SER D 483 -31.99 24.78 30.08
CA SER D 483 -31.63 26.02 29.40
C SER D 483 -31.61 25.80 27.89
N THR D 484 -31.27 26.84 27.14
CA THR D 484 -31.40 26.84 25.67
C THR D 484 -30.01 26.83 25.05
N GLY D 485 -29.88 26.28 23.85
CA GLY D 485 -28.57 26.19 23.21
C GLY D 485 -28.63 25.57 21.84
N SER D 486 -27.49 25.56 21.17
CA SER D 486 -27.39 25.00 19.84
C SER D 486 -26.25 24.05 19.94
N LEU D 487 -26.22 23.03 19.10
CA LEU D 487 -25.06 22.16 19.03
C LEU D 487 -24.81 21.71 17.60
N LEU D 488 -23.60 21.23 17.36
CA LEU D 488 -23.24 20.64 16.09
C LEU D 488 -23.06 19.15 16.32
N ALA D 489 -23.98 18.36 15.79
CA ALA D 489 -23.90 16.92 15.84
C ALA D 489 -24.21 16.35 14.47
N ARG D 490 -23.56 15.24 14.14
CA ARG D 490 -23.71 14.57 12.84
C ARG D 490 -23.71 15.51 11.63
N GLY D 491 -22.96 16.61 11.73
CA GLY D 491 -22.77 17.52 10.61
C GLY D 491 -23.93 18.45 10.36
N ASP D 492 -24.84 18.52 11.33
CA ASP D 492 -26.02 19.37 11.25
C ASP D 492 -26.00 20.29 12.48
N VAL D 493 -26.62 21.47 12.36
CA VAL D 493 -26.66 22.41 13.46
C VAL D 493 -28.03 22.33 14.09
N VAL D 494 -28.06 21.89 15.34
CA VAL D 494 -29.27 21.59 16.08
C VAL D 494 -29.54 22.71 17.08
N GLN D 495 -30.70 23.34 17.01
CA GLN D 495 -31.08 24.31 18.03
C GLN D 495 -32.01 23.60 19.01
N LEU D 496 -31.76 23.78 20.29
CA LEU D 496 -32.61 23.21 21.33
C LEU D 496 -33.18 24.36 22.17
N GLU D 497 -34.43 24.75 21.87
CA GLU D 497 -35.07 25.87 22.56
C GLU D 497 -35.65 25.39 23.89
N ARG D 498 -35.16 25.96 24.99
CA ARG D 498 -35.59 25.56 26.34
C ARG D 498 -35.71 24.04 26.36
N ASN D 499 -34.60 23.35 26.08
CA ASN D 499 -34.64 21.89 25.91
C ASN D 499 -33.24 21.27 25.98
N MET D 500 -32.39 21.80 26.83
CA MET D 500 -31.05 21.32 26.96
C MET D 500 -30.66 21.32 28.44
N CYS D 501 -30.36 20.15 29.00
CA CYS D 501 -29.74 20.07 30.32
C CYS D 501 -28.29 19.61 30.19
N SER D 502 -27.44 20.17 31.06
CA SER D 502 -26.00 19.96 31.06
C SER D 502 -25.62 19.28 32.34
N GLU D 503 -24.52 18.53 32.29
CA GLU D 503 -24.10 17.67 33.38
C GLU D 503 -22.60 17.86 33.64
N VAL D 504 -22.28 18.69 34.64
CA VAL D 504 -20.89 19.10 34.88
C VAL D 504 -20.14 17.96 35.54
N GLY D 505 -19.02 17.55 34.94
CA GLY D 505 -18.25 16.38 35.41
C GLY D 505 -16.90 16.77 35.96
N ILE D 506 -16.73 16.68 37.29
CA ILE D 506 -15.45 16.98 37.94
C ILE D 506 -14.63 15.70 37.93
N PHE D 507 -13.46 15.74 37.34
CA PHE D 507 -12.54 14.60 37.38
C PHE D 507 -11.80 14.62 38.69
N GLY D 508 -11.31 13.47 39.11
CA GLY D 508 -10.43 13.39 40.29
C GLY D 508 -9.43 12.28 40.09
N VAL D 509 -8.26 12.38 40.71
CA VAL D 509 -7.30 11.29 40.64
C VAL D 509 -6.92 10.91 42.04
N ILE D 510 -6.62 9.65 42.29
CA ILE D 510 -6.16 9.28 43.60
C ILE D 510 -5.18 8.11 43.53
N LEU D 511 -4.20 8.13 44.42
CA LEU D 511 -3.24 7.05 44.51
C LEU D 511 -3.01 6.86 45.99
N SER D 512 -3.28 5.63 46.43
CA SER D 512 -3.33 5.34 47.84
C SER D 512 -2.85 3.94 48.11
N ALA D 513 -2.41 3.72 49.33
CA ALA D 513 -1.97 2.42 49.79
C ALA D 513 -3.07 1.79 50.64
N ALA D 514 -2.69 0.75 51.41
CA ALA D 514 -3.60 0.07 52.33
C ALA D 514 -4.13 1.03 53.36
N LYS D 515 -5.27 0.68 53.96
CA LYS D 515 -6.03 1.63 54.81
C LYS D 515 -5.23 2.28 55.98
N GLY D 516 -4.43 1.51 56.69
CA GLY D 516 -3.66 2.08 57.79
C GLY D 516 -2.16 2.21 57.55
N SER D 517 -1.74 2.23 56.29
CA SER D 517 -0.30 2.17 55.98
C SER D 517 0.29 3.55 56.11
N SER D 518 1.61 3.63 55.93
CA SER D 518 2.32 4.91 56.03
C SER D 518 2.68 5.57 54.71
N VAL D 519 3.02 4.79 53.67
CA VAL D 519 3.44 5.37 52.39
C VAL D 519 2.44 6.42 51.97
N GLY D 520 2.91 7.55 51.47
CA GLY D 520 2.04 8.71 51.25
C GLY D 520 2.30 9.85 52.22
N THR D 521 1.62 10.97 51.98
CA THR D 521 2.00 12.25 52.57
C THR D 521 1.51 12.40 54.00
N ASN D 522 2.37 12.92 54.88
CA ASN D 522 2.04 13.15 56.31
C ASN D 522 1.53 11.92 57.07
N GLY D 523 2.14 10.76 56.83
CA GLY D 523 1.77 9.52 57.51
C GLY D 523 0.55 8.81 56.94
N SER D 524 -0.20 9.51 56.09
CA SER D 524 -1.39 8.95 55.45
C SER D 524 -1.03 7.99 54.34
N SER D 525 -1.91 7.01 54.15
CA SER D 525 -1.80 6.05 53.07
C SER D 525 -2.06 6.66 51.69
N VAL D 526 -2.09 7.99 51.59
CA VAL D 526 -2.46 8.65 50.34
C VAL D 526 -1.29 9.43 49.73
N LEU D 527 -0.88 8.98 48.55
CA LEU D 527 0.24 9.54 47.82
C LEU D 527 -0.20 10.81 47.15
N PHE D 528 -1.40 10.80 46.57
CA PHE D 528 -2.05 12.04 46.11
C PHE D 528 -3.59 11.99 45.97
N ASN D 529 -4.19 13.18 46.02
CA ASN D 529 -5.62 13.31 45.89
C ASN D 529 -5.98 14.75 45.47
N THR D 530 -6.19 14.98 44.17
CA THR D 530 -6.53 16.32 43.69
C THR D 530 -7.76 16.25 42.84
N PHE D 531 -8.40 17.40 42.77
CA PHE D 531 -9.29 17.71 41.66
C PHE D 531 -8.48 17.67 40.35
N ALA D 532 -9.03 17.05 39.30
CA ALA D 532 -8.29 16.80 38.06
C ALA D 532 -8.96 17.47 36.86
N GLY D 533 -9.42 18.70 37.03
CA GLY D 533 -10.12 19.36 35.94
C GLY D 533 -11.53 18.86 35.80
N TYR D 534 -12.13 19.07 34.63
CA TYR D 534 -13.57 18.85 34.45
C TYR D 534 -13.96 18.75 32.98
N THR D 535 -15.17 18.20 32.79
CA THR D 535 -15.81 18.12 31.47
C THR D 535 -17.28 18.43 31.63
N VAL D 536 -17.93 18.84 30.53
CA VAL D 536 -19.37 19.15 30.55
C VAL D 536 -20.04 18.43 29.42
N ARG D 537 -21.18 17.81 29.70
CA ARG D 537 -21.96 17.11 28.68
C ARG D 537 -23.37 17.69 28.65
N SER D 538 -23.89 18.00 27.48
CA SER D 538 -25.24 18.52 27.39
C SER D 538 -25.97 17.68 26.40
N LYS D 539 -27.29 17.75 26.47
CA LYS D 539 -28.18 16.72 25.95
C LYS D 539 -29.57 17.34 25.85
N PRO D 540 -30.40 16.87 24.91
CA PRO D 540 -31.81 17.22 25.00
C PRO D 540 -32.49 16.67 26.28
N ALA D 541 -33.30 17.49 26.97
CA ALA D 541 -34.02 17.03 28.17
C ALA D 541 -35.01 15.90 27.84
N ASP D 542 -35.78 16.06 26.78
CA ASP D 542 -36.63 14.97 26.28
C ASP D 542 -35.89 13.73 25.75
N ALA D 543 -34.55 13.78 25.70
CA ALA D 543 -33.73 12.71 25.11
C ALA D 543 -33.73 11.43 25.94
N ASP D 544 -33.33 10.33 25.30
CA ASP D 544 -33.27 9.03 25.95
C ASP D 544 -31.99 8.91 26.81
N ASP D 545 -32.00 7.95 27.74
CA ASP D 545 -31.01 7.86 28.83
C ASP D 545 -29.56 7.88 28.31
N GLY D 546 -28.66 8.52 29.07
CA GLY D 546 -27.20 8.34 28.89
C GLY D 546 -26.40 9.29 27.99
N GLY D 547 -25.16 8.88 27.69
CA GLY D 547 -24.08 9.81 27.28
C GLY D 547 -23.77 10.16 25.83
N VAL D 548 -22.58 10.75 25.65
CA VAL D 548 -22.00 11.05 24.32
C VAL D 548 -21.70 9.79 23.51
N MET D 549 -21.16 8.79 24.19
CA MET D 549 -20.87 7.54 23.55
C MET D 549 -22.18 6.89 23.06
N ALA D 550 -23.24 6.98 23.88
CA ALA D 550 -24.59 6.52 23.49
C ALA D 550 -25.10 7.22 22.23
N GLY D 551 -24.52 8.36 21.91
CA GLY D 551 -24.82 9.05 20.68
C GLY D 551 -25.97 10.02 20.83
N VAL D 552 -26.30 10.36 22.08
CA VAL D 552 -27.41 11.30 22.41
C VAL D 552 -26.93 12.64 22.96
N ALA D 553 -25.73 12.71 23.55
CA ALA D 553 -25.26 13.95 24.18
C ALA D 553 -24.10 14.58 23.40
N ALA D 554 -23.80 15.84 23.65
CA ALA D 554 -22.71 16.54 23.00
C ALA D 554 -21.79 16.97 24.08
N LEU D 555 -20.54 17.27 23.74
CA LEU D 555 -19.56 17.80 24.70
C LEU D 555 -19.71 19.30 24.71
N ASP D 556 -19.17 19.90 25.77
CA ASP D 556 -19.47 21.26 26.16
C ASP D 556 -18.36 21.67 27.11
N SER D 557 -18.47 22.85 27.71
CA SER D 557 -17.36 23.51 28.38
C SER D 557 -17.95 24.49 29.37
N LEU D 558 -17.35 24.68 30.54
CA LEU D 558 -17.80 25.73 31.46
C LEU D 558 -17.25 27.09 31.09
N ALA D 559 -18.00 28.13 31.43
CA ALA D 559 -17.55 29.52 31.40
C ALA D 559 -17.94 30.11 32.76
N VAL D 560 -16.96 30.58 33.51
CA VAL D 560 -17.11 30.87 34.93
C VAL D 560 -17.41 32.34 35.19
N VAL D 561 -18.51 32.64 35.89
CA VAL D 561 -18.96 34.03 36.13
C VAL D 561 -18.91 34.38 37.60
N PRO D 562 -18.06 35.35 38.00
CA PRO D 562 -18.11 35.86 39.38
C PRO D 562 -19.50 36.25 39.89
N1 GSH E . -12.29 -11.51 -17.12
CA1 GSH E . -11.78 -11.91 -15.83
C1 GSH E . -11.39 -13.36 -15.79
O11 GSH E . -12.19 -14.23 -16.19
O12 GSH E . -10.28 -13.73 -15.35
CB1 GSH E . -12.92 -11.66 -14.86
CG1 GSH E . -12.78 -12.44 -13.55
CD1 GSH E . -13.76 -11.87 -12.55
OE1 GSH E . -13.71 -10.48 -12.25
N2 GSH E . -14.63 -12.74 -12.00
CA2 GSH E . -15.10 -12.65 -10.63
C2 GSH E . -14.08 -13.20 -9.69
O2 GSH E . -14.42 -14.30 -8.88
CB2 GSH E . -16.40 -13.42 -10.43
SG2 GSH E . -17.77 -12.65 -11.31
N3 GSH E . -12.86 -12.63 -9.69
CA3 GSH E . -12.63 -11.20 -9.45
C3 GSH E . -12.32 -10.94 -8.00
O31 GSH E . -11.13 -10.85 -7.62
O32 GSH E . -13.26 -10.82 -7.17
S SO4 F . -0.88 -9.92 13.04
O1 SO4 F . -1.01 -8.69 12.29
O2 SO4 F . -2.06 -10.11 13.89
O3 SO4 F . 0.35 -9.82 13.84
O4 SO4 F . -0.80 -11.05 12.11
S SO4 G . -15.11 -25.65 11.60
O1 SO4 G . -14.17 -26.77 11.40
O2 SO4 G . -14.42 -24.49 12.15
O3 SO4 G . -16.13 -26.10 12.53
O4 SO4 G . -15.75 -25.29 10.33
N1 GSH H . 24.46 -8.64 -20.56
CA1 GSH H . 23.43 -9.46 -21.17
C1 GSH H . 23.17 -10.68 -20.35
O11 GSH H . 22.35 -11.54 -20.74
O12 GSH H . 23.79 -10.85 -19.27
CB1 GSH H . 23.83 -9.89 -22.59
CG1 GSH H . 25.17 -10.62 -22.64
CD1 GSH H . 25.56 -10.91 -24.08
OE1 GSH H . 25.27 -9.93 -25.06
N2 GSH H . 26.17 -12.08 -24.29
CA2 GSH H . 26.60 -12.50 -25.61
C2 GSH H . 25.86 -13.76 -26.02
O2 GSH H . 25.98 -14.97 -25.29
CB2 GSH H . 28.13 -12.65 -25.64
SG2 GSH H . 28.97 -11.06 -25.33
N3 GSH H . 25.03 -13.60 -27.08
CA3 GSH H . 23.89 -12.70 -27.01
C3 GSH H . 23.03 -12.67 -28.25
O31 GSH H . 22.47 -11.61 -28.62
O32 GSH H . 22.84 -13.69 -28.92
S SO4 I . 30.91 -34.62 -36.99
O1 SO4 I . 30.71 -34.45 -38.45
O2 SO4 I . 31.19 -33.31 -36.41
O3 SO4 I . 31.99 -35.57 -36.67
O4 SO4 I . 29.70 -35.21 -36.39
N1 GSH J . -6.84 23.14 -4.90
CA1 GSH J . -5.53 22.93 -4.31
C1 GSH J . -5.23 23.95 -3.25
O11 GSH J . -5.66 25.11 -3.31
O12 GSH J . -4.51 23.62 -2.28
CB1 GSH J . -4.47 23.01 -5.40
CG1 GSH J . -3.04 22.95 -4.89
CD1 GSH J . -2.10 22.28 -5.87
OE1 GSH J . -2.04 20.86 -5.91
N2 GSH J . -1.35 23.11 -6.64
CA2 GSH J . 0.08 22.97 -6.91
C2 GSH J . 0.96 22.47 -5.77
O2 GSH J . 1.88 23.36 -5.17
CB2 GSH J . 0.66 24.32 -7.34
SG2 GSH J . -0.21 25.00 -8.77
N3 GSH J . 0.83 21.18 -5.39
CA3 GSH J . 1.01 20.03 -6.27
C3 GSH J . 2.40 19.93 -6.85
O31 GSH J . 3.37 19.69 -6.09
O32 GSH J . 2.62 20.08 -8.07
S SO4 K . -9.05 17.50 1.67
O1 SO4 K . -9.02 18.77 0.96
O2 SO4 K . -9.80 17.64 2.94
O3 SO4 K . -7.69 17.04 1.92
O4 SO4 K . -9.63 16.52 0.76
S SO4 L . 3.16 -2.87 20.69
O1 SO4 L . 2.55 -3.58 19.59
O2 SO4 L . 3.72 -1.62 20.15
O3 SO4 L . 4.19 -3.68 21.32
O4 SO4 L . 2.10 -2.67 21.69
S SO4 M . 24.62 24.97 -1.84
O1 SO4 M . 24.45 26.10 -2.75
O2 SO4 M . 25.48 25.40 -0.73
O3 SO4 M . 25.20 23.84 -2.59
O4 SO4 M . 23.33 24.58 -1.31
N1 GSH N . -14.44 2.89 25.99
CA1 GSH N . -14.63 4.34 25.80
C1 GSH N . -13.44 5.14 26.24
O11 GSH N . -12.52 4.62 26.87
O12 GSH N . -13.39 6.36 26.00
CB1 GSH N . -15.87 4.88 26.52
CG1 GSH N . -15.84 4.71 28.04
CD1 GSH N . -17.16 5.17 28.64
OE1 GSH N . -18.38 4.81 28.02
N2 GSH N . -17.11 5.92 29.74
CA2 GSH N . -18.30 6.41 30.39
C2 GSH N . -18.42 7.87 30.29
O2 GSH N . -17.46 8.74 30.84
CB2 GSH N . -18.31 6.01 31.85
SG2 GSH N . -18.09 4.23 32.02
N3 GSH N . -19.54 8.28 29.70
CA3 GSH N . -19.67 8.64 28.29
C3 GSH N . -20.57 9.87 28.23
O31 GSH N . -20.96 10.40 27.18
O32 GSH N . -20.95 10.42 29.28
S SO4 O . -23.85 26.31 7.14
O1 SO4 O . -24.18 27.65 6.67
O2 SO4 O . -22.74 26.42 8.09
O3 SO4 O . -23.44 25.49 6.01
O4 SO4 O . -25.02 25.70 7.80
#